data_6LPF
#
_entry.id   6LPF
#
_cell.length_a   88.217
_cell.length_b   94.684
_cell.length_c   680.055
_cell.angle_alpha   90.000
_cell.angle_beta   90.000
_cell.angle_gamma   90.000
#
_symmetry.space_group_name_H-M   'C 2 2 21'
#
loop_
_entity.id
_entity.type
_entity.pdbx_description
1 polymer 'Leucine--tRNA ligase, cytoplasmic'
2 non-polymer "5'-O-(L-leucylsulfamoyl)adenosine"
3 non-polymer GLYCEROL
4 non-polymer "2'-(L-NORVALYL)AMINO-2'-DEOXYADENOSINE"
5 water water
#
_entity_poly.entity_id   1
_entity_poly.type   'polypeptide(L)'
_entity_poly.pdbx_seq_one_letter_code
;MGHHHHHHHHHHSSGHIEGRHMMAERKGTAKVDFLKKIEKEIQQKWDTERVFEVNASNLEKQTSKGKYFVTFPYPYMNGR
LHLGHTFSLSKCEFAVGYQRLKGKCCLFPFGLHCTGMPIKACADKLKREIELYGCPPDFPDEEEEEEETSVKTEDIIIKD
KAKGKKSKAAAKAGSSKYQWGIMKSLGLSDEEIVKFSEAEHWLDYFPPLAIQDLKRMGLKVDWRRSFITTDVNPYYDSFV
RWQFLTLRERNKIKFGKRYTIYSPKDGQPCMDHDRQTGEGVGPQEYTLLKLKVLEPYPSKLSGLKGKNIFLVAATLRPET
MFGQTNCWVRPDMKYIGFETVNGDIFICTQKAARNMSYQGFTKDNGVVPVVKELMGEEILGASLSAPLTSYKVIYVLPML
TIKEDKGTGVVTSVPSDSPDDIAALRDLKKKQALRAKYGIRDDMVLPFEPVPVIEIPGFGNLSAVTICDELKIQSQNDRE
KLAEAKEKIYLKGFYEGIMLVDGFKGQKVQDVKKTIQKKMIDAGDALIYMEPEKQVMSRSSDECVVALCDQWYLDYGEEN
WKKQTSQCLKNLETFCEETRRNFEATLGWLQEHACSRTYGLGTHLPWDEQWLIESLSDSTIYMAFYTVAHLLQGGNLHGQ
AESPLGIRPQQMTKEVWDYVFFKEAPFPKTQIAKEKLDQLKQEFEFWYPVDLRVSGKDLVPNHLSYYLYNHVAMWPEQSD
KWPTAVRANGHLLLNSEKMSKSTGNFLTLTQAIDKFSADGMRLALADAGDTVEDANFVEAMADAGILRLYTWVEWVKEMV
ANWDSLRSGPASTFNDRVFASELNAGIIKTDQNYEKMMFKEALKTGFFEFQAAKDKYRELAVEGMHRELVFRFIEVQTLL
LAPFCPHLCEHIWTLLGKPDSIMNASWPVAGPVNEVLIHSSQYLMEVTHDLRLRLKNYMMPAKGKKTDKQPLQKPSHCTI
YVAKNYPPWQHTTLSVLRKHFEANNGKLPDNKVIASELGSMPELKKYMKKVMPFVAMIKENLEKMGPRILDLQLEFDEKA
VLMENIVYLTNSLELEHIEVKFASEAEDKIREDCCPGKPLNVFRIEPGVSVS
;
_entity_poly.pdbx_strand_id   A,B
#
# COMPACT_ATOMS: atom_id res chain seq x y z
N THR A 29 30.75 22.47 -32.02
CA THR A 29 30.65 22.48 -33.47
C THR A 29 31.06 21.12 -34.03
N ALA A 30 32.03 20.49 -33.38
CA ALA A 30 32.50 19.18 -33.83
C ALA A 30 31.46 18.09 -33.64
N LYS A 31 30.51 18.27 -32.72
CA LYS A 31 29.47 17.26 -32.51
C LYS A 31 28.52 17.21 -33.69
N VAL A 32 28.10 18.38 -34.20
CA VAL A 32 27.24 18.41 -35.38
C VAL A 32 27.95 17.81 -36.58
N ASP A 33 29.26 18.05 -36.69
CA ASP A 33 30.02 17.48 -37.80
C ASP A 33 30.13 15.96 -37.67
N PHE A 34 30.32 15.47 -36.44
CA PHE A 34 30.31 14.02 -36.21
C PHE A 34 28.97 13.42 -36.62
N LEU A 35 27.87 14.06 -36.22
CA LEU A 35 26.55 13.61 -36.65
C LEU A 35 26.44 13.58 -38.16
N LYS A 36 26.96 14.60 -38.83
CA LYS A 36 26.88 14.65 -40.29
C LYS A 36 27.69 13.53 -40.93
N LYS A 37 28.86 13.22 -40.37
CA LYS A 37 29.66 12.10 -40.89
C LYS A 37 28.89 10.79 -40.75
N ILE A 38 28.34 10.55 -39.57
CA ILE A 38 27.55 9.34 -39.35
C ILE A 38 26.41 9.28 -40.35
N GLU A 39 25.70 10.40 -40.53
CA GLU A 39 24.54 10.43 -41.42
C GLU A 39 24.93 10.13 -42.86
N LYS A 40 26.02 10.72 -43.33
CA LYS A 40 26.45 10.47 -44.71
C LYS A 40 26.83 9.00 -44.92
N GLU A 41 27.60 8.43 -43.98
CA GLU A 41 27.94 7.01 -44.09
C GLU A 41 26.68 6.15 -44.15
N ILE A 42 25.78 6.34 -43.19
CA ILE A 42 24.58 5.51 -43.10
C ILE A 42 23.69 5.72 -44.33
N GLN A 43 23.66 6.93 -44.87
CA GLN A 43 22.86 7.19 -46.06
C GLN A 43 23.41 6.45 -47.26
N GLN A 44 24.73 6.46 -47.44
CA GLN A 44 25.31 5.65 -48.52
C GLN A 44 24.96 4.18 -48.33
N LYS A 45 25.02 3.69 -47.09
CA LYS A 45 24.69 2.29 -46.83
C LYS A 45 23.26 1.98 -47.22
N TRP A 46 22.31 2.82 -46.78
CA TRP A 46 20.91 2.63 -47.13
C TRP A 46 20.72 2.65 -48.64
N ASP A 47 21.39 3.57 -49.33
CA ASP A 47 21.23 3.70 -50.77
C ASP A 47 21.67 2.43 -51.48
N THR A 48 22.89 1.97 -51.19
CA THR A 48 23.37 0.74 -51.83
C THR A 48 22.48 -0.45 -51.49
N GLU A 49 22.08 -0.56 -50.22
CA GLU A 49 21.22 -1.67 -49.82
C GLU A 49 19.83 -1.60 -50.42
N ARG A 50 19.45 -0.45 -50.98
CA ARG A 50 18.12 -0.27 -51.58
C ARG A 50 17.02 -0.73 -50.62
N VAL A 51 17.09 -0.20 -49.39
CA VAL A 51 16.24 -0.70 -48.31
C VAL A 51 14.81 -0.21 -48.48
N PHE A 52 14.63 1.04 -48.91
CA PHE A 52 13.31 1.65 -48.95
C PHE A 52 12.64 1.52 -50.31
N GLU A 53 13.14 0.67 -51.20
CA GLU A 53 12.50 0.43 -52.49
C GLU A 53 11.58 -0.78 -52.32
N VAL A 54 10.27 -0.54 -52.40
CA VAL A 54 9.27 -1.58 -52.19
C VAL A 54 8.62 -1.92 -53.52
N ASN A 55 8.34 -3.20 -53.74
CA ASN A 55 7.76 -3.69 -54.98
C ASN A 55 6.56 -4.57 -54.64
N ALA A 56 5.40 -4.21 -55.18
CA ALA A 56 4.18 -4.96 -54.87
C ALA A 56 4.29 -6.42 -55.30
N SER A 57 5.06 -6.69 -56.36
CA SER A 57 5.22 -8.06 -56.84
C SER A 57 5.81 -8.95 -55.76
N ASN A 58 6.77 -8.43 -54.99
CA ASN A 58 7.41 -9.20 -53.93
C ASN A 58 6.64 -9.13 -52.62
N LEU A 59 6.09 -7.96 -52.29
CA LEU A 59 5.43 -7.78 -50.99
C LEU A 59 4.03 -8.39 -50.93
N GLU A 60 3.37 -8.60 -52.08
CA GLU A 60 2.07 -9.25 -52.05
C GLU A 60 2.18 -10.75 -51.81
N LYS A 61 3.37 -11.32 -51.97
CA LYS A 61 3.55 -12.75 -51.73
C LYS A 61 3.67 -13.06 -50.24
N GLN A 62 4.27 -12.16 -49.46
CA GLN A 62 4.42 -12.33 -48.01
C GLN A 62 3.42 -11.41 -47.32
N THR A 63 2.23 -11.94 -47.03
CA THR A 63 1.22 -11.20 -46.28
C THR A 63 1.74 -10.99 -44.86
N SER A 64 2.25 -9.80 -44.59
CA SER A 64 2.80 -9.48 -43.27
C SER A 64 1.71 -8.90 -42.37
N LYS A 65 1.60 -7.57 -42.31
CA LYS A 65 0.57 -6.93 -41.50
C LYS A 65 -0.09 -5.75 -42.19
N GLY A 66 -0.07 -5.71 -43.52
CA GLY A 66 -0.77 -4.68 -44.26
C GLY A 66 0.15 -3.60 -44.78
N LYS A 67 -0.33 -2.88 -45.78
CA LYS A 67 0.43 -1.81 -46.41
C LYS A 67 0.09 -0.47 -45.77
N TYR A 68 0.99 0.50 -45.96
CA TYR A 68 0.83 1.84 -45.40
C TYR A 68 1.29 2.84 -46.45
N PHE A 69 0.34 3.47 -47.13
CA PHE A 69 0.62 4.40 -48.23
C PHE A 69 0.45 5.82 -47.71
N VAL A 70 1.56 6.56 -47.57
CA VAL A 70 1.52 7.95 -47.13
C VAL A 70 1.96 8.85 -48.26
N THR A 71 1.43 10.08 -48.26
CA THR A 71 1.74 11.06 -49.29
C THR A 71 1.91 12.43 -48.68
N PHE A 72 2.91 13.16 -49.16
CA PHE A 72 3.12 14.57 -48.84
C PHE A 72 2.95 15.38 -50.11
N PRO A 73 1.96 16.29 -50.17
CA PRO A 73 1.67 17.02 -51.43
C PRO A 73 2.91 17.57 -52.07
N TYR A 74 3.16 17.21 -53.33
CA TYR A 74 4.45 17.55 -53.93
C TYR A 74 4.62 19.06 -53.97
N PRO A 75 5.80 19.56 -53.61
CA PRO A 75 5.99 21.01 -53.45
C PRO A 75 6.40 21.68 -54.75
N TYR A 76 6.09 22.97 -54.82
CA TYR A 76 6.42 23.77 -55.99
C TYR A 76 7.94 23.91 -56.12
N MET A 77 8.42 23.89 -57.36
CA MET A 77 9.84 23.91 -57.65
C MET A 77 10.34 25.31 -58.04
N ASN A 78 9.61 26.35 -57.67
CA ASN A 78 10.07 27.72 -57.89
C ASN A 78 11.08 28.17 -56.84
N GLY A 79 11.95 27.28 -56.41
CA GLY A 79 12.93 27.61 -55.39
C GLY A 79 13.37 26.35 -54.66
N ARG A 80 14.03 26.58 -53.53
CA ARG A 80 14.59 25.52 -52.71
C ARG A 80 13.65 25.24 -51.53
N LEU A 81 13.53 23.96 -51.17
CA LEU A 81 12.66 23.57 -50.07
C LEU A 81 13.16 24.17 -48.76
N HIS A 82 12.22 24.69 -47.97
CA HIS A 82 12.56 25.35 -46.71
C HIS A 82 12.01 24.53 -45.54
N LEU A 83 12.24 25.06 -44.34
CA LEU A 83 12.01 24.29 -43.11
C LEU A 83 10.53 23.97 -42.87
N GLY A 84 9.61 24.76 -43.43
CA GLY A 84 8.20 24.44 -43.30
C GLY A 84 7.79 23.21 -44.09
N HIS A 85 8.27 23.10 -45.34
CA HIS A 85 8.07 21.88 -46.11
C HIS A 85 8.55 20.67 -45.32
N THR A 86 9.75 20.80 -44.74
CA THR A 86 10.36 19.69 -44.03
C THR A 86 9.55 19.33 -42.79
N PHE A 87 9.06 20.33 -42.06
CA PHE A 87 8.20 20.04 -40.92
C PHE A 87 6.97 19.26 -41.35
N SER A 88 6.30 19.72 -42.42
CA SER A 88 5.07 19.05 -42.83
C SER A 88 5.33 17.63 -43.30
N LEU A 89 6.40 17.41 -44.06
CA LEU A 89 6.68 16.05 -44.53
C LEU A 89 7.21 15.15 -43.41
N SER A 90 7.78 15.75 -42.35
CA SER A 90 8.27 14.95 -41.24
C SER A 90 7.15 14.15 -40.59
N LYS A 91 5.90 14.63 -40.69
CA LYS A 91 4.79 13.89 -40.12
C LYS A 91 4.69 12.48 -40.72
N CYS A 92 4.59 12.39 -42.05
CA CYS A 92 4.49 11.06 -42.64
C CYS A 92 5.83 10.33 -42.65
N GLU A 93 6.95 11.05 -42.61
CA GLU A 93 8.24 10.37 -42.47
C GLU A 93 8.32 9.62 -41.13
N PHE A 94 7.97 10.31 -40.04
CA PHE A 94 7.91 9.66 -38.74
C PHE A 94 6.85 8.57 -38.72
N ALA A 95 5.74 8.79 -39.43
CA ALA A 95 4.68 7.77 -39.49
C ALA A 95 5.20 6.46 -40.08
N VAL A 96 5.91 6.54 -41.21
CA VAL A 96 6.43 5.31 -41.81
C VAL A 96 7.55 4.72 -40.96
N GLY A 97 8.37 5.59 -40.34
CA GLY A 97 9.40 5.08 -39.44
C GLY A 97 8.84 4.31 -38.27
N TYR A 98 7.64 4.67 -37.82
CA TYR A 98 6.99 3.92 -36.74
C TYR A 98 6.28 2.68 -37.28
N GLN A 99 5.56 2.82 -38.39
CA GLN A 99 4.75 1.72 -38.88
C GLN A 99 5.58 0.58 -39.46
N ARG A 100 6.82 0.84 -39.89
CA ARG A 100 7.66 -0.26 -40.34
C ARG A 100 8.11 -1.13 -39.17
N LEU A 101 8.34 -0.53 -38.00
CA LEU A 101 8.66 -1.31 -36.81
C LEU A 101 7.49 -2.17 -36.34
N LYS A 102 6.28 -1.85 -36.78
CA LYS A 102 5.10 -2.62 -36.40
C LYS A 102 4.62 -3.56 -37.51
N GLY A 103 5.51 -3.91 -38.44
CA GLY A 103 5.23 -4.95 -39.40
C GLY A 103 4.59 -4.51 -40.69
N LYS A 104 4.17 -3.26 -40.81
CA LYS A 104 3.57 -2.79 -42.04
C LYS A 104 4.65 -2.52 -43.08
N CYS A 105 4.33 -2.80 -44.35
CA CYS A 105 5.17 -2.41 -45.47
C CYS A 105 4.71 -1.06 -45.98
N CYS A 106 5.66 -0.14 -46.11
CA CYS A 106 5.34 1.28 -46.27
C CYS A 106 5.72 1.79 -47.65
N LEU A 107 4.91 2.72 -48.15
CA LEU A 107 5.17 3.45 -49.38
C LEU A 107 5.11 4.93 -49.06
N PHE A 108 6.28 5.57 -49.03
CA PHE A 108 6.43 7.01 -48.87
C PHE A 108 7.11 7.54 -50.12
N PRO A 109 6.35 7.79 -51.18
CA PRO A 109 6.93 8.35 -52.41
C PRO A 109 6.92 9.87 -52.37
N PHE A 110 7.66 10.47 -53.30
CA PHE A 110 7.85 11.91 -53.29
C PHE A 110 7.99 12.43 -54.71
N GLY A 111 6.95 13.13 -55.20
CA GLY A 111 7.00 13.83 -56.46
C GLY A 111 7.35 15.30 -56.28
N LEU A 112 7.40 16.02 -57.40
CA LEU A 112 7.77 17.43 -57.42
C LEU A 112 6.84 18.17 -58.36
N HIS A 113 6.17 19.22 -57.87
CA HIS A 113 5.14 19.92 -58.63
C HIS A 113 5.74 21.10 -59.37
N CYS A 114 5.75 21.03 -60.70
CA CYS A 114 6.26 22.10 -61.54
C CYS A 114 5.17 22.82 -62.33
N THR A 115 3.93 22.33 -62.29
CA THR A 115 2.84 23.00 -62.97
C THR A 115 2.56 24.35 -62.30
N GLY A 116 2.17 25.33 -63.12
CA GLY A 116 1.90 26.67 -62.66
C GLY A 116 2.72 27.68 -63.42
N MET A 117 2.50 28.94 -63.06
CA MET A 117 3.11 30.05 -63.79
C MET A 117 4.25 30.80 -63.08
N PRO A 118 4.40 30.75 -61.74
CA PRO A 118 5.53 31.46 -61.14
C PRO A 118 6.89 31.11 -61.73
N ILE A 119 7.12 29.85 -62.06
CA ILE A 119 8.39 29.47 -62.70
C ILE A 119 8.56 30.22 -64.02
N LYS A 120 7.56 30.12 -64.90
CA LYS A 120 7.61 30.82 -66.19
C LYS A 120 7.64 32.33 -65.99
N ALA A 121 6.88 32.83 -65.00
CA ALA A 121 6.84 34.27 -64.76
C ALA A 121 8.21 34.81 -64.39
N CYS A 122 8.89 34.16 -63.44
CA CYS A 122 10.21 34.61 -63.02
C CYS A 122 11.29 34.27 -64.04
N ALA A 123 11.02 33.34 -64.97
CA ALA A 123 11.98 33.06 -66.02
C ALA A 123 11.89 34.10 -67.14
N ASP A 124 10.69 34.58 -67.43
CA ASP A 124 10.52 35.63 -68.43
C ASP A 124 10.89 36.99 -67.88
N LYS A 125 10.53 37.26 -66.62
CA LYS A 125 11.03 38.45 -65.94
C LYS A 125 12.55 38.48 -65.94
N LEU A 126 13.19 37.31 -65.88
CA LEU A 126 14.64 37.25 -65.97
C LEU A 126 15.11 37.56 -67.39
N LYS A 127 14.52 36.89 -68.39
CA LYS A 127 14.85 37.17 -69.78
C LYS A 127 14.60 38.64 -70.13
N ARG A 128 13.69 39.30 -69.40
CA ARG A 128 13.45 40.73 -69.61
C ARG A 128 14.72 41.54 -69.41
N GLU A 129 15.39 41.36 -68.26
CA GLU A 129 16.61 42.12 -68.01
C GLU A 129 17.78 41.58 -68.82
N ILE A 130 17.74 40.30 -69.20
CA ILE A 130 18.82 39.73 -70.01
C ILE A 130 18.83 40.37 -71.39
N GLU A 131 17.66 40.68 -71.95
CA GLU A 131 17.58 41.25 -73.29
C GLU A 131 17.56 42.77 -73.26
N LEU A 132 16.72 43.38 -72.43
CA LEU A 132 16.62 44.84 -72.38
C LEU A 132 17.84 45.50 -71.74
N TYR A 133 18.79 44.72 -71.24
CA TYR A 133 20.01 45.29 -70.65
C TYR A 133 21.21 44.42 -70.98
N GLY A 134 21.83 43.84 -69.97
CA GLY A 134 22.97 42.98 -70.20
C GLY A 134 23.24 42.09 -68.99
N CYS A 135 24.43 41.50 -68.98
CA CYS A 135 24.85 40.62 -67.89
C CYS A 135 26.14 41.16 -67.30
N PRO A 136 26.09 41.80 -66.11
CA PRO A 136 24.89 42.08 -65.32
C PRO A 136 24.07 43.25 -65.86
N PRO A 137 22.80 43.35 -65.46
CA PRO A 137 21.95 44.44 -65.95
C PRO A 137 22.25 45.76 -65.24
N ASP A 138 22.30 46.83 -66.03
CA ASP A 138 22.54 48.17 -65.49
C ASP A 138 21.23 48.79 -65.04
N PHE A 139 21.21 49.27 -63.80
CA PHE A 139 20.02 49.81 -63.16
C PHE A 139 20.33 51.18 -62.57
N PRO A 140 19.31 52.03 -62.37
CA PRO A 140 17.89 51.84 -62.72
C PRO A 140 17.62 51.95 -64.22
N TYR A 178 13.95 42.98 -57.96
CA TYR A 178 14.49 42.51 -59.22
C TYR A 178 14.71 41.01 -59.23
N GLN A 179 14.68 40.41 -60.41
CA GLN A 179 14.82 38.96 -60.53
C GLN A 179 16.27 38.50 -60.56
N TRP A 180 17.14 39.23 -61.28
CA TRP A 180 18.56 38.89 -61.29
C TRP A 180 19.17 39.01 -59.91
N GLY A 181 18.64 39.89 -59.07
CA GLY A 181 19.18 40.06 -57.72
C GLY A 181 18.94 38.85 -56.82
N ILE A 182 17.74 38.28 -56.90
CA ILE A 182 17.42 37.14 -56.03
C ILE A 182 18.18 35.89 -56.48
N MET A 183 18.42 35.76 -57.79
CA MET A 183 19.19 34.62 -58.29
C MET A 183 20.63 34.67 -57.80
N LYS A 184 21.27 35.85 -57.89
CA LYS A 184 22.60 36.01 -57.34
C LYS A 184 22.59 35.86 -55.82
N SER A 185 21.50 36.27 -55.16
CA SER A 185 21.35 35.99 -53.74
C SER A 185 21.42 34.49 -53.47
N LEU A 186 20.84 33.69 -54.36
CA LEU A 186 20.83 32.24 -54.21
C LEU A 186 22.22 31.66 -54.44
N GLY A 187 23.17 32.54 -54.75
CA GLY A 187 24.57 32.18 -54.86
C GLY A 187 25.02 31.69 -56.22
N LEU A 188 24.21 31.88 -57.26
CA LEU A 188 24.57 31.40 -58.58
C LEU A 188 25.71 32.22 -59.17
N SER A 189 26.43 31.61 -60.11
CA SER A 189 27.46 32.33 -60.83
C SER A 189 26.85 33.34 -61.79
N ASP A 190 27.69 34.27 -62.25
CA ASP A 190 27.22 35.29 -63.18
C ASP A 190 26.75 34.66 -64.48
N GLU A 191 27.56 33.81 -65.09
CA GLU A 191 27.28 33.21 -66.39
C GLU A 191 26.38 31.99 -66.30
N GLU A 192 25.71 31.77 -65.18
CA GLU A 192 24.76 30.67 -65.05
C GLU A 192 23.33 31.11 -64.81
N ILE A 193 23.12 32.35 -64.36
CA ILE A 193 21.76 32.87 -64.24
C ILE A 193 21.16 33.07 -65.63
N VAL A 194 22.00 33.28 -66.65
CA VAL A 194 21.52 33.46 -68.02
C VAL A 194 20.68 32.25 -68.44
N LYS A 195 21.17 31.04 -68.16
CA LYS A 195 20.45 29.84 -68.52
C LYS A 195 19.04 29.80 -67.93
N PHE A 196 18.79 30.54 -66.85
CA PHE A 196 17.48 30.58 -66.23
C PHE A 196 16.49 31.47 -66.96
N SER A 197 16.83 31.93 -68.17
CA SER A 197 15.85 32.66 -68.96
C SER A 197 14.71 31.76 -69.41
N GLU A 198 15.02 30.52 -69.77
CA GLU A 198 14.01 29.53 -70.15
C GLU A 198 13.57 28.75 -68.91
N ALA A 199 12.34 28.25 -68.95
CA ALA A 199 11.82 27.49 -67.81
C ALA A 199 12.36 26.07 -67.77
N GLU A 200 12.74 25.52 -68.92
CA GLU A 200 13.32 24.17 -68.97
C GLU A 200 14.52 24.06 -68.05
N HIS A 201 15.29 25.15 -67.91
CA HIS A 201 16.46 25.09 -67.05
C HIS A 201 16.06 25.06 -65.58
N TRP A 202 15.02 25.82 -65.20
CA TRP A 202 14.47 25.68 -63.85
C TRP A 202 14.09 24.23 -63.58
N LEU A 203 13.39 23.61 -64.53
CA LEU A 203 12.94 22.23 -64.36
C LEU A 203 14.12 21.26 -64.28
N ASP A 204 15.23 21.58 -64.94
CA ASP A 204 16.42 20.73 -64.87
C ASP A 204 17.27 21.00 -63.64
N TYR A 205 17.10 22.15 -63.00
CA TYR A 205 17.96 22.60 -61.91
C TYR A 205 17.37 22.31 -60.53
N PHE A 206 16.15 22.82 -60.28
CA PHE A 206 15.63 22.75 -58.91
C PHE A 206 15.23 21.35 -58.48
N PRO A 207 14.50 20.55 -59.27
CA PRO A 207 14.08 19.21 -58.80
C PRO A 207 15.26 18.34 -58.39
N PRO A 208 16.39 18.34 -59.12
CA PRO A 208 17.54 17.57 -58.63
C PRO A 208 18.02 18.03 -57.27
N LEU A 209 18.06 19.34 -57.02
CA LEU A 209 18.49 19.82 -55.72
C LEU A 209 17.48 19.47 -54.63
N ALA A 210 16.20 19.41 -54.97
CA ALA A 210 15.19 18.98 -54.00
C ALA A 210 15.40 17.53 -53.62
N ILE A 211 15.58 16.65 -54.62
CA ILE A 211 15.85 15.24 -54.34
C ILE A 211 17.13 15.11 -53.51
N GLN A 212 18.15 15.91 -53.83
CA GLN A 212 19.42 15.84 -53.10
C GLN A 212 19.23 16.20 -51.64
N ASP A 213 18.53 17.31 -51.37
CA ASP A 213 18.31 17.73 -49.99
C ASP A 213 17.49 16.69 -49.22
N LEU A 214 16.46 16.13 -49.86
CA LEU A 214 15.62 15.17 -49.17
C LEU A 214 16.39 13.89 -48.84
N LYS A 215 17.20 13.41 -49.79
CA LYS A 215 18.04 12.25 -49.51
C LYS A 215 19.05 12.57 -48.40
N ARG A 216 19.55 13.80 -48.37
CA ARG A 216 20.49 14.19 -47.33
C ARG A 216 19.81 14.30 -45.97
N MET A 217 18.48 14.44 -45.95
CA MET A 217 17.75 14.39 -44.68
C MET A 217 17.57 12.96 -44.19
N GLY A 218 17.44 12.01 -45.10
CA GLY A 218 17.28 10.62 -44.75
C GLY A 218 15.88 10.09 -44.82
N LEU A 219 15.05 10.57 -45.73
CA LEU A 219 13.67 10.13 -45.81
C LEU A 219 13.59 8.70 -46.34
N LYS A 220 12.58 7.97 -45.86
CA LYS A 220 12.38 6.57 -46.26
C LYS A 220 11.54 6.53 -47.53
N VAL A 221 12.13 7.04 -48.61
CA VAL A 221 11.43 7.25 -49.87
C VAL A 221 11.99 6.31 -50.92
N ASP A 222 11.10 5.65 -51.65
CA ASP A 222 11.45 4.87 -52.83
C ASP A 222 11.59 5.84 -53.99
N TRP A 223 12.82 6.35 -54.17
CA TRP A 223 13.07 7.40 -55.15
C TRP A 223 12.88 6.95 -56.60
N ARG A 224 12.66 5.65 -56.83
CA ARG A 224 12.35 5.18 -58.17
C ARG A 224 11.02 5.71 -58.68
N ARG A 225 10.19 6.29 -57.82
CA ARG A 225 8.85 6.70 -58.20
C ARG A 225 8.71 8.22 -58.32
N SER A 226 9.79 8.97 -58.21
CA SER A 226 9.72 10.42 -58.30
C SER A 226 9.51 10.85 -59.76
N PHE A 227 8.93 12.05 -59.92
CA PHE A 227 8.56 12.52 -61.26
C PHE A 227 8.42 14.04 -61.24
N ILE A 228 8.16 14.59 -62.45
CA ILE A 228 7.87 16.00 -62.68
C ILE A 228 6.47 16.09 -63.30
N THR A 229 5.87 17.28 -63.22
CA THR A 229 4.44 17.45 -63.45
C THR A 229 4.06 18.15 -64.76
N THR A 230 4.99 18.74 -65.49
CA THR A 230 4.60 19.47 -66.68
C THR A 230 4.51 18.52 -67.88
N ASP A 231 4.24 19.09 -69.06
CA ASP A 231 4.29 18.28 -70.27
C ASP A 231 5.70 17.91 -70.68
N VAL A 232 6.71 18.43 -69.98
CA VAL A 232 8.09 17.96 -70.19
C VAL A 232 8.21 16.49 -69.84
N ASN A 233 7.40 16.02 -68.89
CA ASN A 233 7.32 14.60 -68.58
C ASN A 233 6.27 13.95 -69.45
N PRO A 234 6.63 12.99 -70.32
CA PRO A 234 5.59 12.39 -71.18
C PRO A 234 4.64 11.47 -70.44
N TYR A 235 5.14 10.72 -69.45
CA TYR A 235 4.30 9.77 -68.74
C TYR A 235 3.27 10.48 -67.87
N TYR A 236 3.71 11.45 -67.06
CA TYR A 236 2.76 12.19 -66.23
C TYR A 236 1.79 12.98 -67.09
N ASP A 237 2.25 13.48 -68.24
CA ASP A 237 1.34 14.17 -69.16
C ASP A 237 0.28 13.22 -69.68
N SER A 238 0.67 12.00 -70.07
CA SER A 238 -0.31 11.00 -70.48
C SER A 238 -1.29 10.70 -69.35
N PHE A 239 -0.80 10.65 -68.12
CA PHE A 239 -1.67 10.39 -66.97
C PHE A 239 -2.71 11.48 -66.81
N VAL A 240 -2.27 12.75 -66.86
CA VAL A 240 -3.19 13.86 -66.73
C VAL A 240 -4.18 13.88 -67.88
N ARG A 241 -3.72 13.54 -69.08
CA ARG A 241 -4.60 13.45 -70.24
C ARG A 241 -5.69 12.41 -70.01
N TRP A 242 -5.31 11.23 -69.53
CA TRP A 242 -6.31 10.20 -69.23
C TRP A 242 -7.29 10.67 -68.16
N GLN A 243 -6.78 11.29 -67.10
CA GLN A 243 -7.64 11.77 -66.03
C GLN A 243 -8.68 12.74 -66.57
N PHE A 244 -8.24 13.74 -67.35
CA PHE A 244 -9.18 14.76 -67.80
C PHE A 244 -10.09 14.25 -68.91
N LEU A 245 -9.64 13.31 -69.73
CA LEU A 245 -10.54 12.67 -70.68
C LEU A 245 -11.63 11.90 -69.95
N THR A 246 -11.27 11.17 -68.90
CA THR A 246 -12.28 10.48 -68.10
C THR A 246 -13.23 11.47 -67.44
N LEU A 247 -12.70 12.61 -67.00
CA LEU A 247 -13.53 13.62 -66.35
C LEU A 247 -14.54 14.22 -67.33
N ARG A 248 -14.09 14.55 -68.54
CA ARG A 248 -15.02 15.07 -69.55
C ARG A 248 -16.01 13.99 -70.01
N GLU A 249 -15.59 12.72 -69.97
CA GLU A 249 -16.48 11.63 -70.38
C GLU A 249 -17.61 11.44 -69.37
N ARG A 250 -17.40 11.83 -68.12
CA ARG A 250 -18.41 11.70 -67.07
C ARG A 250 -19.04 13.03 -66.71
N ASN A 251 -18.96 14.02 -67.61
CA ASN A 251 -19.61 15.33 -67.43
C ASN A 251 -19.09 16.06 -66.19
N LYS A 252 -17.80 15.90 -65.90
CA LYS A 252 -17.19 16.61 -64.78
C LYS A 252 -16.53 17.91 -65.21
N ILE A 253 -15.98 17.97 -66.41
CA ILE A 253 -15.47 19.19 -67.00
C ILE A 253 -16.57 19.79 -67.87
N LYS A 254 -16.65 21.12 -67.89
CA LYS A 254 -17.69 21.79 -68.65
C LYS A 254 -17.13 23.10 -69.19
N PHE A 255 -17.48 23.42 -70.44
CA PHE A 255 -17.10 24.70 -71.02
C PHE A 255 -18.26 25.68 -70.82
N GLY A 256 -17.93 26.88 -70.35
CA GLY A 256 -18.97 27.87 -70.11
C GLY A 256 -18.37 29.20 -69.72
N LYS A 257 -19.20 30.24 -69.81
CA LYS A 257 -18.80 31.59 -69.46
C LYS A 257 -19.26 31.87 -68.03
N ARG A 258 -18.30 31.97 -67.11
CA ARG A 258 -18.59 32.12 -65.70
C ARG A 258 -17.83 33.31 -65.12
N TYR A 259 -18.31 33.77 -63.97
CA TYR A 259 -17.62 34.78 -63.19
C TYR A 259 -16.44 34.16 -62.47
N THR A 260 -15.33 34.91 -62.40
CA THR A 260 -14.15 34.39 -61.74
C THR A 260 -13.18 35.52 -61.44
N ILE A 261 -12.43 35.36 -60.35
CA ILE A 261 -11.34 36.27 -60.05
C ILE A 261 -10.30 36.17 -61.14
N TYR A 262 -9.95 37.32 -61.73
CA TYR A 262 -9.21 37.37 -62.98
C TYR A 262 -7.99 38.29 -62.83
N SER A 263 -6.89 37.89 -63.46
CA SER A 263 -5.68 38.70 -63.53
C SER A 263 -5.55 39.29 -64.92
N PRO A 264 -5.81 40.59 -65.11
CA PRO A 264 -5.62 41.17 -66.44
C PRO A 264 -4.20 41.06 -66.98
N LYS A 265 -3.19 41.24 -66.13
CA LYS A 265 -1.80 41.13 -66.59
C LYS A 265 -1.50 39.72 -67.10
N ASP A 266 -2.06 38.70 -66.45
CA ASP A 266 -1.80 37.32 -66.84
C ASP A 266 -2.81 36.78 -67.84
N GLY A 267 -3.96 37.42 -67.98
CA GLY A 267 -4.94 37.01 -68.97
C GLY A 267 -5.54 35.64 -68.71
N GLN A 268 -5.85 35.34 -67.46
CA GLN A 268 -6.41 34.04 -67.09
C GLN A 268 -6.94 34.16 -65.65
N PRO A 269 -7.83 33.25 -65.24
CA PRO A 269 -8.36 33.32 -63.88
C PRO A 269 -7.27 33.16 -62.84
N CYS A 270 -7.38 33.92 -61.76
CA CYS A 270 -6.37 33.94 -60.70
C CYS A 270 -6.88 33.09 -59.54
N MET A 271 -6.49 31.81 -59.54
CA MET A 271 -6.87 30.88 -58.49
C MET A 271 -6.11 31.14 -57.20
N ASP A 272 -5.96 30.12 -56.36
CA ASP A 272 -5.42 30.33 -55.02
C ASP A 272 -3.89 30.28 -54.96
N HIS A 273 -3.25 29.45 -55.79
CA HIS A 273 -1.81 29.25 -55.70
C HIS A 273 -1.01 30.21 -56.57
N ASP A 274 -1.65 30.99 -57.43
CA ASP A 274 -1.00 32.07 -58.16
C ASP A 274 -1.42 33.44 -57.61
N ARG A 275 -1.64 33.51 -56.30
CA ARG A 275 -2.14 34.71 -55.65
C ARG A 275 -1.10 35.27 -54.67
N GLN A 276 -1.43 36.43 -54.10
CA GLN A 276 -0.56 37.06 -53.12
C GLN A 276 -1.32 37.80 -52.02
N THR A 277 -2.66 37.81 -52.05
CA THR A 277 -3.46 38.46 -51.02
C THR A 277 -4.87 37.90 -51.11
N GLY A 278 -5.45 37.54 -49.98
CA GLY A 278 -6.77 36.92 -49.97
C GLY A 278 -6.78 35.61 -50.73
N GLU A 279 -6.28 34.54 -50.10
CA GLU A 279 -6.07 33.28 -50.79
C GLU A 279 -7.37 32.52 -51.05
N GLY A 280 -8.51 32.99 -50.54
CA GLY A 280 -9.75 32.28 -50.79
C GLY A 280 -10.89 33.17 -51.24
N VAL A 281 -10.60 34.44 -51.51
CA VAL A 281 -11.64 35.41 -51.84
C VAL A 281 -12.23 35.10 -53.21
N GLY A 282 -13.55 35.23 -53.32
CA GLY A 282 -14.24 35.11 -54.58
C GLY A 282 -14.99 36.40 -54.91
N PRO A 283 -15.77 36.37 -55.98
CA PRO A 283 -16.52 37.56 -56.38
C PRO A 283 -17.64 37.88 -55.40
N GLN A 284 -18.19 39.08 -55.56
CA GLN A 284 -19.36 39.51 -54.80
C GLN A 284 -20.26 40.32 -55.70
N GLU A 285 -21.55 40.03 -55.63
CA GLU A 285 -22.54 40.62 -56.53
C GLU A 285 -23.06 41.93 -55.97
N TYR A 286 -23.39 42.85 -56.88
CA TYR A 286 -23.88 44.17 -56.55
C TYR A 286 -24.96 44.55 -57.55
N THR A 287 -26.00 45.23 -57.07
CA THR A 287 -27.01 45.80 -57.95
C THR A 287 -26.52 47.19 -58.36
N LEU A 288 -26.27 47.38 -59.66
CA LEU A 288 -25.69 48.61 -60.19
C LEU A 288 -26.83 49.45 -60.76
N LEU A 289 -27.26 50.47 -60.02
CA LEU A 289 -28.30 51.38 -60.46
C LEU A 289 -27.74 52.41 -61.44
N LYS A 290 -28.54 52.71 -62.46
CA LYS A 290 -28.20 53.72 -63.46
C LYS A 290 -29.13 54.91 -63.26
N LEU A 291 -28.56 56.05 -62.86
CA LEU A 291 -29.32 57.28 -62.66
C LEU A 291 -29.04 58.20 -63.83
N LYS A 292 -30.05 58.44 -64.65
CA LYS A 292 -29.88 59.21 -65.87
C LYS A 292 -29.66 60.68 -65.55
N VAL A 293 -28.57 61.24 -66.05
CA VAL A 293 -28.29 62.66 -65.89
C VAL A 293 -29.19 63.46 -66.84
N LEU A 294 -29.93 64.40 -66.28
CA LEU A 294 -30.88 65.20 -67.05
C LEU A 294 -30.28 66.54 -67.42
N GLU A 295 -30.79 67.12 -68.52
CA GLU A 295 -30.39 68.45 -68.94
C GLU A 295 -31.11 69.50 -68.09
N PRO A 296 -30.47 70.65 -67.84
CA PRO A 296 -29.12 71.04 -68.30
C PRO A 296 -28.01 70.26 -67.63
N TYR A 297 -27.16 69.63 -68.44
CA TYR A 297 -26.04 68.88 -67.91
C TYR A 297 -25.15 69.77 -67.06
N PRO A 298 -24.42 69.19 -66.10
CA PRO A 298 -23.39 69.97 -65.40
C PRO A 298 -22.34 70.46 -66.40
N SER A 299 -21.65 71.53 -66.00
CA SER A 299 -20.76 72.25 -66.91
C SER A 299 -19.73 71.32 -67.54
N LYS A 300 -19.04 70.51 -66.71
CA LYS A 300 -17.92 69.72 -67.22
C LYS A 300 -18.37 68.68 -68.24
N LEU A 301 -19.65 68.35 -68.28
CA LEU A 301 -20.19 67.38 -69.23
C LEU A 301 -20.84 68.03 -70.44
N SER A 302 -20.60 69.33 -70.65
CA SER A 302 -21.23 70.05 -71.77
C SER A 302 -20.82 69.44 -73.11
N GLY A 303 -19.58 68.97 -73.22
CA GLY A 303 -19.14 68.32 -74.44
C GLY A 303 -19.77 66.97 -74.71
N LEU A 304 -20.60 66.47 -73.80
CA LEU A 304 -21.27 65.19 -73.96
C LEU A 304 -22.78 65.36 -74.14
N LYS A 305 -23.20 66.51 -74.65
CA LYS A 305 -24.61 66.73 -74.95
C LYS A 305 -25.05 65.81 -76.10
N GLY A 306 -26.32 65.43 -76.08
CA GLY A 306 -26.88 64.53 -77.05
C GLY A 306 -26.76 63.06 -76.69
N LYS A 307 -25.76 62.70 -75.90
CA LYS A 307 -25.59 61.34 -75.43
C LYS A 307 -26.32 61.13 -74.11
N ASN A 308 -26.54 59.86 -73.76
CA ASN A 308 -27.16 59.51 -72.50
C ASN A 308 -26.06 59.26 -71.47
N ILE A 309 -26.13 59.96 -70.34
CA ILE A 309 -25.13 59.88 -69.30
C ILE A 309 -25.78 59.31 -68.04
N PHE A 310 -25.19 58.25 -67.50
CA PHE A 310 -25.71 57.58 -66.31
C PHE A 310 -24.66 57.58 -65.21
N LEU A 311 -25.05 58.06 -64.03
CA LEU A 311 -24.30 57.79 -62.82
C LEU A 311 -24.61 56.36 -62.37
N VAL A 312 -23.59 55.52 -62.27
CA VAL A 312 -23.77 54.14 -61.87
C VAL A 312 -23.35 53.97 -60.42
N ALA A 313 -24.26 53.44 -59.61
CA ALA A 313 -24.06 53.31 -58.17
C ALA A 313 -24.26 51.86 -57.75
N ALA A 314 -23.33 51.34 -56.95
CA ALA A 314 -23.45 49.99 -56.44
C ALA A 314 -24.24 49.97 -55.14
N THR A 315 -25.08 48.95 -54.98
CA THR A 315 -25.80 48.75 -53.73
C THR A 315 -26.00 47.26 -53.48
N LEU A 316 -26.36 46.95 -52.23
CA LEU A 316 -26.71 45.60 -51.83
C LEU A 316 -28.15 45.49 -51.34
N ARG A 317 -28.90 46.59 -51.32
CA ARG A 317 -30.29 46.61 -50.89
C ARG A 317 -31.15 47.31 -51.93
N PRO A 318 -31.42 46.64 -53.06
CA PRO A 318 -32.25 47.28 -54.10
C PRO A 318 -33.66 47.60 -53.65
N GLU A 319 -34.25 46.79 -52.77
CA GLU A 319 -35.63 47.00 -52.34
C GLU A 319 -35.83 48.34 -51.62
N THR A 320 -34.75 49.08 -51.35
CA THR A 320 -34.85 50.38 -50.70
C THR A 320 -34.91 51.53 -51.68
N MET A 321 -34.67 51.28 -52.97
CA MET A 321 -34.56 52.35 -53.95
C MET A 321 -35.86 53.11 -54.16
N PHE A 322 -36.98 52.62 -53.64
CA PHE A 322 -38.21 53.39 -53.67
C PHE A 322 -38.11 54.66 -52.85
N GLY A 323 -37.13 54.75 -51.95
CA GLY A 323 -36.95 55.93 -51.13
C GLY A 323 -35.63 56.63 -51.37
N GLN A 324 -35.38 57.06 -52.60
CA GLN A 324 -34.20 57.84 -52.94
C GLN A 324 -34.52 59.32 -52.87
N THR A 325 -33.68 60.08 -52.16
CA THR A 325 -33.79 61.54 -52.12
C THR A 325 -32.72 62.25 -52.92
N ASN A 326 -31.58 61.61 -53.17
CA ASN A 326 -30.47 62.21 -53.91
C ASN A 326 -29.42 61.14 -54.13
N CYS A 327 -28.27 61.57 -54.64
CA CYS A 327 -27.14 60.69 -54.91
C CYS A 327 -25.87 61.34 -54.35
N TRP A 328 -25.13 60.59 -53.55
CA TRP A 328 -23.91 61.10 -52.94
C TRP A 328 -22.70 60.81 -53.83
N VAL A 329 -21.87 61.85 -54.03
CA VAL A 329 -20.54 61.68 -54.59
C VAL A 329 -19.53 62.37 -53.67
N ARG A 330 -18.30 61.88 -53.70
CA ARG A 330 -17.22 62.46 -52.92
C ARG A 330 -16.60 63.61 -53.69
N PRO A 331 -16.75 64.86 -53.23
CA PRO A 331 -16.31 66.01 -54.05
C PRO A 331 -14.82 66.03 -54.38
N ASP A 332 -14.01 65.21 -53.72
CA ASP A 332 -12.56 65.21 -53.92
C ASP A 332 -12.06 63.93 -54.57
N MET A 333 -12.94 63.08 -55.08
CA MET A 333 -12.53 61.83 -55.71
C MET A 333 -12.51 61.99 -57.22
N LYS A 334 -11.64 61.23 -57.87
CA LYS A 334 -11.45 61.30 -59.32
C LYS A 334 -12.40 60.32 -60.00
N TYR A 335 -13.43 60.84 -60.65
CA TYR A 335 -14.41 60.04 -61.35
C TYR A 335 -14.16 60.05 -62.85
N ILE A 336 -14.60 58.98 -63.50
CA ILE A 336 -14.37 58.73 -64.92
C ILE A 336 -15.72 58.45 -65.58
N GLY A 337 -16.01 59.19 -66.63
CA GLY A 337 -17.12 58.89 -67.51
C GLY A 337 -16.59 58.27 -68.78
N PHE A 338 -17.06 57.06 -69.06
CA PHE A 338 -16.54 56.23 -70.15
C PHE A 338 -17.69 55.64 -70.96
N GLU A 339 -17.37 55.26 -72.19
CA GLU A 339 -18.36 54.79 -73.14
C GLU A 339 -18.54 53.28 -73.02
N THR A 340 -19.79 52.85 -72.85
CA THR A 340 -20.10 51.44 -72.67
C THR A 340 -20.34 50.79 -74.04
N VAL A 341 -20.79 49.53 -74.02
CA VAL A 341 -20.88 48.76 -75.25
C VAL A 341 -21.97 49.30 -76.16
N ASN A 342 -23.03 49.89 -75.62
CA ASN A 342 -24.11 50.43 -76.42
C ASN A 342 -23.92 51.91 -76.76
N GLY A 343 -22.78 52.50 -76.38
CA GLY A 343 -22.50 53.89 -76.66
C GLY A 343 -22.89 54.86 -75.56
N ASP A 344 -23.61 54.41 -74.54
CA ASP A 344 -23.95 55.27 -73.41
C ASP A 344 -22.70 55.54 -72.55
N ILE A 345 -22.83 56.51 -71.66
CA ILE A 345 -21.72 57.00 -70.87
C ILE A 345 -22.01 56.72 -69.40
N PHE A 346 -21.11 56.00 -68.75
CA PHE A 346 -21.22 55.70 -67.32
C PHE A 346 -20.16 56.48 -66.55
N ILE A 347 -20.59 57.08 -65.44
CA ILE A 347 -19.73 57.85 -64.56
C ILE A 347 -19.51 57.05 -63.29
N CYS A 348 -18.33 56.43 -63.18
CA CYS A 348 -17.95 55.74 -61.95
C CYS A 348 -16.51 56.08 -61.62
N THR A 349 -15.73 55.10 -61.15
CA THR A 349 -14.30 55.28 -60.95
C THR A 349 -13.53 54.30 -61.83
N GLN A 350 -12.21 54.48 -61.86
CA GLN A 350 -11.40 53.72 -62.81
C GLN A 350 -11.40 52.22 -62.49
N LYS A 351 -11.37 51.86 -61.20
CA LYS A 351 -11.38 50.44 -60.84
C LYS A 351 -12.73 49.81 -61.12
N ALA A 352 -13.81 50.52 -60.77
CA ALA A 352 -15.16 50.06 -61.12
C ALA A 352 -15.29 49.86 -62.62
N ALA A 353 -14.81 50.83 -63.41
CA ALA A 353 -14.90 50.72 -64.86
C ALA A 353 -14.03 49.59 -65.39
N ARG A 354 -12.90 49.30 -64.75
CA ARG A 354 -12.07 48.18 -65.17
C ARG A 354 -12.79 46.85 -64.95
N ASN A 355 -13.36 46.67 -63.76
CA ASN A 355 -14.18 45.48 -63.51
C ASN A 355 -15.30 45.35 -64.53
N MET A 356 -16.03 46.44 -64.76
CA MET A 356 -17.10 46.42 -65.75
C MET A 356 -16.57 46.04 -67.13
N SER A 357 -15.40 46.58 -67.51
CA SER A 357 -14.83 46.29 -68.81
C SER A 357 -14.50 44.82 -68.97
N TYR A 358 -14.17 44.16 -67.86
CA TYR A 358 -13.96 42.70 -67.93
C TYR A 358 -15.24 41.91 -67.70
N GLN A 359 -16.34 42.56 -67.33
CA GLN A 359 -17.65 41.92 -67.22
C GLN A 359 -18.54 42.18 -68.44
N GLY A 360 -17.96 42.50 -69.59
CA GLY A 360 -18.72 42.71 -70.80
C GLY A 360 -19.37 44.07 -70.95
N PHE A 361 -19.12 45.00 -70.02
CA PHE A 361 -19.78 46.31 -70.07
C PHE A 361 -19.30 47.17 -71.22
N THR A 362 -18.09 46.95 -71.71
CA THR A 362 -17.52 47.77 -72.77
C THR A 362 -17.50 47.01 -74.08
N LYS A 363 -17.35 47.76 -75.18
CA LYS A 363 -17.34 47.15 -76.50
C LYS A 363 -16.23 46.10 -76.62
N ASP A 364 -15.07 46.38 -76.04
CA ASP A 364 -13.94 45.45 -76.06
C ASP A 364 -13.59 45.03 -74.64
N ASN A 365 -13.10 43.80 -74.51
CA ASN A 365 -12.81 43.25 -73.19
C ASN A 365 -11.57 43.91 -72.60
N GLY A 366 -11.74 44.54 -71.44
CA GLY A 366 -10.64 45.21 -70.77
C GLY A 366 -10.33 46.60 -71.26
N VAL A 367 -10.87 47.01 -72.40
CA VAL A 367 -10.60 48.32 -72.97
C VAL A 367 -11.64 49.31 -72.47
N VAL A 368 -11.19 50.31 -71.70
CA VAL A 368 -12.10 51.32 -71.14
C VAL A 368 -11.94 52.62 -71.90
N PRO A 369 -12.86 52.95 -72.83
CA PRO A 369 -12.76 54.24 -73.53
C PRO A 369 -13.21 55.40 -72.67
N VAL A 370 -12.27 56.06 -72.02
CA VAL A 370 -12.57 57.20 -71.16
C VAL A 370 -12.81 58.43 -72.02
N VAL A 371 -13.95 59.09 -71.81
CA VAL A 371 -14.28 60.30 -72.56
C VAL A 371 -14.38 61.53 -71.67
N LYS A 372 -14.38 61.39 -70.34
CA LYS A 372 -14.38 62.59 -69.49
C LYS A 372 -13.85 62.24 -68.12
N GLU A 373 -12.71 62.80 -67.75
CA GLU A 373 -12.26 62.77 -66.37
C GLU A 373 -12.83 63.97 -65.63
N LEU A 374 -13.10 63.79 -64.33
CA LEU A 374 -13.62 64.91 -63.55
C LEU A 374 -13.51 64.57 -62.07
N MET A 375 -13.94 65.51 -61.23
CA MET A 375 -13.98 65.36 -59.79
C MET A 375 -15.42 65.42 -59.31
N GLY A 376 -15.64 64.95 -58.09
CA GLY A 376 -17.00 64.94 -57.55
C GLY A 376 -17.61 66.32 -57.46
N GLU A 377 -16.80 67.33 -57.13
CA GLU A 377 -17.30 68.69 -57.05
C GLU A 377 -17.83 69.17 -58.40
N GLU A 378 -17.24 68.70 -59.50
CA GLU A 378 -17.73 69.06 -60.82
C GLU A 378 -19.05 68.39 -61.16
N ILE A 379 -19.39 67.31 -60.45
CA ILE A 379 -20.66 66.62 -60.67
C ILE A 379 -21.76 67.14 -59.74
N LEU A 380 -21.41 67.86 -58.69
CA LEU A 380 -22.39 68.28 -57.70
C LEU A 380 -23.48 69.13 -58.32
N GLY A 381 -24.68 69.07 -57.73
CA GLY A 381 -25.82 69.81 -58.21
C GLY A 381 -26.51 69.24 -59.42
N ALA A 382 -25.93 68.23 -60.07
CA ALA A 382 -26.50 67.68 -61.29
C ALA A 382 -27.84 67.00 -61.01
N SER A 383 -28.78 67.17 -61.93
CA SER A 383 -30.11 66.59 -61.79
C SER A 383 -30.11 65.17 -62.38
N LEU A 384 -30.79 64.26 -61.67
CA LEU A 384 -30.80 62.85 -62.03
C LEU A 384 -32.24 62.34 -62.10
N SER A 385 -32.41 61.27 -62.88
CA SER A 385 -33.64 60.48 -62.86
C SER A 385 -33.26 59.09 -62.37
N ALA A 386 -33.93 58.65 -61.31
CA ALA A 386 -33.56 57.43 -60.62
C ALA A 386 -34.70 56.40 -60.67
N PRO A 387 -34.38 55.11 -60.68
CA PRO A 387 -35.43 54.09 -60.73
C PRO A 387 -36.22 54.01 -59.43
N LEU A 388 -37.46 53.55 -59.56
CA LEU A 388 -38.33 53.17 -58.45
C LEU A 388 -38.71 54.31 -57.51
N THR A 389 -37.88 55.34 -57.42
CA THR A 389 -38.11 56.39 -56.42
C THR A 389 -39.36 57.19 -56.74
N SER A 390 -39.88 57.85 -55.71
CA SER A 390 -41.06 58.70 -55.85
C SER A 390 -40.71 60.11 -56.29
N TYR A 391 -39.47 60.55 -56.10
CA TYR A 391 -39.03 61.86 -56.57
C TYR A 391 -38.60 61.75 -58.03
N LYS A 392 -39.22 62.55 -58.89
CA LYS A 392 -38.94 62.45 -60.32
C LYS A 392 -37.53 62.93 -60.65
N VAL A 393 -37.04 63.95 -59.94
CA VAL A 393 -35.70 64.48 -60.12
C VAL A 393 -35.02 64.50 -58.76
N ILE A 394 -33.86 63.86 -58.67
CA ILE A 394 -33.02 63.92 -57.47
C ILE A 394 -31.64 64.42 -57.89
N TYR A 395 -30.94 65.04 -56.96
CA TYR A 395 -29.72 65.77 -57.27
C TYR A 395 -28.48 65.06 -56.73
N VAL A 396 -27.34 65.44 -57.31
CA VAL A 396 -26.04 64.95 -56.87
C VAL A 396 -25.54 65.88 -55.77
N LEU A 397 -25.35 65.32 -54.58
CA LEU A 397 -24.93 66.06 -53.41
C LEU A 397 -23.64 65.47 -52.85
N PRO A 398 -22.87 66.26 -52.08
CA PRO A 398 -21.58 65.78 -51.58
C PRO A 398 -21.70 65.02 -50.27
N MET A 399 -20.84 64.01 -50.15
CA MET A 399 -20.67 63.25 -48.92
C MET A 399 -19.18 63.09 -48.65
N LEU A 400 -18.76 63.44 -47.44
CA LEU A 400 -17.33 63.46 -47.13
C LEU A 400 -16.79 62.05 -46.87
N THR A 401 -17.59 61.18 -46.25
CA THR A 401 -17.12 59.87 -45.81
C THR A 401 -17.55 58.82 -46.82
N ILE A 402 -16.76 58.67 -47.89
CA ILE A 402 -17.01 57.69 -48.93
C ILE A 402 -15.72 56.93 -49.22
N LYS A 403 -15.72 55.63 -48.94
CA LYS A 403 -14.55 54.81 -49.22
C LYS A 403 -14.33 54.71 -50.73
N GLU A 404 -13.06 54.68 -51.13
CA GLU A 404 -12.68 54.52 -52.52
C GLU A 404 -12.38 53.07 -52.88
N ASP A 405 -12.50 52.15 -51.94
CA ASP A 405 -12.20 50.74 -52.17
C ASP A 405 -13.42 49.92 -52.56
N LYS A 406 -14.60 50.29 -52.09
CA LYS A 406 -15.82 49.54 -52.34
C LYS A 406 -16.65 50.23 -53.41
N GLY A 407 -17.04 49.47 -54.43
CA GLY A 407 -18.02 49.92 -55.39
C GLY A 407 -17.54 50.86 -56.47
N THR A 408 -18.35 51.87 -56.79
CA THR A 408 -18.07 52.79 -57.88
C THR A 408 -17.74 54.20 -57.40
N GLY A 409 -17.67 54.42 -56.10
CA GLY A 409 -17.55 55.76 -55.58
C GLY A 409 -18.81 56.59 -55.65
N VAL A 410 -19.90 56.03 -56.18
CA VAL A 410 -21.18 56.73 -56.30
C VAL A 410 -22.18 55.99 -55.42
N VAL A 411 -22.76 56.70 -54.45
CA VAL A 411 -23.69 56.08 -53.52
C VAL A 411 -25.06 56.72 -53.69
N THR A 412 -26.10 56.00 -53.30
CA THR A 412 -27.47 56.51 -53.35
C THR A 412 -27.92 56.92 -51.96
N SER A 413 -28.88 57.85 -51.91
CA SER A 413 -29.37 58.39 -50.64
C SER A 413 -30.71 57.74 -50.31
N VAL A 414 -30.67 56.77 -49.41
CA VAL A 414 -31.90 56.20 -48.84
C VAL A 414 -31.95 56.67 -47.39
N PRO A 415 -32.32 57.93 -47.13
CA PRO A 415 -32.19 58.47 -45.77
C PRO A 415 -33.18 57.88 -44.77
N SER A 416 -34.08 57.00 -45.20
CA SER A 416 -35.02 56.37 -44.28
C SER A 416 -34.45 55.14 -43.60
N ASP A 417 -33.53 54.43 -44.25
CA ASP A 417 -32.98 53.20 -43.68
C ASP A 417 -31.46 53.14 -43.79
N SER A 418 -30.80 54.28 -44.01
CA SER A 418 -29.34 54.35 -43.97
C SER A 418 -28.94 55.51 -43.07
N PRO A 419 -28.14 55.28 -42.05
CA PRO A 419 -27.75 56.40 -41.17
C PRO A 419 -26.88 57.43 -41.86
N ASP A 420 -25.92 56.99 -42.67
CA ASP A 420 -25.04 57.94 -43.36
C ASP A 420 -25.84 58.91 -44.22
N ASP A 421 -26.90 58.42 -44.87
CA ASP A 421 -27.63 59.25 -45.81
C ASP A 421 -28.35 60.39 -45.10
N ILE A 422 -29.10 60.07 -44.05
CA ILE A 422 -29.77 61.13 -43.31
C ILE A 422 -28.75 62.01 -42.59
N ALA A 423 -27.60 61.45 -42.20
CA ALA A 423 -26.55 62.26 -41.59
C ALA A 423 -26.09 63.35 -42.55
N ALA A 424 -25.70 62.97 -43.76
CA ALA A 424 -25.24 63.94 -44.74
C ALA A 424 -26.36 64.89 -45.16
N LEU A 425 -27.60 64.39 -45.24
CA LEU A 425 -28.72 65.25 -45.62
C LEU A 425 -28.97 66.33 -44.56
N ARG A 426 -28.95 65.95 -43.29
CA ARG A 426 -29.12 66.93 -42.22
C ARG A 426 -27.93 67.88 -42.14
N ASP A 427 -26.73 67.40 -42.49
CA ASP A 427 -25.58 68.29 -42.53
C ASP A 427 -25.76 69.36 -43.61
N LEU A 428 -26.26 68.96 -44.78
CA LEU A 428 -26.55 69.96 -45.82
C LEU A 428 -27.73 70.84 -45.45
N LYS A 429 -28.66 70.33 -44.64
CA LYS A 429 -29.83 71.08 -44.23
C LYS A 429 -29.54 72.07 -43.11
N LYS A 430 -28.47 71.85 -42.33
CA LYS A 430 -28.15 72.68 -41.19
C LYS A 430 -27.73 74.09 -41.61
N LYS A 431 -26.49 74.24 -42.07
CA LYS A 431 -25.90 75.54 -42.31
C LYS A 431 -25.68 75.76 -43.81
N GLN A 432 -25.45 77.02 -44.16
CA GLN A 432 -25.10 77.40 -45.53
C GLN A 432 -23.69 77.01 -45.92
N ALA A 433 -22.85 76.59 -44.97
CA ALA A 433 -21.43 76.41 -45.23
C ALA A 433 -21.19 75.39 -46.34
N LEU A 434 -21.73 74.18 -46.18
CA LEU A 434 -21.51 73.15 -47.20
C LEU A 434 -22.25 73.48 -48.50
N ARG A 435 -23.50 73.96 -48.40
CA ARG A 435 -24.28 74.28 -49.58
C ARG A 435 -23.61 75.36 -50.43
N ALA A 436 -22.87 76.26 -49.82
CA ALA A 436 -22.15 77.29 -50.56
C ALA A 436 -20.77 76.82 -51.00
N LYS A 437 -20.07 76.09 -50.12
CA LYS A 437 -18.76 75.54 -50.48
C LYS A 437 -18.84 74.61 -51.67
N TYR A 438 -20.00 74.00 -51.90
CA TYR A 438 -20.17 73.04 -52.99
C TYR A 438 -21.21 73.46 -54.02
N GLY A 439 -21.82 74.63 -53.87
CA GLY A 439 -22.72 75.14 -54.89
C GLY A 439 -24.11 74.53 -54.87
N ILE A 440 -24.55 74.00 -53.73
CA ILE A 440 -25.84 73.35 -53.63
C ILE A 440 -26.87 74.42 -53.27
N ARG A 441 -27.77 74.71 -54.21
CA ARG A 441 -28.85 75.65 -53.92
C ARG A 441 -29.91 74.98 -53.04
N ASP A 442 -30.93 75.74 -52.66
CA ASP A 442 -31.97 75.24 -51.78
C ASP A 442 -32.95 74.29 -52.47
N ASP A 443 -32.94 74.23 -53.81
CA ASP A 443 -33.80 73.29 -54.51
C ASP A 443 -33.32 71.86 -54.38
N MET A 444 -32.03 71.66 -54.07
CA MET A 444 -31.40 70.35 -54.12
C MET A 444 -31.35 69.65 -52.78
N VAL A 445 -31.89 70.24 -51.72
CA VAL A 445 -31.79 69.64 -50.39
C VAL A 445 -33.10 69.83 -49.63
N LEU A 446 -33.62 71.06 -49.61
CA LEU A 446 -34.71 71.39 -48.71
C LEU A 446 -35.99 70.61 -49.01
N PRO A 447 -36.52 70.56 -50.24
CA PRO A 447 -37.78 69.85 -50.46
C PRO A 447 -37.68 68.33 -50.36
N PHE A 448 -36.50 67.77 -50.09
CA PHE A 448 -36.30 66.32 -50.07
C PHE A 448 -36.36 65.82 -48.64
N GLU A 449 -37.40 65.03 -48.33
CA GLU A 449 -37.61 64.42 -47.03
C GLU A 449 -37.52 62.90 -47.16
N PRO A 450 -37.09 62.21 -46.11
CA PRO A 450 -37.01 60.75 -46.17
C PRO A 450 -38.38 60.12 -46.44
N VAL A 451 -38.37 59.04 -47.21
CA VAL A 451 -39.59 58.40 -47.70
C VAL A 451 -39.78 57.09 -46.95
N PRO A 452 -40.92 56.89 -46.28
CA PRO A 452 -41.16 55.62 -45.59
C PRO A 452 -41.36 54.49 -46.58
N VAL A 453 -40.44 53.51 -46.56
CA VAL A 453 -40.44 52.43 -47.54
C VAL A 453 -40.48 51.08 -46.86
N ILE A 454 -39.69 50.90 -45.81
CA ILE A 454 -39.60 49.66 -45.06
C ILE A 454 -39.81 49.96 -43.59
N GLU A 455 -40.63 49.16 -42.92
CA GLU A 455 -40.87 49.30 -41.50
C GLU A 455 -40.23 48.15 -40.74
N ILE A 456 -39.42 48.49 -39.75
CA ILE A 456 -38.88 47.53 -38.80
C ILE A 456 -39.69 47.64 -37.51
N PRO A 457 -40.20 46.53 -36.96
CA PRO A 457 -41.17 46.63 -35.86
C PRO A 457 -40.65 47.36 -34.64
N GLY A 458 -39.37 47.21 -34.31
CA GLY A 458 -38.80 47.89 -33.17
C GLY A 458 -38.39 49.33 -33.39
N PHE A 459 -38.68 49.90 -34.56
CA PHE A 459 -38.26 51.26 -34.87
C PHE A 459 -39.36 52.06 -35.55
N GLY A 460 -39.73 51.67 -36.76
CA GLY A 460 -40.81 52.31 -37.47
C GLY A 460 -40.52 52.39 -38.96
N ASN A 461 -41.26 53.26 -39.64
CA ASN A 461 -41.09 53.43 -41.08
C ASN A 461 -39.73 54.06 -41.39
N LEU A 462 -39.29 54.98 -40.54
CA LEU A 462 -38.04 55.72 -40.73
C LEU A 462 -37.03 55.26 -39.69
N SER A 463 -36.52 54.05 -39.87
CA SER A 463 -35.69 53.40 -38.86
C SER A 463 -34.41 54.19 -38.61
N ALA A 464 -33.69 54.54 -39.68
CA ALA A 464 -32.43 55.28 -39.52
C ALA A 464 -32.67 56.64 -38.90
N VAL A 465 -33.76 57.31 -39.28
CA VAL A 465 -34.06 58.62 -38.71
C VAL A 465 -34.21 58.53 -37.20
N THR A 466 -34.97 57.54 -36.74
CA THR A 466 -35.24 57.42 -35.30
C THR A 466 -33.99 57.00 -34.54
N ILE A 467 -33.23 56.03 -35.05
CA ILE A 467 -32.04 55.59 -34.33
C ILE A 467 -30.93 56.63 -34.36
N CYS A 468 -30.95 57.55 -35.33
CA CYS A 468 -29.98 58.64 -35.34
C CYS A 468 -30.41 59.82 -34.50
N ASP A 469 -31.73 60.04 -34.35
CA ASP A 469 -32.20 61.00 -33.37
C ASP A 469 -31.97 60.50 -31.95
N GLU A 470 -31.99 59.17 -31.75
CA GLU A 470 -31.77 58.61 -30.42
C GLU A 470 -30.30 58.67 -30.03
N LEU A 471 -29.41 58.27 -30.93
CA LEU A 471 -27.98 58.34 -30.66
C LEU A 471 -27.43 59.77 -30.72
N LYS A 472 -28.28 60.76 -30.98
CA LYS A 472 -27.90 62.18 -30.96
C LYS A 472 -26.66 62.43 -31.82
N ILE A 473 -26.85 62.25 -33.13
CA ILE A 473 -25.81 62.47 -34.12
C ILE A 473 -26.13 63.76 -34.87
N GLN A 474 -25.09 64.55 -35.15
CA GLN A 474 -25.26 65.82 -35.85
C GLN A 474 -24.22 66.02 -36.95
N SER A 475 -23.40 65.01 -37.24
CA SER A 475 -22.42 65.11 -38.31
C SER A 475 -22.23 63.75 -38.94
N GLN A 476 -21.90 63.75 -40.23
CA GLN A 476 -21.64 62.53 -40.98
C GLN A 476 -20.26 61.95 -40.71
N ASN A 477 -19.51 62.53 -39.78
CA ASN A 477 -18.15 62.08 -39.48
C ASN A 477 -18.07 61.31 -38.16
N ASP A 478 -19.18 61.19 -37.44
CA ASP A 478 -19.24 60.41 -36.20
C ASP A 478 -19.12 58.93 -36.55
N ARG A 479 -17.88 58.50 -36.79
CA ARG A 479 -17.64 57.10 -37.15
C ARG A 479 -18.18 56.15 -36.09
N GLU A 480 -17.99 56.48 -34.81
CA GLU A 480 -18.41 55.60 -33.73
C GLU A 480 -19.93 55.49 -33.65
N LYS A 481 -20.62 56.64 -33.55
CA LYS A 481 -22.07 56.62 -33.41
C LYS A 481 -22.75 56.09 -34.67
N LEU A 482 -22.22 56.43 -35.84
CA LEU A 482 -22.81 55.93 -37.08
C LEU A 482 -22.56 54.43 -37.23
N ALA A 483 -21.40 53.94 -36.81
CA ALA A 483 -21.16 52.50 -36.84
C ALA A 483 -22.09 51.76 -35.90
N GLU A 484 -22.29 52.31 -34.69
CA GLU A 484 -23.21 51.70 -33.75
C GLU A 484 -24.64 51.66 -34.31
N ALA A 485 -25.09 52.79 -34.90
CA ALA A 485 -26.43 52.84 -35.46
C ALA A 485 -26.57 51.91 -36.66
N LYS A 486 -25.52 51.78 -37.47
CA LYS A 486 -25.55 50.87 -38.60
C LYS A 486 -25.67 49.43 -38.13
N GLU A 487 -24.92 49.06 -37.10
CA GLU A 487 -25.01 47.69 -36.59
C GLU A 487 -26.33 47.43 -35.88
N LYS A 488 -26.93 48.45 -35.26
CA LYS A 488 -28.16 48.23 -34.50
C LYS A 488 -29.32 47.84 -35.39
N ILE A 489 -29.34 48.30 -36.64
CA ILE A 489 -30.36 47.91 -37.60
C ILE A 489 -29.74 47.12 -38.76
N TYR A 490 -28.56 46.54 -38.54
CA TYR A 490 -27.79 45.96 -39.63
C TYR A 490 -28.55 44.83 -40.32
N LEU A 491 -28.99 43.84 -39.55
CA LEU A 491 -29.70 42.70 -40.10
C LEU A 491 -31.18 42.68 -39.75
N LYS A 492 -31.65 43.62 -38.93
CA LYS A 492 -33.08 43.70 -38.65
C LYS A 492 -33.88 44.20 -39.83
N GLY A 493 -33.23 44.51 -40.95
CA GLY A 493 -33.92 44.88 -42.16
C GLY A 493 -33.91 43.76 -43.18
N PHE A 494 -32.91 42.87 -43.09
CA PHE A 494 -32.86 41.72 -43.99
C PHE A 494 -34.06 40.80 -43.79
N TYR A 495 -34.51 40.66 -42.53
CA TYR A 495 -35.60 39.75 -42.20
C TYR A 495 -36.83 40.50 -41.72
N GLU A 496 -36.77 41.13 -40.54
CA GLU A 496 -37.93 41.75 -39.92
C GLU A 496 -38.45 42.96 -40.67
N GLY A 497 -37.84 43.34 -41.80
CA GLY A 497 -38.34 44.46 -42.59
C GLY A 497 -39.57 44.06 -43.38
N ILE A 498 -40.53 44.98 -43.46
CA ILE A 498 -41.77 44.77 -44.18
C ILE A 498 -41.96 45.91 -45.18
N MET A 499 -42.14 45.56 -46.46
CA MET A 499 -42.29 46.57 -47.49
C MET A 499 -43.58 47.37 -47.29
N LEU A 500 -43.58 48.59 -47.81
CA LEU A 500 -44.72 49.49 -47.70
C LEU A 500 -45.18 50.06 -49.03
N VAL A 501 -44.39 49.95 -50.09
CA VAL A 501 -44.71 50.56 -51.37
C VAL A 501 -45.76 49.73 -52.09
N ASP A 502 -46.53 50.40 -52.96
CA ASP A 502 -47.60 49.72 -53.68
C ASP A 502 -47.03 48.65 -54.59
N GLY A 503 -47.75 47.54 -54.70
CA GLY A 503 -47.23 46.34 -55.33
C GLY A 503 -46.41 45.46 -54.43
N PHE A 504 -46.13 45.91 -53.19
CA PHE A 504 -45.39 45.08 -52.25
C PHE A 504 -45.83 45.32 -50.81
N LYS A 505 -46.93 46.04 -50.56
CA LYS A 505 -47.33 46.40 -49.21
C LYS A 505 -47.55 45.18 -48.33
N GLY A 506 -46.69 45.00 -47.32
CA GLY A 506 -46.85 43.91 -46.39
C GLY A 506 -46.15 42.63 -46.82
N GLN A 507 -44.98 42.76 -47.42
CA GLN A 507 -44.23 41.61 -47.91
C GLN A 507 -42.91 41.48 -47.15
N LYS A 508 -42.52 40.23 -46.88
CA LYS A 508 -41.21 39.98 -46.29
C LYS A 508 -40.13 40.44 -47.24
N VAL A 509 -39.26 41.33 -46.76
CA VAL A 509 -38.21 41.91 -47.60
C VAL A 509 -37.35 40.81 -48.23
N GLN A 510 -37.12 39.73 -47.48
CA GLN A 510 -36.34 38.63 -48.03
C GLN A 510 -37.06 37.97 -49.21
N ASP A 511 -38.39 38.07 -49.25
CA ASP A 511 -39.18 37.42 -50.29
C ASP A 511 -39.39 38.30 -51.51
N VAL A 512 -38.90 39.53 -51.52
CA VAL A 512 -39.17 40.44 -52.63
C VAL A 512 -37.93 41.10 -53.20
N LYS A 513 -36.81 41.16 -52.49
CA LYS A 513 -35.69 41.98 -52.93
C LYS A 513 -35.17 41.52 -54.30
N LYS A 514 -35.11 40.21 -54.52
CA LYS A 514 -34.62 39.71 -55.80
C LYS A 514 -35.62 40.02 -56.93
N THR A 515 -36.92 39.96 -56.62
CA THR A 515 -37.91 40.31 -57.64
C THR A 515 -37.84 41.80 -57.99
N ILE A 516 -37.55 42.66 -57.01
CA ILE A 516 -37.40 44.09 -57.28
C ILE A 516 -36.15 44.35 -58.11
N GLN A 517 -35.05 43.65 -57.78
CA GLN A 517 -33.84 43.75 -58.58
C GLN A 517 -34.08 43.32 -60.02
N LYS A 518 -34.81 42.21 -60.21
CA LYS A 518 -35.15 41.77 -61.56
C LYS A 518 -36.05 42.78 -62.26
N LYS A 519 -36.99 43.38 -61.53
CA LYS A 519 -37.83 44.43 -62.08
C LYS A 519 -37.00 45.57 -62.64
N MET A 520 -35.98 45.99 -61.90
CA MET A 520 -35.12 47.07 -62.37
C MET A 520 -34.25 46.62 -63.53
N ILE A 521 -33.76 45.39 -63.51
CA ILE A 521 -32.90 44.91 -64.59
C ILE A 521 -33.67 44.77 -65.89
N ASP A 522 -34.90 44.26 -65.81
CA ASP A 522 -35.74 44.13 -67.01
C ASP A 522 -36.05 45.49 -67.60
N ALA A 523 -36.33 46.48 -66.77
CA ALA A 523 -36.56 47.84 -67.23
C ALA A 523 -35.29 48.52 -67.70
N GLY A 524 -34.16 47.82 -67.81
CA GLY A 524 -32.92 48.46 -68.19
C GLY A 524 -32.47 49.57 -67.27
N ASP A 525 -32.92 49.55 -66.01
CA ASP A 525 -32.57 50.57 -65.03
C ASP A 525 -31.56 50.08 -64.01
N ALA A 526 -31.03 48.87 -64.17
CA ALA A 526 -30.04 48.31 -63.27
C ALA A 526 -29.29 47.21 -63.99
N LEU A 527 -28.10 46.88 -63.47
CA LEU A 527 -27.29 45.80 -64.02
C LEU A 527 -26.63 45.03 -62.88
N ILE A 528 -25.90 43.98 -63.24
CA ILE A 528 -25.19 43.13 -62.30
C ILE A 528 -23.72 43.53 -62.31
N TYR A 529 -23.22 44.03 -61.19
CA TYR A 529 -21.82 44.43 -61.06
C TYR A 529 -21.12 43.49 -60.07
N MET A 530 -20.14 42.74 -60.57
CA MET A 530 -19.37 41.83 -59.73
C MET A 530 -18.04 42.46 -59.39
N GLU A 531 -17.66 42.40 -58.12
CA GLU A 531 -16.44 43.02 -57.62
C GLU A 531 -15.77 42.08 -56.64
N PRO A 532 -14.44 42.02 -56.60
CA PRO A 532 -13.78 41.24 -55.55
C PRO A 532 -14.19 41.73 -54.18
N GLU A 533 -14.63 40.80 -53.32
CA GLU A 533 -15.11 41.19 -52.00
C GLU A 533 -13.99 41.77 -51.16
N LYS A 534 -12.77 41.25 -51.32
CA LYS A 534 -11.59 41.78 -50.67
C LYS A 534 -10.47 41.88 -51.70
N GLN A 535 -9.58 42.84 -51.50
CA GLN A 535 -8.52 43.10 -52.47
C GLN A 535 -7.63 41.88 -52.66
N VAL A 536 -7.40 41.52 -53.92
CA VAL A 536 -6.63 40.34 -54.27
C VAL A 536 -5.50 40.75 -55.20
N MET A 537 -4.26 40.54 -54.76
CA MET A 537 -3.07 40.73 -55.58
C MET A 537 -2.56 39.38 -56.06
N SER A 538 -2.00 39.37 -57.27
CA SER A 538 -1.51 38.13 -57.86
C SER A 538 0.01 38.04 -57.70
N ARG A 539 0.57 36.90 -58.13
CA ARG A 539 2.02 36.73 -58.11
C ARG A 539 2.71 37.81 -58.95
N SER A 540 2.16 38.11 -60.13
CA SER A 540 2.69 39.16 -61.00
C SER A 540 2.39 40.56 -60.50
N SER A 541 1.98 40.69 -59.23
CA SER A 541 1.70 41.98 -58.60
C SER A 541 0.59 42.74 -59.32
N ASP A 542 -0.31 42.03 -59.98
CA ASP A 542 -1.46 42.64 -60.64
C ASP A 542 -2.65 42.59 -59.69
N GLU A 543 -3.37 43.71 -59.61
CA GLU A 543 -4.62 43.72 -58.85
C GLU A 543 -5.70 43.00 -59.65
N CYS A 544 -6.43 42.11 -58.99
CA CYS A 544 -7.37 41.24 -59.66
C CYS A 544 -8.75 41.89 -59.76
N VAL A 545 -9.48 41.51 -60.80
CA VAL A 545 -10.86 41.95 -60.99
C VAL A 545 -11.75 40.73 -60.94
N VAL A 546 -13.05 40.93 -61.18
CA VAL A 546 -13.97 39.83 -61.45
C VAL A 546 -14.34 39.90 -62.93
N ALA A 547 -13.99 38.87 -63.68
CA ALA A 547 -14.28 38.80 -65.10
C ALA A 547 -15.32 37.73 -65.36
N LEU A 548 -16.23 38.03 -66.29
CA LEU A 548 -17.20 37.07 -66.79
C LEU A 548 -16.61 36.50 -68.08
N CYS A 549 -15.79 35.46 -67.94
CA CYS A 549 -15.03 34.93 -69.06
C CYS A 549 -15.36 33.46 -69.28
N ASP A 550 -15.11 33.01 -70.52
CA ASP A 550 -15.37 31.63 -70.87
C ASP A 550 -14.14 30.77 -70.56
N GLN A 551 -14.41 29.59 -70.00
CA GLN A 551 -13.34 28.67 -69.60
C GLN A 551 -13.92 27.27 -69.42
N TRP A 552 -13.02 26.31 -69.30
CA TRP A 552 -13.35 24.98 -68.85
C TRP A 552 -13.25 24.93 -67.33
N TYR A 553 -14.31 24.48 -66.68
CA TYR A 553 -14.38 24.43 -65.23
C TYR A 553 -14.80 23.05 -64.78
N LEU A 554 -14.34 22.66 -63.58
CA LEU A 554 -14.80 21.46 -62.93
C LEU A 554 -16.06 21.76 -62.12
N ASP A 555 -17.10 20.97 -62.34
CA ASP A 555 -18.43 21.30 -61.81
C ASP A 555 -18.60 20.76 -60.38
N TYR A 556 -17.79 21.32 -59.47
CA TYR A 556 -17.79 20.90 -58.07
C TYR A 556 -19.11 21.25 -57.39
N GLY A 557 -19.98 21.94 -58.10
CA GLY A 557 -21.27 22.37 -57.57
C GLY A 557 -22.36 21.34 -57.67
N GLU A 558 -22.21 20.34 -58.54
CA GLU A 558 -23.25 19.33 -58.75
C GLU A 558 -23.67 18.69 -57.43
N GLU A 559 -24.99 18.61 -57.22
CA GLU A 559 -25.51 18.11 -55.95
C GLU A 559 -25.14 16.65 -55.71
N ASN A 560 -25.20 15.82 -56.77
CA ASN A 560 -24.83 14.42 -56.62
C ASN A 560 -23.35 14.28 -56.29
N TRP A 561 -22.49 14.95 -57.05
CA TRP A 561 -21.06 14.90 -56.78
C TRP A 561 -20.73 15.42 -55.38
N LYS A 562 -21.38 16.51 -54.97
CA LYS A 562 -21.09 17.09 -53.66
C LYS A 562 -21.59 16.19 -52.53
N LYS A 563 -22.75 15.56 -52.71
CA LYS A 563 -23.27 14.66 -51.68
C LYS A 563 -22.39 13.41 -51.55
N GLN A 564 -21.91 12.90 -52.68
CA GLN A 564 -21.01 11.75 -52.63
C GLN A 564 -19.69 12.11 -51.97
N THR A 565 -19.16 13.31 -52.25
CA THR A 565 -17.94 13.73 -51.56
C THR A 565 -18.20 14.00 -50.09
N SER A 566 -19.41 14.41 -49.73
CA SER A 566 -19.74 14.55 -48.31
C SER A 566 -19.75 13.21 -47.61
N GLN A 567 -20.29 12.18 -48.27
CA GLN A 567 -20.22 10.83 -47.72
C GLN A 567 -18.78 10.34 -47.66
N CYS A 568 -17.94 10.73 -48.62
CA CYS A 568 -16.51 10.43 -48.58
C CYS A 568 -15.83 11.15 -47.41
N LEU A 569 -16.31 12.34 -47.05
CA LEU A 569 -15.78 13.06 -45.91
C LEU A 569 -16.22 12.43 -44.59
N LYS A 570 -17.43 11.88 -44.55
CA LYS A 570 -17.86 11.11 -43.38
C LYS A 570 -16.87 9.99 -43.07
N ASN A 571 -16.46 9.25 -44.10
CA ASN A 571 -15.54 8.13 -43.92
C ASN A 571 -14.10 8.57 -43.71
N LEU A 572 -13.73 9.75 -44.20
CA LEU A 572 -12.37 10.24 -44.06
C LEU A 572 -12.01 10.45 -42.60
N GLU A 573 -10.77 10.11 -42.25
CA GLU A 573 -10.25 10.32 -40.91
C GLU A 573 -9.58 11.68 -40.85
N THR A 574 -10.23 12.63 -40.19
CA THR A 574 -9.64 13.93 -39.90
C THR A 574 -9.23 13.93 -38.44
N PHE A 575 -7.94 14.14 -38.17
CA PHE A 575 -7.43 13.88 -36.83
C PHE A 575 -7.97 14.84 -35.78
N CYS A 576 -8.83 15.78 -36.15
CA CYS A 576 -9.55 16.59 -35.18
C CYS A 576 -10.82 17.12 -35.84
N GLU A 577 -11.72 17.66 -35.02
CA GLU A 577 -12.99 18.17 -35.53
C GLU A 577 -12.84 19.51 -36.23
N GLU A 578 -11.80 20.28 -35.90
CA GLU A 578 -11.59 21.56 -36.57
C GLU A 578 -11.33 21.36 -38.06
N THR A 579 -10.51 20.37 -38.40
CA THR A 579 -10.24 20.09 -39.81
C THR A 579 -11.50 19.62 -40.53
N ARG A 580 -12.32 18.80 -39.87
CA ARG A 580 -13.56 18.37 -40.49
C ARG A 580 -14.51 19.55 -40.69
N ARG A 581 -14.53 20.49 -39.75
CA ARG A 581 -15.34 21.69 -39.92
C ARG A 581 -14.86 22.50 -41.12
N ASN A 582 -13.54 22.64 -41.25
CA ASN A 582 -12.98 23.29 -42.44
C ASN A 582 -13.44 22.59 -43.71
N PHE A 583 -13.35 21.26 -43.73
CA PHE A 583 -13.76 20.50 -44.90
C PHE A 583 -15.24 20.71 -45.22
N GLU A 584 -16.09 20.69 -44.20
CA GLU A 584 -17.52 20.85 -44.43
C GLU A 584 -17.84 22.25 -44.94
N ALA A 585 -17.20 23.27 -44.36
CA ALA A 585 -17.42 24.63 -44.83
C ALA A 585 -16.99 24.79 -46.29
N THR A 586 -15.79 24.33 -46.61
CA THR A 586 -15.31 24.45 -47.99
C THR A 586 -16.05 23.53 -48.94
N LEU A 587 -16.75 22.52 -48.42
CA LEU A 587 -17.57 21.66 -49.26
C LEU A 587 -18.92 22.30 -49.56
N GLY A 588 -19.50 22.98 -48.58
CA GLY A 588 -20.74 23.69 -48.82
C GLY A 588 -20.54 24.91 -49.71
N TRP A 589 -19.51 25.71 -49.42
CA TRP A 589 -19.26 26.94 -50.16
C TRP A 589 -18.85 26.68 -51.60
N LEU A 590 -18.27 25.53 -51.90
CA LEU A 590 -17.63 25.31 -53.19
C LEU A 590 -18.65 25.26 -54.32
N GLN A 591 -18.23 25.73 -55.49
CA GLN A 591 -19.03 25.68 -56.71
C GLN A 591 -18.13 25.50 -57.92
N GLU A 592 -18.45 26.17 -59.02
CA GLU A 592 -17.64 26.04 -60.23
C GLU A 592 -16.21 26.51 -59.98
N HIS A 593 -15.24 25.76 -60.50
CA HIS A 593 -13.82 26.03 -60.29
C HIS A 593 -13.13 26.08 -61.64
N ALA A 594 -12.70 27.28 -62.04
CA ALA A 594 -11.99 27.43 -63.30
C ALA A 594 -10.65 26.72 -63.26
N CYS A 595 -10.40 25.85 -64.24
CA CYS A 595 -9.22 25.02 -64.26
C CYS A 595 -8.33 25.26 -65.47
N SER A 596 -8.71 26.13 -66.38
CA SER A 596 -8.00 26.32 -67.64
C SER A 596 -7.15 27.57 -67.58
N ARG A 597 -5.87 27.43 -67.95
CA ARG A 597 -4.96 28.55 -68.08
C ARG A 597 -4.45 28.61 -69.51
N THR A 598 -3.89 29.77 -69.87
CA THR A 598 -3.26 29.96 -71.16
C THR A 598 -1.78 30.32 -71.07
N TYR A 599 -1.34 30.89 -69.95
CA TYR A 599 0.06 31.22 -69.73
C TYR A 599 0.55 30.45 -68.50
N GLY A 600 1.66 29.74 -68.66
CA GLY A 600 2.26 29.00 -67.57
C GLY A 600 2.83 27.69 -68.08
N LEU A 601 3.07 26.77 -67.15
CA LEU A 601 3.57 25.45 -67.46
C LEU A 601 2.54 24.39 -67.09
N GLY A 602 2.76 23.18 -67.59
CA GLY A 602 1.88 22.09 -67.25
C GLY A 602 1.46 21.23 -68.42
N THR A 603 0.22 20.75 -68.39
CA THR A 603 -0.34 19.88 -69.41
C THR A 603 -1.57 20.54 -70.02
N HIS A 604 -1.63 20.57 -71.35
CA HIS A 604 -2.77 21.15 -72.04
C HIS A 604 -3.93 20.15 -72.09
N LEU A 605 -5.15 20.69 -72.05
CA LEU A 605 -6.34 19.88 -72.26
C LEU A 605 -6.20 19.06 -73.53
N PRO A 606 -6.32 17.73 -73.47
CA PRO A 606 -6.00 16.91 -74.64
C PRO A 606 -6.85 17.20 -75.86
N TRP A 607 -8.00 17.87 -75.71
CA TRP A 607 -8.84 18.19 -76.85
C TRP A 607 -8.82 19.68 -77.21
N ASP A 608 -8.55 20.57 -76.25
CA ASP A 608 -8.40 22.00 -76.50
C ASP A 608 -6.97 22.38 -76.17
N GLU A 609 -6.04 21.99 -77.06
CA GLU A 609 -4.61 22.13 -76.84
C GLU A 609 -4.18 23.56 -76.51
N GLN A 610 -5.03 24.55 -76.75
CA GLN A 610 -4.69 25.94 -76.45
C GLN A 610 -4.82 26.27 -74.97
N TRP A 611 -5.49 25.44 -74.19
CA TRP A 611 -5.69 25.68 -72.77
C TRP A 611 -4.76 24.80 -71.95
N LEU A 612 -4.06 25.39 -70.99
CA LEU A 612 -3.29 24.65 -70.02
C LEU A 612 -4.13 24.38 -68.78
N ILE A 613 -3.82 23.27 -68.11
CA ILE A 613 -4.45 22.92 -66.84
C ILE A 613 -3.68 23.59 -65.71
N GLU A 614 -4.40 24.25 -64.81
CA GLU A 614 -3.77 24.95 -63.70
C GLU A 614 -3.16 23.95 -62.72
N SER A 615 -2.39 24.49 -61.76
CA SER A 615 -1.65 23.63 -60.85
C SER A 615 -2.58 22.88 -59.90
N LEU A 616 -3.65 23.54 -59.44
CA LEU A 616 -4.59 22.95 -58.50
C LEU A 616 -5.57 21.98 -59.15
N SER A 617 -5.39 21.63 -60.42
CA SER A 617 -6.30 20.72 -61.09
C SER A 617 -5.64 19.51 -61.71
N ASP A 618 -4.34 19.55 -62.00
CA ASP A 618 -3.60 18.36 -62.41
C ASP A 618 -2.96 17.64 -61.23
N SER A 619 -3.43 17.92 -60.01
CA SER A 619 -2.78 17.49 -58.79
C SER A 619 -3.77 16.84 -57.83
N THR A 620 -4.79 16.17 -58.36
CA THR A 620 -5.85 15.66 -57.51
C THR A 620 -5.76 14.15 -57.26
N ILE A 621 -5.24 13.39 -58.22
CA ILE A 621 -5.24 11.93 -58.12
C ILE A 621 -3.87 11.37 -58.48
N TYR A 622 -2.86 12.22 -58.51
CA TYR A 622 -1.55 11.76 -58.95
C TYR A 622 -0.94 10.72 -58.00
N MET A 623 -1.53 10.52 -56.82
CA MET A 623 -1.05 9.47 -55.93
C MET A 623 -1.12 8.11 -56.60
N ALA A 624 -2.08 7.91 -57.51
CA ALA A 624 -2.14 6.65 -58.25
C ALA A 624 -0.94 6.50 -59.18
N PHE A 625 -0.46 7.61 -59.75
CA PHE A 625 0.72 7.56 -60.62
C PHE A 625 1.97 7.16 -59.84
N TYR A 626 1.97 7.42 -58.51
CA TYR A 626 3.07 6.96 -57.66
C TYR A 626 3.26 5.45 -57.76
N THR A 627 2.16 4.70 -57.79
CA THR A 627 2.23 3.24 -57.73
C THR A 627 2.89 2.64 -58.96
N VAL A 628 2.92 3.36 -60.08
CA VAL A 628 3.44 2.83 -61.33
C VAL A 628 4.64 3.60 -61.85
N ALA A 629 4.98 4.75 -61.26
CA ALA A 629 6.05 5.58 -61.80
C ALA A 629 7.41 4.86 -61.81
N HIS A 630 7.63 3.93 -60.89
CA HIS A 630 8.92 3.26 -60.85
C HIS A 630 9.10 2.33 -62.05
N LEU A 631 8.00 1.81 -62.59
CA LEU A 631 8.07 0.97 -63.77
C LEU A 631 7.83 1.74 -65.06
N LEU A 632 7.21 2.92 -64.99
CA LEU A 632 6.96 3.71 -66.20
C LEU A 632 8.21 4.48 -66.63
N GLN A 633 8.77 5.28 -65.73
CA GLN A 633 9.94 6.09 -66.06
C GLN A 633 11.17 5.79 -65.22
N GLY A 634 11.01 5.16 -64.06
CA GLY A 634 12.14 4.70 -63.28
C GLY A 634 13.16 5.75 -62.88
N GLY A 635 12.86 6.49 -61.81
CA GLY A 635 13.84 7.40 -61.24
C GLY A 635 14.05 8.68 -62.00
N ASN A 636 14.16 8.58 -63.33
CA ASN A 636 14.38 9.75 -64.18
C ASN A 636 13.24 10.74 -64.02
N LEU A 637 13.53 11.89 -63.39
CA LEU A 637 12.49 12.83 -63.01
C LEU A 637 11.67 13.26 -64.21
N HIS A 638 12.32 13.55 -65.34
CA HIS A 638 11.62 14.06 -66.51
C HIS A 638 11.01 12.95 -67.36
N GLY A 639 11.29 11.69 -67.04
CA GLY A 639 10.78 10.59 -67.84
C GLY A 639 11.36 10.55 -69.23
N GLN A 640 12.61 10.99 -69.40
CA GLN A 640 13.26 11.01 -70.71
C GLN A 640 14.16 9.80 -70.94
N ALA A 641 14.38 8.96 -69.92
CA ALA A 641 15.24 7.81 -70.06
C ALA A 641 14.41 6.60 -70.50
N GLU A 642 15.04 5.43 -70.56
CA GLU A 642 14.34 4.21 -70.92
C GLU A 642 13.30 3.85 -69.86
N SER A 643 12.36 2.99 -70.26
CA SER A 643 11.38 2.44 -69.33
C SER A 643 11.81 1.06 -68.89
N PRO A 644 11.88 0.80 -67.58
CA PRO A 644 12.32 -0.53 -67.13
C PRO A 644 11.45 -1.66 -67.65
N LEU A 645 10.14 -1.43 -67.78
CA LEU A 645 9.26 -2.40 -68.42
C LEU A 645 9.22 -2.24 -69.93
N GLY A 646 10.03 -1.34 -70.50
CA GLY A 646 10.09 -1.17 -71.94
C GLY A 646 8.78 -0.72 -72.57
N ILE A 647 8.08 0.22 -71.92
CA ILE A 647 6.82 0.74 -72.40
C ILE A 647 7.06 2.15 -72.93
N ARG A 648 6.72 2.36 -74.20
CA ARG A 648 6.93 3.66 -74.82
C ARG A 648 6.06 4.72 -74.13
N PRO A 649 6.51 5.98 -74.11
CA PRO A 649 5.69 7.03 -73.47
C PRO A 649 4.30 7.16 -74.09
N GLN A 650 4.21 7.29 -75.41
CA GLN A 650 2.92 7.46 -76.07
C GLN A 650 2.13 6.16 -76.17
N GLN A 651 2.73 5.01 -75.82
CA GLN A 651 2.02 3.75 -75.86
C GLN A 651 0.94 3.65 -74.80
N MET A 652 0.90 4.58 -73.84
CA MET A 652 -0.10 4.59 -72.78
C MET A 652 -1.33 5.35 -73.26
N THR A 653 -2.37 4.63 -73.65
CA THR A 653 -3.59 5.22 -74.15
C THR A 653 -4.63 5.32 -73.03
N LYS A 654 -5.79 5.90 -73.36
CA LYS A 654 -6.85 6.04 -72.39
C LYS A 654 -7.34 4.68 -71.90
N GLU A 655 -7.47 3.71 -72.81
CA GLU A 655 -7.90 2.37 -72.41
C GLU A 655 -6.81 1.65 -71.63
N VAL A 656 -5.54 1.92 -71.94
CA VAL A 656 -4.44 1.32 -71.17
C VAL A 656 -4.48 1.80 -69.73
N TRP A 657 -4.62 3.11 -69.53
CA TRP A 657 -4.75 3.65 -68.18
C TRP A 657 -6.00 3.09 -67.50
N ASP A 658 -7.11 3.00 -68.24
CA ASP A 658 -8.33 2.42 -67.68
C ASP A 658 -8.06 1.01 -67.14
N TYR A 659 -7.37 0.19 -67.93
CA TYR A 659 -7.08 -1.16 -67.48
C TYR A 659 -6.14 -1.16 -66.28
N VAL A 660 -5.21 -0.20 -66.23
CA VAL A 660 -4.28 -0.15 -65.11
C VAL A 660 -5.00 0.23 -63.81
N PHE A 661 -5.97 1.13 -63.88
CA PHE A 661 -6.56 1.70 -62.68
C PHE A 661 -8.00 1.30 -62.40
N PHE A 662 -8.76 0.86 -63.41
CA PHE A 662 -10.13 0.39 -63.21
C PHE A 662 -10.13 -1.14 -63.17
N LYS A 663 -10.63 -1.70 -62.07
CA LYS A 663 -10.54 -3.14 -61.87
C LYS A 663 -11.28 -3.91 -62.96
N GLU A 664 -12.57 -3.58 -63.15
CA GLU A 664 -13.40 -4.23 -64.17
C GLU A 664 -13.21 -3.62 -65.55
N ALA A 665 -12.02 -3.08 -65.85
CA ALA A 665 -11.77 -2.56 -67.18
C ALA A 665 -11.23 -3.66 -68.10
N PRO A 666 -11.60 -3.64 -69.38
CA PRO A 666 -11.13 -4.69 -70.29
C PRO A 666 -9.73 -4.43 -70.80
N PHE A 667 -8.99 -5.51 -70.99
CA PHE A 667 -7.66 -5.41 -71.58
C PHE A 667 -7.81 -4.95 -73.02
N PRO A 668 -7.28 -3.78 -73.38
CA PRO A 668 -7.50 -3.24 -74.72
C PRO A 668 -6.40 -3.62 -75.69
N LYS A 669 -6.66 -3.36 -76.98
CA LYS A 669 -5.69 -3.63 -78.02
C LYS A 669 -4.48 -2.70 -77.85
N THR A 670 -3.37 -3.27 -77.40
CA THR A 670 -2.14 -2.50 -77.22
C THR A 670 -0.96 -3.43 -77.47
N GLN A 671 0.10 -2.89 -78.07
CA GLN A 671 1.31 -3.67 -78.32
C GLN A 671 2.06 -4.03 -77.06
N ILE A 672 1.58 -3.61 -75.89
CA ILE A 672 2.19 -3.96 -74.63
C ILE A 672 1.86 -5.41 -74.30
N ALA A 673 2.86 -6.15 -73.81
CA ALA A 673 2.61 -7.50 -73.31
C ALA A 673 1.73 -7.44 -72.07
N LYS A 674 0.98 -8.53 -71.83
CA LYS A 674 0.04 -8.54 -70.73
C LYS A 674 0.76 -8.51 -69.38
N GLU A 675 2.00 -8.98 -69.31
CA GLU A 675 2.71 -9.02 -68.03
C GLU A 675 3.01 -7.62 -67.52
N LYS A 676 3.40 -6.70 -68.40
CA LYS A 676 3.74 -5.34 -67.97
C LYS A 676 2.51 -4.64 -67.38
N LEU A 677 1.40 -4.66 -68.11
CA LEU A 677 0.18 -4.03 -67.63
C LEU A 677 -0.35 -4.73 -66.38
N ASP A 678 -0.19 -6.05 -66.32
CA ASP A 678 -0.61 -6.77 -65.12
C ASP A 678 0.21 -6.35 -63.91
N GLN A 679 1.51 -6.12 -64.10
CA GLN A 679 2.36 -5.70 -62.99
C GLN A 679 2.00 -4.29 -62.54
N LEU A 680 1.71 -3.39 -63.49
CA LEU A 680 1.26 -2.06 -63.12
C LEU A 680 -0.05 -2.12 -62.34
N LYS A 681 -1.00 -2.91 -62.83
CA LYS A 681 -2.29 -3.04 -62.16
C LYS A 681 -2.11 -3.66 -60.77
N GLN A 682 -1.18 -4.60 -60.64
CA GLN A 682 -0.88 -5.17 -59.33
C GLN A 682 -0.37 -4.11 -58.37
N GLU A 683 0.59 -3.30 -58.83
CA GLU A 683 1.13 -2.23 -57.99
C GLU A 683 0.01 -1.30 -57.51
N PHE A 684 -0.84 -0.86 -58.43
CA PHE A 684 -1.89 0.07 -58.05
C PHE A 684 -2.90 -0.58 -57.09
N GLU A 685 -3.41 -1.76 -57.45
CA GLU A 685 -4.42 -2.41 -56.62
C GLU A 685 -3.86 -2.77 -55.25
N PHE A 686 -2.55 -2.98 -55.14
CA PHE A 686 -1.96 -3.33 -53.86
C PHE A 686 -1.76 -2.10 -52.98
N TRP A 687 -1.20 -1.03 -53.56
CA TRP A 687 -0.84 0.11 -52.73
C TRP A 687 -2.04 1.00 -52.37
N TYR A 688 -3.00 1.13 -53.28
CA TYR A 688 -4.13 2.00 -53.01
C TYR A 688 -5.08 1.35 -52.00
N PRO A 689 -5.86 2.17 -51.27
CA PRO A 689 -5.93 3.63 -51.33
C PRO A 689 -4.82 4.33 -50.56
N VAL A 690 -4.85 5.66 -50.53
CA VAL A 690 -3.88 6.45 -49.78
C VAL A 690 -4.27 6.40 -48.31
N ASP A 691 -3.43 5.78 -47.49
CA ASP A 691 -3.74 5.67 -46.06
C ASP A 691 -3.66 7.02 -45.36
N LEU A 692 -2.70 7.86 -45.75
CA LEU A 692 -2.47 9.11 -45.04
C LEU A 692 -1.94 10.16 -46.01
N ARG A 693 -2.43 11.38 -45.85
CA ARG A 693 -1.91 12.54 -46.55
C ARG A 693 -1.75 13.66 -45.53
N VAL A 694 -0.53 14.10 -45.31
CA VAL A 694 -0.24 15.15 -44.33
C VAL A 694 -0.01 16.45 -45.07
N SER A 695 -0.46 17.57 -44.48
CA SER A 695 -0.34 18.84 -45.17
C SER A 695 -0.47 19.98 -44.17
N GLY A 696 0.07 21.13 -44.54
CA GLY A 696 -0.31 22.35 -43.87
C GLY A 696 -1.78 22.66 -44.08
N LYS A 697 -2.38 23.29 -43.07
CA LYS A 697 -3.82 23.54 -43.11
C LYS A 697 -4.24 24.46 -44.26
N ASP A 698 -3.30 25.13 -44.92
CA ASP A 698 -3.65 26.01 -46.03
C ASP A 698 -4.24 25.24 -47.22
N LEU A 699 -3.96 23.95 -47.34
CA LEU A 699 -4.42 23.16 -48.48
C LEU A 699 -5.77 22.50 -48.27
N VAL A 700 -6.36 22.64 -47.09
CA VAL A 700 -7.68 22.07 -46.82
C VAL A 700 -8.75 22.77 -47.65
N PRO A 701 -8.81 24.12 -47.70
CA PRO A 701 -9.89 24.76 -48.45
C PRO A 701 -9.75 24.69 -49.97
N ASN A 702 -8.68 24.10 -50.51
CA ASN A 702 -8.59 23.95 -51.96
C ASN A 702 -8.12 22.56 -52.37
N HIS A 703 -6.82 22.29 -52.29
CA HIS A 703 -6.26 21.09 -52.90
C HIS A 703 -6.89 19.81 -52.34
N LEU A 704 -7.03 19.71 -51.02
CA LEU A 704 -7.49 18.45 -50.43
C LEU A 704 -8.97 18.21 -50.71
N SER A 705 -9.76 19.29 -50.81
CA SER A 705 -11.15 19.14 -51.21
C SER A 705 -11.26 18.64 -52.64
N TYR A 706 -10.47 19.22 -53.57
CA TYR A 706 -10.48 18.72 -54.94
C TYR A 706 -9.95 17.29 -55.01
N TYR A 707 -9.06 16.94 -54.08
CA TYR A 707 -8.54 15.58 -53.96
C TYR A 707 -9.66 14.58 -53.66
N LEU A 708 -10.46 14.87 -52.63
CA LEU A 708 -11.64 14.07 -52.35
C LEU A 708 -12.60 14.04 -53.54
N TYR A 709 -12.89 15.20 -54.12
CA TYR A 709 -13.81 15.29 -55.26
C TYR A 709 -13.37 14.38 -56.41
N ASN A 710 -12.12 14.51 -56.84
CA ASN A 710 -11.65 13.76 -57.99
C ASN A 710 -11.51 12.28 -57.68
N HIS A 711 -11.22 11.91 -56.43
CA HIS A 711 -11.23 10.49 -56.10
C HIS A 711 -12.64 9.92 -56.21
N VAL A 712 -13.64 10.66 -55.71
CA VAL A 712 -15.02 10.23 -55.87
C VAL A 712 -15.38 10.14 -57.35
N ALA A 713 -14.83 11.03 -58.18
CA ALA A 713 -15.23 11.08 -59.58
C ALA A 713 -14.55 10.01 -60.43
N MET A 714 -13.33 9.61 -60.08
CA MET A 714 -12.60 8.63 -60.89
C MET A 714 -12.99 7.20 -60.53
N TRP A 715 -13.23 6.92 -59.25
CA TRP A 715 -13.62 5.61 -58.77
C TRP A 715 -14.96 5.73 -58.04
N PRO A 716 -16.04 6.00 -58.77
CA PRO A 716 -17.33 6.27 -58.12
C PRO A 716 -18.01 5.03 -57.56
N GLU A 717 -17.53 3.83 -57.90
CA GLU A 717 -18.12 2.59 -57.41
C GLU A 717 -17.31 1.96 -56.29
N GLN A 718 -16.11 2.45 -56.02
CA GLN A 718 -15.19 1.82 -55.08
C GLN A 718 -14.83 2.82 -53.99
N SER A 719 -15.69 2.92 -52.97
CA SER A 719 -15.35 3.73 -51.81
C SER A 719 -14.12 3.22 -51.09
N ASP A 720 -13.75 1.95 -51.30
CA ASP A 720 -12.54 1.39 -50.72
C ASP A 720 -11.26 1.91 -51.37
N LYS A 721 -11.37 2.74 -52.41
CA LYS A 721 -10.21 3.37 -53.02
C LYS A 721 -10.17 4.87 -52.77
N TRP A 722 -11.13 5.40 -52.05
CA TRP A 722 -11.13 6.80 -51.66
C TRP A 722 -10.14 7.01 -50.52
N PRO A 723 -9.66 8.24 -50.33
CA PRO A 723 -8.68 8.51 -49.28
C PRO A 723 -9.19 8.11 -47.91
N THR A 724 -8.26 7.69 -47.06
CA THR A 724 -8.58 7.19 -45.72
C THR A 724 -8.42 8.25 -44.65
N ALA A 725 -7.26 8.90 -44.59
CA ALA A 725 -6.97 9.86 -43.54
C ALA A 725 -6.22 11.06 -44.11
N VAL A 726 -6.56 12.23 -43.60
CA VAL A 726 -5.84 13.47 -43.91
C VAL A 726 -5.48 14.13 -42.59
N ARG A 727 -4.22 14.53 -42.46
CA ARG A 727 -3.74 15.17 -41.24
C ARG A 727 -3.19 16.54 -41.57
N ALA A 728 -3.84 17.57 -41.04
CA ALA A 728 -3.40 18.95 -41.21
C ALA A 728 -2.58 19.38 -39.99
N ASN A 729 -1.52 20.13 -40.24
CA ASN A 729 -0.71 20.73 -39.20
C ASN A 729 -0.65 22.23 -39.42
N GLY A 730 -0.04 22.93 -38.47
CA GLY A 730 0.14 24.35 -38.58
C GLY A 730 1.30 24.71 -39.48
N HIS A 731 1.49 26.01 -39.65
CA HIS A 731 2.67 26.51 -40.35
C HIS A 731 3.81 26.69 -39.37
N LEU A 732 5.03 26.50 -39.85
CA LEU A 732 6.19 26.45 -38.98
C LEU A 732 6.66 27.85 -38.65
N LEU A 733 6.68 28.18 -37.36
CA LEU A 733 7.42 29.33 -36.87
C LEU A 733 8.87 28.94 -36.62
N LEU A 734 9.75 29.93 -36.65
CA LEU A 734 11.16 29.74 -36.34
C LEU A 734 11.53 30.67 -35.20
N ASN A 735 11.98 30.08 -34.08
CA ASN A 735 12.30 30.85 -32.87
C ASN A 735 11.13 31.74 -32.45
N SER A 736 9.91 31.19 -32.56
CA SER A 736 8.65 31.82 -32.19
C SER A 736 8.27 32.99 -33.10
N GLU A 737 8.91 33.14 -34.25
CA GLU A 737 8.60 34.23 -35.16
C GLU A 737 8.23 33.68 -36.53
N LYS A 738 7.52 34.49 -37.31
CA LYS A 738 7.17 34.09 -38.67
C LYS A 738 8.42 33.90 -39.49
N MET A 739 8.46 32.81 -40.25
CA MET A 739 9.63 32.43 -41.05
C MET A 739 9.54 33.15 -42.39
N SER A 740 10.24 34.27 -42.51
CA SER A 740 10.23 35.07 -43.73
C SER A 740 11.63 35.54 -44.04
N LYS A 741 12.03 35.43 -45.31
CA LYS A 741 13.34 35.91 -45.71
C LYS A 741 13.50 37.41 -45.47
N SER A 742 12.40 38.16 -45.59
CA SER A 742 12.46 39.62 -45.45
C SER A 742 12.88 40.05 -44.06
N THR A 743 12.66 39.21 -43.05
CA THR A 743 13.05 39.51 -41.68
C THR A 743 14.34 38.81 -41.26
N GLY A 744 14.99 38.09 -42.17
CA GLY A 744 16.19 37.36 -41.83
C GLY A 744 15.96 36.16 -40.96
N ASN A 745 14.72 35.75 -40.77
CA ASN A 745 14.34 34.63 -39.92
C ASN A 745 13.91 33.49 -40.85
N PHE A 746 14.90 32.80 -41.42
CA PHE A 746 14.59 31.85 -42.47
C PHE A 746 15.66 30.76 -42.53
N LEU A 747 15.21 29.56 -42.88
CA LEU A 747 16.12 28.41 -42.97
C LEU A 747 15.60 27.47 -44.05
N THR A 748 16.43 27.22 -45.05
CA THR A 748 16.10 26.18 -46.02
C THR A 748 16.50 24.82 -45.48
N LEU A 749 15.94 23.77 -46.08
CA LEU A 749 16.23 22.41 -45.65
C LEU A 749 17.73 22.14 -45.63
N THR A 750 18.43 22.54 -46.70
CA THR A 750 19.86 22.29 -46.76
C THR A 750 20.61 23.12 -45.71
N GLN A 751 20.17 24.36 -45.46
CA GLN A 751 20.79 25.16 -44.40
C GLN A 751 20.52 24.56 -43.02
N ALA A 752 19.27 24.13 -42.79
CA ALA A 752 18.93 23.52 -41.50
C ALA A 752 19.75 22.27 -41.25
N ILE A 753 19.94 21.44 -42.29
CA ILE A 753 20.80 20.27 -42.14
C ILE A 753 22.22 20.71 -41.84
N ASP A 754 22.75 21.65 -42.62
CA ASP A 754 24.11 22.16 -42.37
C ASP A 754 24.29 22.58 -40.92
N LYS A 755 23.25 23.14 -40.30
CA LYS A 755 23.39 23.71 -38.97
C LYS A 755 23.16 22.69 -37.84
N PHE A 756 22.22 21.76 -38.01
CA PHE A 756 21.86 20.84 -36.92
C PHE A 756 21.96 19.36 -37.28
N SER A 757 22.63 18.99 -38.37
CA SER A 757 22.60 17.63 -38.88
C SER A 757 21.16 17.14 -39.14
N ALA A 758 21.06 16.12 -40.01
CA ALA A 758 19.78 15.49 -40.30
C ALA A 758 19.10 15.03 -39.02
N ASP A 759 19.88 14.55 -38.05
CA ASP A 759 19.27 14.04 -36.83
C ASP A 759 18.88 15.14 -35.85
N GLY A 760 19.71 16.19 -35.62
CA GLY A 760 19.30 17.23 -34.69
C GLY A 760 18.10 18.04 -35.18
N MET A 761 18.09 18.44 -36.46
CA MET A 761 16.91 19.11 -37.00
C MET A 761 15.69 18.19 -36.98
N ARG A 762 15.85 16.90 -37.32
CA ARG A 762 14.68 16.01 -37.24
C ARG A 762 14.16 15.90 -35.81
N LEU A 763 15.07 15.89 -34.83
CA LEU A 763 14.65 15.87 -33.42
C LEU A 763 13.86 17.12 -33.09
N ALA A 764 14.43 18.29 -33.36
CA ALA A 764 13.74 19.55 -33.04
C ALA A 764 12.43 19.68 -33.80
N LEU A 765 12.32 19.03 -34.96
CA LEU A 765 11.07 19.04 -35.71
C LEU A 765 10.03 18.11 -35.09
N ALA A 766 10.48 16.98 -34.52
CA ALA A 766 9.57 16.13 -33.76
C ALA A 766 8.95 16.89 -32.59
N ASP A 767 9.71 17.82 -32.01
CA ASP A 767 9.26 18.61 -30.88
C ASP A 767 8.51 19.88 -31.30
N ALA A 768 8.31 20.11 -32.59
CA ALA A 768 7.85 21.41 -33.05
C ALA A 768 6.37 21.63 -32.77
N GLY A 769 5.55 20.59 -32.91
CA GLY A 769 4.14 20.71 -32.62
C GLY A 769 3.29 19.67 -33.32
N ASP A 770 2.32 19.09 -32.61
CA ASP A 770 1.45 18.08 -33.21
C ASP A 770 -0.02 18.47 -33.14
N THR A 771 -0.32 19.76 -33.04
CA THR A 771 -1.68 20.25 -33.20
C THR A 771 -1.77 21.01 -34.52
N VAL A 772 -2.92 21.66 -34.74
CA VAL A 772 -3.08 22.50 -35.93
C VAL A 772 -2.63 23.93 -35.67
N GLU A 773 -2.52 24.34 -34.40
CA GLU A 773 -1.89 25.62 -34.09
C GLU A 773 -0.47 25.66 -34.64
N ASP A 774 0.04 26.88 -34.85
CA ASP A 774 1.34 27.08 -35.45
C ASP A 774 2.42 26.28 -34.72
N ALA A 775 3.23 25.56 -35.48
CA ALA A 775 4.36 24.84 -34.92
C ALA A 775 5.56 25.77 -34.75
N ASN A 776 6.45 25.40 -33.83
CA ASN A 776 7.59 26.24 -33.48
C ASN A 776 8.87 25.41 -33.49
N PHE A 777 9.77 25.73 -34.41
CA PHE A 777 11.11 25.17 -34.44
C PHE A 777 12.04 26.11 -33.68
N VAL A 778 12.54 25.67 -32.54
CA VAL A 778 13.40 26.47 -31.68
C VAL A 778 14.84 25.97 -31.82
N GLU A 779 15.74 26.86 -32.24
CA GLU A 779 17.11 26.46 -32.53
C GLU A 779 17.87 26.08 -31.25
N ALA A 780 17.60 26.77 -30.14
CA ALA A 780 18.25 26.41 -28.89
C ALA A 780 17.92 24.98 -28.47
N MET A 781 16.65 24.58 -28.63
CA MET A 781 16.27 23.20 -28.32
C MET A 781 16.99 22.22 -29.24
N ALA A 782 17.19 22.60 -30.50
CA ALA A 782 17.94 21.73 -31.41
C ALA A 782 19.39 21.58 -30.96
N ASP A 783 20.00 22.67 -30.47
CA ASP A 783 21.37 22.57 -29.95
C ASP A 783 21.42 21.67 -28.73
N ALA A 784 20.47 21.84 -27.81
CA ALA A 784 20.43 21.00 -26.62
C ALA A 784 20.24 19.53 -26.99
N GLY A 785 19.39 19.26 -27.99
CA GLY A 785 19.20 17.90 -28.44
C GLY A 785 20.43 17.31 -29.10
N ILE A 786 21.19 18.14 -29.82
CA ILE A 786 22.45 17.69 -30.39
C ILE A 786 23.41 17.28 -29.28
N LEU A 787 23.51 18.13 -28.23
CA LEU A 787 24.36 17.78 -27.10
C LEU A 787 23.92 16.48 -26.46
N ARG A 788 22.61 16.30 -26.24
CA ARG A 788 22.14 15.10 -25.58
C ARG A 788 22.37 13.86 -26.43
N LEU A 789 22.17 13.97 -27.76
CA LEU A 789 22.43 12.84 -28.63
C LEU A 789 23.90 12.46 -28.60
N TYR A 790 24.79 13.45 -28.59
CA TYR A 790 26.22 13.17 -28.56
C TYR A 790 26.61 12.46 -27.26
N THR A 791 26.14 12.98 -26.12
CA THR A 791 26.46 12.34 -24.85
C THR A 791 25.83 10.96 -24.74
N TRP A 792 24.66 10.74 -25.37
CA TRP A 792 24.04 9.42 -25.37
C TRP A 792 24.88 8.42 -26.16
N VAL A 793 25.42 8.84 -27.31
CA VAL A 793 26.31 7.97 -28.07
C VAL A 793 27.58 7.68 -27.28
N GLU A 794 28.11 8.71 -26.61
CA GLU A 794 29.27 8.51 -25.74
C GLU A 794 28.97 7.47 -24.66
N TRP A 795 27.79 7.56 -24.06
CA TRP A 795 27.43 6.63 -22.99
C TRP A 795 27.28 5.22 -23.51
N VAL A 796 26.70 5.05 -24.70
CA VAL A 796 26.58 3.71 -25.28
C VAL A 796 27.96 3.13 -25.57
N LYS A 797 28.87 3.96 -26.09
CA LYS A 797 30.24 3.51 -26.31
C LYS A 797 30.89 3.08 -24.99
N GLU A 798 30.72 3.91 -23.95
CA GLU A 798 31.29 3.61 -22.65
C GLU A 798 30.76 2.29 -22.09
N MET A 799 29.46 2.03 -22.27
CA MET A 799 28.88 0.79 -21.77
C MET A 799 29.38 -0.41 -22.56
N VAL A 800 29.52 -0.28 -23.88
CA VAL A 800 30.06 -1.38 -24.66
C VAL A 800 31.50 -1.66 -24.26
N ALA A 801 32.25 -0.62 -23.88
CA ALA A 801 33.64 -0.80 -23.46
C ALA A 801 33.72 -1.53 -22.13
N ASN A 802 32.89 -1.16 -21.17
CA ASN A 802 32.87 -1.81 -19.86
C ASN A 802 31.77 -2.85 -19.78
N TRP A 803 31.64 -3.69 -20.81
CA TRP A 803 30.64 -4.76 -20.80
C TRP A 803 30.81 -5.65 -19.57
N ASP A 804 32.04 -5.96 -19.19
CA ASP A 804 32.32 -6.86 -18.09
C ASP A 804 32.39 -6.17 -16.74
N SER A 805 32.44 -4.84 -16.70
CA SER A 805 32.40 -4.12 -15.44
C SER A 805 30.98 -3.99 -14.89
N LEU A 806 29.99 -4.57 -15.56
CA LEU A 806 28.59 -4.46 -15.15
C LEU A 806 28.15 -5.73 -14.44
N ARG A 807 27.31 -5.56 -13.41
CA ARG A 807 26.82 -6.70 -12.64
C ARG A 807 25.95 -7.60 -13.49
N SER A 808 26.13 -8.91 -13.31
CA SER A 808 25.38 -9.93 -14.04
C SER A 808 24.65 -10.83 -13.06
N GLY A 809 24.03 -11.89 -13.59
CA GLY A 809 23.27 -12.82 -12.78
C GLY A 809 21.78 -12.62 -12.94
N PRO A 810 21.02 -12.76 -11.85
CA PRO A 810 19.59 -12.49 -11.90
C PRO A 810 19.26 -11.04 -11.57
N ALA A 811 18.51 -10.36 -12.44
CA ALA A 811 18.11 -8.99 -12.20
C ALA A 811 17.03 -8.92 -11.11
N SER A 812 17.46 -8.85 -9.85
CA SER A 812 16.55 -9.01 -8.72
C SER A 812 16.40 -7.77 -7.85
N THR A 813 17.38 -6.87 -7.84
CA THR A 813 17.36 -5.77 -6.88
C THR A 813 16.13 -4.88 -7.07
N PHE A 814 15.79 -4.15 -6.00
CA PHE A 814 14.65 -3.24 -6.05
C PHE A 814 14.80 -2.24 -7.19
N ASN A 815 16.01 -1.72 -7.38
CA ASN A 815 16.27 -0.77 -8.46
C ASN A 815 16.10 -1.40 -9.83
N ASP A 816 16.58 -2.65 -9.99
CA ASP A 816 16.37 -3.37 -11.24
C ASP A 816 14.90 -3.47 -11.59
N ARG A 817 14.07 -3.83 -10.59
CA ARG A 817 12.65 -4.01 -10.83
C ARG A 817 11.98 -2.68 -11.16
N VAL A 818 12.28 -1.64 -10.38
CA VAL A 818 11.75 -0.31 -10.67
C VAL A 818 12.07 0.10 -12.11
N PHE A 819 13.34 -0.06 -12.50
CA PHE A 819 13.76 0.40 -13.81
C PHE A 819 13.12 -0.41 -14.93
N ALA A 820 12.99 -1.73 -14.75
CA ALA A 820 12.33 -2.55 -15.76
C ALA A 820 10.87 -2.16 -15.94
N SER A 821 10.17 -1.89 -14.83
CA SER A 821 8.79 -1.45 -14.94
C SER A 821 8.69 -0.10 -15.65
N GLU A 822 9.57 0.84 -15.28
CA GLU A 822 9.57 2.15 -15.93
C GLU A 822 9.84 2.02 -17.43
N LEU A 823 10.75 1.11 -17.80
CA LEU A 823 11.07 0.91 -19.21
C LEU A 823 9.87 0.38 -19.98
N ASN A 824 9.19 -0.62 -19.42
CA ASN A 824 8.01 -1.15 -20.09
C ASN A 824 6.90 -0.10 -20.19
N ALA A 825 6.74 0.71 -19.14
CA ALA A 825 5.74 1.77 -19.19
C ALA A 825 6.08 2.80 -20.27
N GLY A 826 7.36 3.13 -20.41
CA GLY A 826 7.78 4.02 -21.48
C GLY A 826 7.48 3.45 -22.85
N ILE A 827 7.73 2.14 -23.03
CA ILE A 827 7.41 1.50 -24.30
C ILE A 827 5.92 1.66 -24.62
N ILE A 828 5.07 1.37 -23.63
CA ILE A 828 3.63 1.40 -23.87
C ILE A 828 3.15 2.81 -24.19
N LYS A 829 3.57 3.78 -23.38
CA LYS A 829 3.22 5.18 -23.62
C LYS A 829 3.67 5.65 -24.99
N THR A 830 4.91 5.30 -25.38
CA THR A 830 5.44 5.79 -26.65
C THR A 830 4.75 5.14 -27.84
N ASP A 831 4.41 3.86 -27.73
CA ASP A 831 3.63 3.22 -28.78
C ASP A 831 2.28 3.92 -28.94
N GLN A 832 1.60 4.20 -27.83
CA GLN A 832 0.31 4.88 -27.91
C GLN A 832 0.47 6.26 -28.54
N ASN A 833 1.51 7.00 -28.16
CA ASN A 833 1.71 8.32 -28.74
C ASN A 833 1.96 8.23 -30.24
N TYR A 834 2.72 7.23 -30.67
CA TYR A 834 2.98 7.07 -32.10
C TYR A 834 1.71 6.73 -32.87
N GLU A 835 0.85 5.89 -32.30
CA GLU A 835 -0.42 5.59 -32.97
C GLU A 835 -1.24 6.86 -33.17
N LYS A 836 -1.26 7.74 -32.18
CA LYS A 836 -2.00 8.99 -32.26
C LYS A 836 -1.28 10.06 -33.07
N MET A 837 -0.05 9.79 -33.52
CA MET A 837 0.77 10.76 -34.24
C MET A 837 1.03 12.01 -33.44
N MET A 838 1.10 11.88 -32.11
CA MET A 838 1.54 12.98 -31.25
C MET A 838 3.05 12.86 -31.10
N PHE A 839 3.76 13.27 -32.15
CA PHE A 839 5.18 12.99 -32.23
C PHE A 839 5.97 13.75 -31.17
N LYS A 840 5.51 14.94 -30.79
CA LYS A 840 6.13 15.63 -29.67
C LYS A 840 5.93 14.86 -28.37
N GLU A 841 4.73 14.31 -28.18
CA GLU A 841 4.46 13.53 -26.98
C GLU A 841 5.23 12.22 -27.00
N ALA A 842 5.37 11.61 -28.17
CA ALA A 842 6.19 10.41 -28.30
C ALA A 842 7.65 10.71 -28.00
N LEU A 843 8.15 11.89 -28.40
CA LEU A 843 9.51 12.27 -28.05
C LEU A 843 9.64 12.51 -26.55
N LYS A 844 8.61 13.10 -25.93
CA LYS A 844 8.64 13.30 -24.48
C LYS A 844 8.74 11.96 -23.74
N THR A 845 7.83 11.03 -24.04
CA THR A 845 7.78 9.79 -23.27
C THR A 845 8.86 8.79 -23.69
N GLY A 846 9.28 8.82 -24.94
CA GLY A 846 10.21 7.85 -25.49
C GLY A 846 11.65 8.28 -25.55
N PHE A 847 11.95 9.50 -25.13
CA PHE A 847 13.34 9.95 -25.11
C PHE A 847 13.65 10.66 -23.81
N PHE A 848 13.06 11.84 -23.60
CA PHE A 848 13.39 12.64 -22.43
C PHE A 848 13.04 11.89 -21.14
N GLU A 849 11.83 11.32 -21.08
CA GLU A 849 11.43 10.58 -19.88
C GLU A 849 12.13 9.23 -19.80
N PHE A 850 12.34 8.58 -20.95
CA PHE A 850 13.14 7.36 -20.99
C PHE A 850 14.55 7.60 -20.43
N GLN A 851 15.19 8.67 -20.91
CA GLN A 851 16.51 9.03 -20.40
C GLN A 851 16.45 9.41 -18.93
N ALA A 852 15.36 10.01 -18.47
CA ALA A 852 15.23 10.32 -17.06
C ALA A 852 15.18 9.05 -16.22
N ALA A 853 14.45 8.04 -16.69
CA ALA A 853 14.40 6.76 -15.99
C ALA A 853 15.77 6.09 -15.95
N LYS A 854 16.49 6.12 -17.07
CA LYS A 854 17.83 5.53 -17.07
C LYS A 854 18.78 6.29 -16.16
N ASP A 855 18.71 7.63 -16.16
CA ASP A 855 19.58 8.40 -15.29
C ASP A 855 19.28 8.12 -13.82
N LYS A 856 18.00 8.00 -13.48
CA LYS A 856 17.64 7.67 -12.10
C LYS A 856 18.13 6.28 -11.72
N TYR A 857 17.95 5.31 -12.61
CA TYR A 857 18.43 3.95 -12.36
C TYR A 857 19.94 3.93 -12.14
N ARG A 858 20.68 4.73 -12.91
CA ARG A 858 22.12 4.80 -12.71
C ARG A 858 22.46 5.47 -11.39
N GLU A 859 21.76 6.55 -11.05
CA GLU A 859 22.04 7.27 -9.82
C GLU A 859 21.80 6.39 -8.59
N LEU A 860 20.78 5.53 -8.65
CA LEU A 860 20.41 4.77 -7.47
C LEU A 860 21.08 3.40 -7.38
N ALA A 861 21.59 2.87 -8.48
CA ALA A 861 22.24 1.56 -8.44
C ALA A 861 23.57 1.65 -7.70
N VAL A 862 23.54 1.35 -6.40
CA VAL A 862 24.76 1.42 -5.60
C VAL A 862 25.72 0.30 -5.98
N GLU A 863 25.19 -0.91 -6.18
CA GLU A 863 26.00 -2.06 -6.56
C GLU A 863 26.22 -2.16 -8.07
N GLY A 864 26.24 -1.03 -8.77
CA GLY A 864 26.42 -1.02 -10.21
C GLY A 864 25.19 -1.45 -10.99
N MET A 865 25.01 -0.90 -12.19
CA MET A 865 23.85 -1.25 -12.99
C MET A 865 23.98 -2.66 -13.55
N HIS A 866 22.84 -3.34 -13.65
CA HIS A 866 22.81 -4.70 -14.19
C HIS A 866 23.02 -4.65 -15.70
N ARG A 867 23.94 -5.49 -16.19
CA ARG A 867 24.34 -5.45 -17.59
C ARG A 867 23.15 -5.66 -18.52
N GLU A 868 22.39 -6.73 -18.29
CA GLU A 868 21.30 -7.06 -19.20
C GLU A 868 20.23 -5.97 -19.23
N LEU A 869 19.99 -5.34 -18.08
CA LEU A 869 19.03 -4.24 -18.05
C LEU A 869 19.55 -3.02 -18.82
N VAL A 870 20.84 -2.71 -18.67
CA VAL A 870 21.44 -1.60 -19.40
C VAL A 870 21.30 -1.82 -20.90
N PHE A 871 21.57 -3.04 -21.37
CA PHE A 871 21.56 -3.24 -22.81
C PHE A 871 20.16 -3.43 -23.36
N ARG A 872 19.23 -3.96 -22.55
CA ARG A 872 17.82 -3.88 -22.94
C ARG A 872 17.39 -2.43 -23.10
N PHE A 873 17.79 -1.56 -22.17
CA PHE A 873 17.43 -0.15 -22.30
C PHE A 873 18.04 0.45 -23.56
N ILE A 874 19.30 0.15 -23.85
CA ILE A 874 19.93 0.74 -25.02
C ILE A 874 19.22 0.28 -26.29
N GLU A 875 18.95 -1.02 -26.39
CA GLU A 875 18.22 -1.55 -27.53
C GLU A 875 16.87 -0.87 -27.70
N VAL A 876 16.09 -0.81 -26.61
CA VAL A 876 14.72 -0.29 -26.71
C VAL A 876 14.73 1.21 -26.96
N GLN A 877 15.64 1.95 -26.32
CA GLN A 877 15.74 3.38 -26.56
C GLN A 877 16.13 3.66 -28.00
N THR A 878 17.03 2.85 -28.56
CA THR A 878 17.39 3.00 -29.96
C THR A 878 16.21 2.70 -30.86
N LEU A 879 15.38 1.72 -30.48
CA LEU A 879 14.20 1.41 -31.27
C LEU A 879 13.14 2.50 -31.17
N LEU A 880 13.01 3.15 -30.02
CA LEU A 880 12.00 4.18 -29.84
C LEU A 880 12.41 5.50 -30.48
N LEU A 881 13.71 5.80 -30.49
CA LEU A 881 14.20 7.03 -31.11
C LEU A 881 14.34 6.91 -32.61
N ALA A 882 14.36 5.69 -33.15
CA ALA A 882 14.74 5.48 -34.55
C ALA A 882 13.87 6.24 -35.55
N PRO A 883 12.54 6.27 -35.45
CA PRO A 883 11.77 7.08 -36.41
C PRO A 883 12.13 8.56 -36.40
N PHE A 884 12.67 9.08 -35.30
CA PHE A 884 13.09 10.48 -35.27
C PHE A 884 14.52 10.67 -35.75
N CYS A 885 15.45 9.84 -35.26
CA CYS A 885 16.87 9.97 -35.57
C CYS A 885 17.39 8.64 -36.08
N PRO A 886 17.03 8.27 -37.32
CA PRO A 886 17.40 6.93 -37.82
C PRO A 886 18.88 6.74 -38.08
N HIS A 887 19.63 7.82 -38.31
CA HIS A 887 21.06 7.67 -38.56
C HIS A 887 21.81 7.31 -37.29
N LEU A 888 21.65 8.10 -36.24
CA LEU A 888 22.23 7.78 -34.94
C LEU A 888 21.81 6.41 -34.48
N CYS A 889 20.53 6.06 -34.66
CA CYS A 889 20.04 4.80 -34.15
C CYS A 889 20.57 3.63 -34.96
N GLU A 890 20.75 3.80 -36.27
CA GLU A 890 21.42 2.76 -37.06
C GLU A 890 22.87 2.59 -36.64
N HIS A 891 23.56 3.70 -36.39
CA HIS A 891 24.94 3.64 -35.92
C HIS A 891 25.03 2.87 -34.60
N ILE A 892 24.14 3.17 -33.66
CA ILE A 892 24.15 2.49 -32.38
C ILE A 892 23.75 1.02 -32.55
N TRP A 893 22.83 0.74 -33.47
CA TRP A 893 22.45 -0.64 -33.77
C TRP A 893 23.65 -1.46 -34.20
N THR A 894 24.46 -0.91 -35.12
CA THR A 894 25.68 -1.61 -35.52
C THR A 894 26.70 -1.64 -34.38
N LEU A 895 26.74 -0.59 -33.56
CA LEU A 895 27.66 -0.57 -32.42
C LEU A 895 27.34 -1.65 -31.41
N LEU A 896 26.09 -2.09 -31.34
CA LEU A 896 25.72 -3.23 -30.49
C LEU A 896 26.13 -4.57 -31.08
N GLY A 897 26.71 -4.58 -32.28
CA GLY A 897 27.05 -5.84 -32.92
C GLY A 897 25.84 -6.59 -33.44
N LYS A 898 24.85 -5.87 -33.97
CA LYS A 898 23.67 -6.52 -34.51
C LYS A 898 23.95 -7.01 -35.94
N PRO A 899 23.41 -8.16 -36.30
CA PRO A 899 23.62 -8.66 -37.68
C PRO A 899 22.98 -7.78 -38.73
N ASP A 900 21.68 -7.55 -38.62
CA ASP A 900 20.94 -6.81 -39.64
C ASP A 900 20.88 -5.32 -39.31
N SER A 901 20.32 -4.56 -40.24
CA SER A 901 20.08 -3.14 -40.05
C SER A 901 18.85 -2.92 -39.17
N ILE A 902 18.82 -1.77 -38.49
CA ILE A 902 17.69 -1.42 -37.65
C ILE A 902 16.42 -1.26 -38.49
N MET A 903 16.55 -1.05 -39.79
CA MET A 903 15.38 -0.96 -40.66
C MET A 903 14.71 -2.31 -40.87
N ASN A 904 15.24 -3.37 -40.28
CA ASN A 904 14.57 -4.66 -40.23
C ASN A 904 14.06 -5.02 -38.84
N ALA A 905 14.38 -4.21 -37.83
CA ALA A 905 13.96 -4.51 -36.47
C ALA A 905 12.45 -4.40 -36.34
N SER A 906 11.94 -4.85 -35.20
CA SER A 906 10.52 -4.80 -34.89
C SER A 906 10.30 -4.03 -33.58
N TRP A 907 9.06 -3.64 -33.36
CA TRP A 907 8.74 -2.81 -32.20
C TRP A 907 9.03 -3.57 -30.91
N PRO A 908 9.65 -2.92 -29.93
CA PRO A 908 10.04 -3.65 -28.70
C PRO A 908 8.83 -4.09 -27.90
N VAL A 909 8.84 -5.35 -27.50
CA VAL A 909 7.79 -5.90 -26.64
C VAL A 909 8.00 -5.42 -25.22
N ALA A 910 6.94 -4.96 -24.59
CA ALA A 910 7.01 -4.49 -23.21
C ALA A 910 6.62 -5.62 -22.27
N GLY A 911 7.43 -5.82 -21.22
CA GLY A 911 7.11 -6.77 -20.18
C GLY A 911 6.04 -6.22 -19.26
N PRO A 912 5.93 -6.79 -18.06
CA PRO A 912 4.92 -6.32 -17.11
C PRO A 912 5.27 -4.95 -16.54
N VAL A 913 4.23 -4.24 -16.10
CA VAL A 913 4.36 -2.92 -15.50
C VAL A 913 3.72 -2.98 -14.12
N ASN A 914 4.54 -2.87 -13.07
CA ASN A 914 4.06 -2.90 -11.70
C ASN A 914 3.89 -1.46 -11.22
N GLU A 915 2.63 -1.00 -11.17
CA GLU A 915 2.36 0.37 -10.75
C GLU A 915 2.85 0.62 -9.32
N VAL A 916 2.82 -0.39 -8.46
CA VAL A 916 3.26 -0.21 -7.08
C VAL A 916 4.74 0.13 -7.03
N LEU A 917 5.54 -0.53 -7.86
CA LEU A 917 6.95 -0.20 -7.97
C LEU A 917 7.17 1.26 -8.35
N ILE A 918 6.44 1.73 -9.38
CA ILE A 918 6.62 3.10 -9.85
C ILE A 918 6.19 4.09 -8.78
N HIS A 919 5.09 3.82 -8.09
CA HIS A 919 4.65 4.72 -7.04
C HIS A 919 5.65 4.76 -5.90
N SER A 920 6.26 3.62 -5.58
CA SER A 920 7.27 3.60 -4.52
C SER A 920 8.54 4.35 -4.94
N SER A 921 8.89 4.29 -6.22
CA SER A 921 10.03 5.05 -6.70
C SER A 921 9.76 6.55 -6.64
N GLN A 922 8.54 6.96 -6.99
CA GLN A 922 8.18 8.37 -6.84
C GLN A 922 8.22 8.81 -5.39
N TYR A 923 7.72 7.97 -4.48
CA TYR A 923 7.83 8.23 -3.06
C TYR A 923 9.29 8.42 -2.65
N LEU A 924 10.17 7.56 -3.15
CA LEU A 924 11.59 7.65 -2.79
C LEU A 924 12.20 8.95 -3.32
N MET A 925 11.84 9.34 -4.55
CA MET A 925 12.26 10.64 -5.08
C MET A 925 11.86 11.77 -4.13
N GLU A 926 10.58 11.80 -3.74
CA GLU A 926 10.09 12.86 -2.88
C GLU A 926 10.81 12.86 -1.53
N VAL A 927 11.04 11.67 -0.98
CA VAL A 927 11.72 11.58 0.32
C VAL A 927 13.13 12.15 0.22
N THR A 928 13.86 11.77 -0.83
CA THR A 928 15.22 12.29 -1.00
C THR A 928 15.21 13.80 -1.19
N HIS A 929 14.23 14.31 -1.96
CA HIS A 929 14.12 15.75 -2.16
C HIS A 929 13.91 16.48 -0.83
N ASP A 930 12.98 15.97 -0.02
CA ASP A 930 12.71 16.60 1.27
C ASP A 930 13.92 16.52 2.19
N LEU A 931 14.63 15.39 2.16
CA LEU A 931 15.82 15.25 2.99
C LEU A 931 16.88 16.28 2.60
N ARG A 932 17.11 16.45 1.30
CA ARG A 932 18.11 17.43 0.86
C ARG A 932 17.67 18.85 1.17
N LEU A 933 16.37 19.13 1.13
CA LEU A 933 15.90 20.47 1.51
C LEU A 933 16.10 20.71 3.01
N ARG A 934 15.83 19.70 3.84
CA ARG A 934 16.02 19.87 5.28
C ARG A 934 17.50 19.92 5.65
N LEU A 935 18.37 19.33 4.83
CA LEU A 935 19.81 19.41 5.05
C LEU A 935 20.34 20.83 4.94
N LYS A 936 19.57 21.75 4.35
CA LYS A 936 20.03 23.11 4.08
C LYS A 936 20.40 23.88 5.35
N ASN A 937 19.88 23.47 6.51
CA ASN A 937 20.04 24.26 7.74
C ASN A 937 20.67 23.48 8.88
N TYR A 938 19.86 23.03 9.82
CA TYR A 938 20.38 22.33 10.99
C TYR A 938 20.11 20.83 10.92
N PRO A 955 25.48 18.04 9.78
CA PRO A 955 25.35 16.94 10.73
C PRO A 955 26.15 15.70 10.33
N SER A 956 25.81 14.55 10.90
CA SER A 956 26.53 13.31 10.63
C SER A 956 25.59 12.11 10.66
N HIS A 957 24.62 12.13 11.56
CA HIS A 957 23.62 11.08 11.69
C HIS A 957 22.23 11.67 11.48
N CYS A 958 21.35 10.89 10.86
CA CYS A 958 19.96 11.29 10.65
C CYS A 958 19.04 10.14 11.03
N THR A 959 17.89 10.49 11.61
CA THR A 959 16.89 9.51 12.02
C THR A 959 15.58 9.81 11.31
N ILE A 960 15.09 8.84 10.55
CA ILE A 960 13.85 8.93 9.78
C ILE A 960 12.80 8.10 10.48
N TYR A 961 11.57 8.64 10.55
CA TYR A 961 10.43 7.98 11.15
C TYR A 961 9.33 7.82 10.11
N VAL A 962 8.83 6.59 10.00
CA VAL A 962 7.85 6.20 8.98
C VAL A 962 6.60 5.68 9.68
N ALA A 963 5.45 6.24 9.32
CA ALA A 963 4.20 5.86 9.97
C ALA A 963 3.56 4.68 9.25
N LYS A 964 3.20 3.65 10.02
CA LYS A 964 2.49 2.51 9.46
C LYS A 964 1.03 2.85 9.16
N ASN A 965 0.42 3.66 10.01
CA ASN A 965 -0.97 4.05 9.87
C ASN A 965 -1.09 5.55 10.09
N TYR A 966 -2.22 6.10 9.67
CA TYR A 966 -2.51 7.49 9.96
C TYR A 966 -2.84 7.65 11.44
N PRO A 967 -2.38 8.73 12.07
CA PRO A 967 -2.76 9.01 13.46
C PRO A 967 -4.27 9.14 13.59
N PRO A 968 -4.80 9.15 14.82
CA PRO A 968 -6.27 9.11 14.98
C PRO A 968 -7.03 10.24 14.30
N TRP A 969 -6.66 11.51 14.53
CA TRP A 969 -7.43 12.60 13.95
C TRP A 969 -7.30 12.62 12.42
N GLN A 970 -6.08 12.41 11.91
CA GLN A 970 -5.90 12.30 10.47
C GLN A 970 -6.71 11.14 9.92
N HIS A 971 -6.73 10.00 10.62
CA HIS A 971 -7.49 8.85 10.13
C HIS A 971 -8.97 9.17 10.07
N THR A 972 -9.48 9.88 11.06
CA THR A 972 -10.90 10.24 11.06
C THR A 972 -11.24 11.16 9.89
N THR A 973 -10.44 12.21 9.69
CA THR A 973 -10.73 13.13 8.60
C THR A 973 -10.61 12.43 7.25
N LEU A 974 -9.60 11.56 7.10
CA LEU A 974 -9.45 10.84 5.85
C LEU A 974 -10.60 9.87 5.62
N SER A 975 -11.13 9.26 6.70
CA SER A 975 -12.29 8.40 6.57
C SER A 975 -13.52 9.20 6.12
N VAL A 976 -13.67 10.42 6.64
CA VAL A 976 -14.78 11.27 6.20
C VAL A 976 -14.64 11.58 4.70
N LEU A 977 -13.42 11.94 4.28
CA LEU A 977 -13.21 12.19 2.86
C LEU A 977 -13.50 10.95 2.02
N ARG A 978 -13.12 9.76 2.52
CA ARG A 978 -13.41 8.53 1.80
C ARG A 978 -14.92 8.30 1.69
N LYS A 979 -15.66 8.57 2.77
CA LYS A 979 -17.11 8.45 2.73
C LYS A 979 -17.71 9.36 1.67
N HIS A 980 -17.26 10.61 1.63
CA HIS A 980 -17.82 11.55 0.67
C HIS A 980 -17.39 11.23 -0.76
N PHE A 981 -16.19 10.66 -0.94
CA PHE A 981 -15.76 10.24 -2.26
C PHE A 981 -16.58 9.06 -2.76
N GLU A 982 -16.80 8.07 -1.89
CA GLU A 982 -17.63 6.92 -2.24
C GLU A 982 -19.07 7.32 -2.52
N ALA A 983 -19.52 8.45 -1.98
CA ALA A 983 -20.94 8.78 -2.01
C ALA A 983 -21.40 9.22 -3.39
N ASN A 984 -20.60 10.01 -4.10
CA ASN A 984 -21.04 10.65 -5.33
C ASN A 984 -19.97 10.56 -6.43
N ASN A 985 -19.62 9.32 -6.79
CA ASN A 985 -18.75 9.03 -7.94
C ASN A 985 -17.42 9.77 -7.88
N GLY A 986 -17.00 10.23 -6.70
CA GLY A 986 -15.68 10.79 -6.55
C GLY A 986 -15.60 12.30 -6.64
N LYS A 987 -16.55 13.00 -6.02
CA LYS A 987 -16.49 14.46 -5.92
C LYS A 987 -16.43 14.83 -4.44
N LEU A 988 -15.30 15.36 -4.01
CA LEU A 988 -15.19 15.85 -2.65
C LEU A 988 -15.95 17.16 -2.53
N PRO A 989 -16.89 17.28 -1.58
CA PRO A 989 -17.63 18.54 -1.42
C PRO A 989 -16.74 19.73 -1.11
N ASP A 990 -17.37 20.89 -0.95
CA ASP A 990 -16.63 22.12 -0.67
C ASP A 990 -15.96 22.05 0.69
N ASN A 991 -14.80 22.72 0.80
CA ASN A 991 -14.13 22.84 2.09
C ASN A 991 -15.08 23.42 3.14
N LYS A 992 -16.04 24.23 2.72
CA LYS A 992 -17.08 24.71 3.62
C LYS A 992 -17.78 23.56 4.33
N VAL A 993 -18.42 22.68 3.56
CA VAL A 993 -19.17 21.56 4.13
C VAL A 993 -18.23 20.59 4.86
N ILE A 994 -17.01 20.42 4.36
CA ILE A 994 -16.07 19.51 4.99
C ILE A 994 -15.69 20.00 6.38
N ALA A 995 -15.33 21.29 6.48
CA ALA A 995 -15.01 21.87 7.78
C ALA A 995 -16.22 21.87 8.70
N SER A 996 -17.43 22.02 8.14
CA SER A 996 -18.64 21.91 8.95
C SER A 996 -18.74 20.54 9.60
N GLU A 997 -18.68 19.49 8.77
CA GLU A 997 -18.80 18.13 9.30
C GLU A 997 -17.69 17.81 10.30
N LEU A 998 -16.46 18.23 10.00
CA LEU A 998 -15.34 17.93 10.88
C LEU A 998 -15.37 18.78 12.16
N GLY A 999 -16.05 19.92 12.15
CA GLY A 999 -16.33 20.61 13.40
C GLY A 999 -17.45 20.00 14.19
N SER A 1000 -18.34 19.23 13.54
CA SER A 1000 -19.40 18.54 14.26
C SER A 1000 -18.92 17.30 15.00
N MET A 1001 -17.65 16.87 14.84
CA MET A 1001 -17.17 15.63 15.42
C MET A 1001 -16.35 15.92 16.67
N PRO A 1002 -16.79 15.48 17.85
CA PRO A 1002 -16.17 15.96 19.10
C PRO A 1002 -14.73 15.49 19.31
N GLU A 1003 -14.30 14.41 18.64
CA GLU A 1003 -12.92 13.95 18.82
C GLU A 1003 -11.91 14.92 18.23
N LEU A 1004 -12.33 15.81 17.33
CA LEU A 1004 -11.43 16.68 16.61
C LEU A 1004 -11.32 18.07 17.24
N LYS A 1005 -11.61 18.19 18.55
CA LYS A 1005 -11.54 19.50 19.19
C LYS A 1005 -10.11 20.05 19.18
N LYS A 1006 -9.16 19.26 19.68
CA LYS A 1006 -7.77 19.67 19.77
C LYS A 1006 -7.09 19.81 18.40
N TYR A 1007 -7.78 19.57 17.29
CA TYR A 1007 -7.11 19.47 16.00
C TYR A 1007 -7.80 20.23 14.88
N MET A 1008 -8.80 21.06 15.18
CA MET A 1008 -9.54 21.73 14.11
C MET A 1008 -8.65 22.68 13.29
N LYS A 1009 -7.55 23.16 13.86
CA LYS A 1009 -6.65 24.02 13.09
C LYS A 1009 -5.85 23.20 12.07
N LYS A 1010 -5.38 22.02 12.47
CA LYS A 1010 -4.62 21.16 11.57
C LYS A 1010 -5.49 20.41 10.57
N VAL A 1011 -6.81 20.45 10.73
CA VAL A 1011 -7.70 19.60 9.94
C VAL A 1011 -7.75 20.07 8.49
N MET A 1012 -7.99 21.37 8.28
CA MET A 1012 -8.27 21.85 6.93
C MET A 1012 -7.02 21.91 6.04
N PRO A 1013 -5.85 22.26 6.57
CA PRO A 1013 -4.63 22.03 5.76
C PRO A 1013 -4.45 20.58 5.34
N PHE A 1014 -4.83 19.64 6.20
CA PHE A 1014 -4.76 18.23 5.83
C PHE A 1014 -5.70 17.92 4.67
N VAL A 1015 -6.93 18.44 4.73
CA VAL A 1015 -7.88 18.26 3.64
C VAL A 1015 -7.35 18.88 2.35
N ALA A 1016 -6.71 20.05 2.47
CA ALA A 1016 -6.15 20.71 1.30
C ALA A 1016 -5.04 19.89 0.67
N MET A 1017 -4.14 19.35 1.50
CA MET A 1017 -3.08 18.48 0.99
C MET A 1017 -3.65 17.25 0.31
N ILE A 1018 -4.69 16.65 0.91
CA ILE A 1018 -5.31 15.48 0.31
C ILE A 1018 -5.93 15.83 -1.04
N LYS A 1019 -6.63 16.97 -1.13
CA LYS A 1019 -7.23 17.37 -2.40
C LYS A 1019 -6.16 17.64 -3.46
N GLU A 1020 -5.07 18.31 -3.06
CA GLU A 1020 -3.99 18.59 -4.00
C GLU A 1020 -3.40 17.30 -4.55
N ASN A 1021 -3.03 16.36 -3.68
CA ASN A 1021 -2.44 15.12 -4.15
C ASN A 1021 -3.46 14.20 -4.82
N LEU A 1022 -4.75 14.44 -4.58
CA LEU A 1022 -5.78 13.69 -5.29
C LEU A 1022 -5.89 14.14 -6.73
N GLU A 1023 -5.92 15.46 -6.95
CA GLU A 1023 -5.88 15.96 -8.33
C GLU A 1023 -4.53 15.67 -8.99
N LYS A 1024 -3.48 15.53 -8.19
CA LYS A 1024 -2.14 15.34 -8.74
C LYS A 1024 -1.90 13.88 -9.14
N MET A 1025 -2.16 12.93 -8.24
CA MET A 1025 -1.82 11.54 -8.46
C MET A 1025 -3.00 10.62 -8.11
N GLY A 1026 -4.17 10.94 -8.64
CA GLY A 1026 -5.30 10.04 -8.59
C GLY A 1026 -5.84 9.76 -7.20
N PRO A 1027 -6.83 8.87 -7.11
CA PRO A 1027 -7.45 8.58 -5.81
C PRO A 1027 -6.64 7.66 -4.91
N ARG A 1028 -5.47 7.18 -5.35
CA ARG A 1028 -4.68 6.28 -4.51
C ARG A 1028 -4.22 6.93 -3.22
N ILE A 1029 -4.20 8.26 -3.16
CA ILE A 1029 -3.83 8.93 -1.91
C ILE A 1029 -4.96 8.91 -0.89
N LEU A 1030 -6.15 8.45 -1.28
CA LEU A 1030 -7.24 8.25 -0.34
C LEU A 1030 -7.13 6.90 0.38
N ASP A 1031 -6.11 6.12 0.09
CA ASP A 1031 -5.93 4.83 0.77
C ASP A 1031 -5.55 5.06 2.22
N LEU A 1032 -6.10 4.24 3.11
CA LEU A 1032 -5.77 4.34 4.53
C LEU A 1032 -4.37 3.82 4.84
N GLN A 1033 -3.81 2.98 3.97
CA GLN A 1033 -2.45 2.49 4.11
C GLN A 1033 -1.80 2.42 2.74
N LEU A 1034 -0.50 2.69 2.69
CA LEU A 1034 0.22 2.66 1.42
C LEU A 1034 0.25 1.25 0.83
N GLU A 1035 0.25 1.18 -0.50
CA GLU A 1035 0.25 -0.11 -1.17
C GLU A 1035 1.59 -0.84 -1.06
N PHE A 1036 2.66 -0.15 -0.71
CA PHE A 1036 3.99 -0.75 -0.60
C PHE A 1036 4.55 -0.55 0.79
N ASP A 1037 5.54 -1.37 1.11
CA ASP A 1037 6.21 -1.30 2.41
C ASP A 1037 7.12 -0.09 2.45
N GLU A 1038 6.69 0.95 3.17
CA GLU A 1038 7.43 2.22 3.18
C GLU A 1038 8.82 2.04 3.76
N LYS A 1039 8.91 1.42 4.94
CA LYS A 1039 10.20 1.24 5.59
C LYS A 1039 11.14 0.42 4.71
N ALA A 1040 10.64 -0.66 4.12
CA ALA A 1040 11.47 -1.49 3.26
C ALA A 1040 11.95 -0.73 2.03
N VAL A 1041 11.10 0.14 1.47
CA VAL A 1041 11.51 0.97 0.35
C VAL A 1041 12.69 1.85 0.75
N LEU A 1042 12.58 2.51 1.91
CA LEU A 1042 13.68 3.35 2.35
C LEU A 1042 14.94 2.52 2.63
N MET A 1043 14.76 1.31 3.15
CA MET A 1043 15.91 0.47 3.50
C MET A 1043 16.65 -0.02 2.28
N GLU A 1044 15.95 -0.23 1.17
CA GLU A 1044 16.63 -0.65 -0.05
C GLU A 1044 17.56 0.42 -0.61
N ASN A 1045 17.53 1.64 -0.07
CA ASN A 1045 18.37 2.72 -0.58
C ASN A 1045 18.97 3.58 0.52
N ILE A 1046 18.95 3.12 1.78
CA ILE A 1046 19.62 3.84 2.86
C ILE A 1046 21.08 4.14 2.51
N VAL A 1047 21.75 3.21 1.81
CA VAL A 1047 23.14 3.43 1.46
C VAL A 1047 23.27 4.64 0.53
N TYR A 1048 22.46 4.67 -0.54
CA TYR A 1048 22.48 5.82 -1.44
C TYR A 1048 22.14 7.11 -0.71
N LEU A 1049 21.16 7.05 0.19
CA LEU A 1049 20.76 8.25 0.92
C LEU A 1049 21.92 8.76 1.78
N THR A 1050 22.59 7.85 2.49
CA THR A 1050 23.73 8.24 3.32
C THR A 1050 24.85 8.84 2.48
N ASN A 1051 25.11 8.24 1.30
CA ASN A 1051 26.20 8.74 0.47
C ASN A 1051 25.86 10.11 -0.14
N SER A 1052 24.61 10.30 -0.55
CA SER A 1052 24.22 11.56 -1.17
C SER A 1052 24.11 12.69 -0.16
N LEU A 1053 23.53 12.41 1.00
CA LEU A 1053 23.40 13.43 2.05
C LEU A 1053 24.70 13.70 2.78
N GLU A 1054 25.77 12.96 2.45
CA GLU A 1054 27.09 13.15 3.05
C GLU A 1054 27.03 12.98 4.57
N LEU A 1055 26.26 12.01 5.01
CA LEU A 1055 26.11 11.68 6.42
C LEU A 1055 26.85 10.37 6.71
N GLU A 1056 26.88 10.02 7.99
CA GLU A 1056 27.56 8.80 8.41
C GLU A 1056 26.60 7.67 8.76
N HIS A 1057 25.36 7.98 9.15
CA HIS A 1057 24.40 6.93 9.44
C HIS A 1057 22.98 7.46 9.31
N ILE A 1058 22.08 6.55 8.94
CA ILE A 1058 20.66 6.83 8.80
C ILE A 1058 19.88 5.74 9.52
N GLU A 1059 19.14 6.12 10.56
CA GLU A 1059 18.37 5.20 11.38
C GLU A 1059 16.89 5.32 11.00
N VAL A 1060 16.35 4.26 10.41
CA VAL A 1060 14.94 4.22 10.02
C VAL A 1060 14.16 3.49 11.10
N LYS A 1061 13.19 4.19 11.71
CA LYS A 1061 12.42 3.66 12.82
C LYS A 1061 10.93 3.88 12.58
N PHE A 1062 10.12 3.00 13.17
CA PHE A 1062 8.70 2.88 12.84
C PHE A 1062 7.80 3.92 13.51
N ALA A 1063 8.36 5.09 13.85
CA ALA A 1063 7.58 6.24 14.31
C ALA A 1063 6.78 5.96 15.59
N SER A 1064 6.83 4.73 16.10
CA SER A 1064 6.35 4.46 17.44
C SER A 1064 7.44 4.71 18.48
N GLU A 1065 8.70 4.50 18.09
CA GLU A 1065 9.82 4.90 18.94
C GLU A 1065 9.96 6.41 19.01
N ALA A 1066 9.29 7.14 18.13
CA ALA A 1066 9.40 8.59 18.08
C ALA A 1066 8.79 9.23 19.32
N GLU A 1067 9.18 10.48 19.56
CA GLU A 1067 8.68 11.25 20.70
C GLU A 1067 7.24 11.68 20.42
N ASP A 1068 6.69 12.51 21.32
CA ASP A 1068 5.28 12.87 21.24
C ASP A 1068 4.98 13.63 19.95
N LYS A 1069 5.80 14.64 19.63
CA LYS A 1069 5.51 15.50 18.49
C LYS A 1069 5.54 14.71 17.18
N ILE A 1070 6.64 13.97 16.95
CA ILE A 1070 6.80 13.29 15.67
C ILE A 1070 5.83 12.13 15.56
N ARG A 1071 5.64 11.36 16.64
CA ARG A 1071 4.67 10.27 16.60
C ARG A 1071 3.27 10.78 16.28
N GLU A 1072 2.94 11.99 16.73
CA GLU A 1072 1.59 12.51 16.50
C GLU A 1072 1.43 13.14 15.13
N ASP A 1073 2.50 13.73 14.58
CA ASP A 1073 2.40 14.39 13.28
C ASP A 1073 2.72 13.46 12.11
N CYS A 1074 3.52 12.43 12.32
CA CYS A 1074 3.95 11.59 11.21
C CYS A 1074 2.79 10.76 10.67
N CYS A 1075 2.60 10.82 9.36
CA CYS A 1075 1.59 10.06 8.65
C CYS A 1075 2.25 9.29 7.52
N PRO A 1076 1.62 8.21 7.04
CA PRO A 1076 2.27 7.40 6.01
C PRO A 1076 2.48 8.19 4.72
N GLY A 1077 3.53 7.82 4.00
CA GLY A 1077 3.90 8.51 2.79
C GLY A 1077 4.64 9.82 2.98
N LYS A 1078 4.66 10.36 4.21
CA LYS A 1078 5.33 11.63 4.51
C LYS A 1078 6.21 11.45 5.73
N PRO A 1079 7.28 10.67 5.61
CA PRO A 1079 8.11 10.39 6.80
C PRO A 1079 8.77 11.65 7.32
N LEU A 1080 9.00 11.68 8.63
CA LEU A 1080 9.66 12.81 9.26
C LEU A 1080 11.11 12.44 9.57
N ASN A 1081 11.92 13.45 9.89
CA ASN A 1081 13.33 13.17 10.06
C ASN A 1081 13.99 14.26 10.88
N VAL A 1082 15.00 13.86 11.66
CA VAL A 1082 15.83 14.79 12.44
C VAL A 1082 17.29 14.39 12.28
N PHE A 1083 18.12 15.35 11.91
CA PHE A 1083 19.55 15.10 11.68
C PHE A 1083 20.34 15.11 12.98
N THR B 29 -31.75 -27.81 33.98
CA THR B 29 -30.49 -28.12 33.31
C THR B 29 -30.62 -28.15 31.79
N ALA B 30 -31.60 -27.41 31.26
CA ALA B 30 -31.87 -27.47 29.83
C ALA B 30 -30.82 -26.71 29.02
N LYS B 31 -30.35 -25.57 29.54
CA LYS B 31 -29.31 -24.81 28.85
C LYS B 31 -28.01 -25.60 28.78
N VAL B 32 -27.61 -26.23 29.89
CA VAL B 32 -26.42 -27.07 29.90
C VAL B 32 -26.61 -28.27 28.97
N ASP B 33 -27.81 -28.85 28.96
CA ASP B 33 -28.04 -30.02 28.10
C ASP B 33 -27.92 -29.65 26.63
N PHE B 34 -28.36 -28.44 26.26
CA PHE B 34 -28.24 -28.06 24.85
C PHE B 34 -26.80 -27.72 24.50
N LEU B 35 -26.07 -27.09 25.42
CA LEU B 35 -24.63 -26.90 25.19
C LEU B 35 -23.92 -28.23 24.99
N LYS B 36 -24.27 -29.24 25.80
CA LYS B 36 -23.66 -30.55 25.67
C LYS B 36 -24.05 -31.24 24.36
N LYS B 37 -25.28 -31.02 23.88
CA LYS B 37 -25.67 -31.61 22.60
C LYS B 37 -24.89 -30.97 21.45
N ILE B 38 -24.83 -29.64 21.43
CA ILE B 38 -24.00 -28.92 20.47
C ILE B 38 -22.57 -29.47 20.51
N GLU B 39 -22.03 -29.63 21.72
CA GLU B 39 -20.65 -30.08 21.88
C GLU B 39 -20.45 -31.47 21.30
N LYS B 40 -21.36 -32.39 21.59
CA LYS B 40 -21.21 -33.75 21.04
C LYS B 40 -21.23 -33.72 19.52
N GLU B 41 -22.16 -32.96 18.93
CA GLU B 41 -22.22 -32.89 17.47
C GLU B 41 -20.93 -32.32 16.88
N ILE B 42 -20.47 -31.20 17.43
CA ILE B 42 -19.30 -30.54 16.86
C ILE B 42 -18.04 -31.36 17.07
N GLN B 43 -17.92 -32.06 18.21
CA GLN B 43 -16.78 -32.94 18.40
C GLN B 43 -16.79 -34.09 17.41
N GLN B 44 -17.98 -34.65 17.12
CA GLN B 44 -18.02 -35.68 16.09
C GLN B 44 -17.57 -35.12 14.75
N LYS B 45 -17.96 -33.89 14.43
CA LYS B 45 -17.55 -33.31 13.16
C LYS B 45 -16.03 -33.08 13.12
N TRP B 46 -15.45 -32.57 14.23
CA TRP B 46 -14.00 -32.40 14.30
C TRP B 46 -13.27 -33.73 14.14
N ASP B 47 -13.76 -34.76 14.83
CA ASP B 47 -13.17 -36.09 14.72
C ASP B 47 -13.20 -36.59 13.29
N THR B 48 -14.36 -36.44 12.63
CA THR B 48 -14.49 -36.90 11.25
C THR B 48 -13.55 -36.12 10.33
N GLU B 49 -13.48 -34.80 10.49
CA GLU B 49 -12.65 -33.96 9.65
C GLU B 49 -11.16 -34.06 9.97
N ARG B 50 -10.78 -34.73 11.07
CA ARG B 50 -9.38 -34.87 11.47
C ARG B 50 -8.72 -33.49 11.62
N VAL B 51 -9.44 -32.57 12.26
CA VAL B 51 -8.99 -31.18 12.30
C VAL B 51 -7.71 -31.05 13.10
N PHE B 52 -7.63 -31.73 14.24
CA PHE B 52 -6.52 -31.54 15.15
C PHE B 52 -5.43 -32.59 14.97
N GLU B 53 -5.55 -33.44 13.97
CA GLU B 53 -4.45 -34.33 13.60
C GLU B 53 -3.46 -33.56 12.73
N VAL B 54 -2.18 -33.65 13.08
CA VAL B 54 -1.14 -32.96 12.33
C VAL B 54 -0.13 -34.00 11.86
N ASN B 55 0.42 -33.76 10.68
CA ASN B 55 1.44 -34.61 10.11
C ASN B 55 2.56 -33.73 9.55
N ALA B 56 3.79 -33.99 9.99
CA ALA B 56 4.91 -33.18 9.54
C ALA B 56 5.18 -33.34 8.04
N SER B 57 4.78 -34.46 7.43
CA SER B 57 5.12 -34.71 6.04
C SER B 57 4.57 -33.63 5.10
N ASN B 58 3.38 -33.11 5.39
CA ASN B 58 2.88 -32.00 4.60
C ASN B 58 3.05 -30.65 5.28
N LEU B 59 3.13 -30.62 6.62
CA LEU B 59 3.31 -29.34 7.30
C LEU B 59 4.69 -28.76 7.03
N GLU B 60 5.73 -29.59 6.97
CA GLU B 60 7.07 -29.05 6.82
C GLU B 60 7.22 -28.30 5.51
N LYS B 61 6.57 -28.77 4.45
CA LYS B 61 6.57 -28.06 3.19
C LYS B 61 5.64 -26.86 3.23
N GLN B 62 4.41 -27.04 3.71
CA GLN B 62 3.41 -25.97 3.63
C GLN B 62 3.69 -24.83 4.60
N THR B 63 4.42 -25.07 5.69
CA THR B 63 4.44 -24.12 6.80
C THR B 63 5.03 -22.78 6.38
N SER B 64 4.38 -21.70 6.80
CA SER B 64 4.87 -20.35 6.57
C SER B 64 5.01 -19.52 7.83
N LYS B 65 4.33 -19.88 8.94
CA LYS B 65 4.39 -19.12 10.17
C LYS B 65 5.14 -19.81 11.30
N GLY B 66 5.39 -21.11 11.19
CA GLY B 66 6.12 -21.84 12.21
C GLY B 66 5.21 -22.76 13.00
N LYS B 67 5.85 -23.63 13.78
CA LYS B 67 5.15 -24.64 14.55
C LYS B 67 5.06 -24.21 16.01
N TYR B 68 4.17 -24.87 16.74
CA TYR B 68 3.95 -24.59 18.16
C TYR B 68 3.61 -25.90 18.85
N PHE B 69 4.48 -26.33 19.75
CA PHE B 69 4.44 -27.67 20.34
C PHE B 69 4.24 -27.49 21.84
N VAL B 70 3.10 -27.95 22.36
CA VAL B 70 2.77 -27.79 23.76
C VAL B 70 2.53 -29.14 24.38
N THR B 71 2.83 -29.26 25.67
CA THR B 71 2.64 -30.51 26.38
C THR B 71 2.11 -30.21 27.76
N PHE B 72 1.43 -31.21 28.31
CA PHE B 72 0.93 -31.20 29.67
C PHE B 72 1.42 -32.49 30.32
N PRO B 73 2.11 -32.41 31.47
CA PRO B 73 2.68 -33.61 32.09
C PRO B 73 1.67 -34.73 32.20
N TYR B 74 1.98 -35.88 31.62
CA TYR B 74 0.96 -36.90 31.49
C TYR B 74 0.54 -37.39 32.87
N PRO B 75 -0.76 -37.47 33.14
CA PRO B 75 -1.22 -37.71 34.52
C PRO B 75 -1.25 -39.18 34.88
N TYR B 76 -1.19 -39.44 36.18
CA TYR B 76 -1.25 -40.81 36.68
C TYR B 76 -2.63 -41.40 36.45
N MET B 77 -2.67 -42.71 36.23
CA MET B 77 -3.90 -43.42 35.92
C MET B 77 -4.38 -44.28 37.08
N ASN B 78 -4.26 -43.79 38.30
CA ASN B 78 -4.85 -44.44 39.46
C ASN B 78 -6.19 -43.83 39.84
N GLY B 79 -6.94 -43.37 38.85
CA GLY B 79 -8.22 -42.73 39.11
C GLY B 79 -8.69 -41.98 37.89
N ARG B 80 -9.82 -41.30 38.07
CA ARG B 80 -10.36 -40.41 37.05
C ARG B 80 -9.68 -39.05 37.13
N LEU B 81 -9.47 -38.43 35.98
CA LEU B 81 -8.99 -37.04 35.95
C LEU B 81 -9.99 -36.14 36.65
N HIS B 82 -9.48 -35.18 37.40
CA HIS B 82 -10.35 -34.27 38.13
C HIS B 82 -10.17 -32.84 37.63
N LEU B 83 -10.87 -31.91 38.27
CA LEU B 83 -10.93 -30.54 37.78
C LEU B 83 -9.58 -29.83 37.92
N GLY B 84 -8.72 -30.25 38.85
CA GLY B 84 -7.40 -29.64 38.97
C GLY B 84 -6.48 -29.95 37.79
N HIS B 85 -6.41 -31.24 37.42
CA HIS B 85 -5.75 -31.62 36.17
C HIS B 85 -6.27 -30.76 35.03
N THR B 86 -7.58 -30.55 34.99
CA THR B 86 -8.23 -29.86 33.87
C THR B 86 -7.83 -28.39 33.87
N PHE B 87 -7.70 -27.79 35.06
CA PHE B 87 -7.23 -26.41 35.12
C PHE B 87 -5.80 -26.29 34.61
N SER B 88 -4.92 -27.22 35.00
CA SER B 88 -3.54 -27.11 34.51
C SER B 88 -3.45 -27.35 33.01
N LEU B 89 -4.16 -28.36 32.49
CA LEU B 89 -4.08 -28.62 31.05
C LEU B 89 -4.79 -27.56 30.21
N SER B 90 -5.72 -26.81 30.82
CA SER B 90 -6.38 -25.76 30.05
C SER B 90 -5.41 -24.69 29.62
N LYS B 91 -4.28 -24.52 30.31
CA LYS B 91 -3.31 -23.50 29.91
C LYS B 91 -2.78 -23.76 28.50
N CYS B 92 -2.39 -25.00 28.20
CA CYS B 92 -1.92 -25.23 26.84
C CYS B 92 -3.06 -25.49 25.85
N GLU B 93 -4.21 -26.00 26.30
CA GLU B 93 -5.37 -26.02 25.40
C GLU B 93 -5.72 -24.61 24.89
N PHE B 94 -5.85 -23.65 25.81
CA PHE B 94 -6.13 -22.27 25.41
C PHE B 94 -4.98 -21.70 24.58
N ALA B 95 -3.74 -22.01 24.95
CA ALA B 95 -2.61 -21.52 24.17
C ALA B 95 -2.69 -21.98 22.71
N VAL B 96 -3.01 -23.24 22.47
CA VAL B 96 -3.01 -23.68 21.07
C VAL B 96 -4.24 -23.15 20.34
N GLY B 97 -5.36 -22.99 21.06
CA GLY B 97 -6.50 -22.34 20.45
C GLY B 97 -6.17 -20.94 19.98
N TYR B 98 -5.32 -20.24 20.72
CA TYR B 98 -4.93 -18.89 20.32
C TYR B 98 -3.89 -18.91 19.22
N GLN B 99 -2.89 -19.80 19.32
CA GLN B 99 -1.79 -19.77 18.34
C GLN B 99 -2.24 -20.27 16.97
N ARG B 100 -3.22 -21.17 16.90
CA ARG B 100 -3.70 -21.56 15.57
C ARG B 100 -4.35 -20.39 14.86
N LEU B 101 -5.02 -19.51 15.61
CA LEU B 101 -5.53 -18.27 15.03
C LEU B 101 -4.41 -17.40 14.51
N LYS B 102 -3.27 -17.40 15.20
CA LYS B 102 -2.12 -16.61 14.79
C LYS B 102 -1.37 -17.18 13.60
N GLY B 103 -1.78 -18.36 13.10
CA GLY B 103 -1.17 -18.92 11.91
C GLY B 103 -0.19 -20.05 12.13
N LYS B 104 0.04 -20.46 13.37
CA LYS B 104 1.01 -21.50 13.65
C LYS B 104 0.35 -22.87 13.62
N CYS B 105 0.99 -23.84 12.98
CA CYS B 105 0.50 -25.20 13.04
C CYS B 105 0.88 -25.78 14.39
N CYS B 106 -0.10 -26.34 15.08
CA CYS B 106 0.04 -26.69 16.49
C CYS B 106 0.06 -28.20 16.66
N LEU B 107 0.73 -28.63 17.73
CA LEU B 107 0.76 -30.02 18.16
C LEU B 107 0.47 -30.06 19.64
N PHE B 108 -0.63 -30.69 20.02
CA PHE B 108 -0.99 -30.90 21.42
C PHE B 108 -1.27 -32.39 21.56
N PRO B 109 -0.28 -33.18 21.95
CA PRO B 109 -0.51 -34.59 22.22
C PRO B 109 -0.84 -34.78 23.69
N PHE B 110 -1.19 -36.03 24.04
CA PHE B 110 -1.64 -36.32 25.40
C PHE B 110 -1.37 -37.78 25.70
N GLY B 111 -0.40 -38.04 26.59
CA GLY B 111 -0.09 -39.37 27.03
C GLY B 111 -0.64 -39.63 28.42
N LEU B 112 -0.42 -40.86 28.90
CA LEU B 112 -0.97 -41.30 30.17
C LEU B 112 0.10 -42.03 30.97
N HIS B 113 0.30 -41.64 32.23
CA HIS B 113 1.38 -42.14 33.06
C HIS B 113 0.89 -43.27 33.95
N CYS B 114 1.40 -44.48 33.71
CA CYS B 114 1.04 -45.66 34.49
C CYS B 114 2.18 -46.17 35.35
N THR B 115 3.34 -45.52 35.31
CA THR B 115 4.49 -45.94 36.09
C THR B 115 4.33 -45.56 37.55
N GLY B 116 4.83 -46.41 38.44
CA GLY B 116 4.93 -46.07 39.84
C GLY B 116 4.34 -47.14 40.72
N MET B 117 4.12 -46.78 41.97
CA MET B 117 3.67 -47.71 43.00
C MET B 117 2.16 -47.74 43.27
N PRO B 118 1.46 -46.59 43.23
CA PRO B 118 0.03 -46.60 43.64
C PRO B 118 -0.81 -47.71 43.03
N ILE B 119 -0.73 -47.93 41.71
CA ILE B 119 -1.65 -48.88 41.08
C ILE B 119 -1.39 -50.29 41.60
N LYS B 120 -0.13 -50.72 41.58
CA LYS B 120 0.22 -52.04 42.11
C LYS B 120 -0.13 -52.14 43.59
N ALA B 121 0.17 -51.09 44.36
CA ALA B 121 -0.07 -51.12 45.79
C ALA B 121 -1.56 -51.31 46.10
N CYS B 122 -2.42 -50.56 45.40
CA CYS B 122 -3.85 -50.65 45.65
C CYS B 122 -4.39 -51.99 45.18
N ALA B 123 -3.94 -52.48 44.01
CA ALA B 123 -4.39 -53.79 43.55
C ALA B 123 -4.05 -54.88 44.58
N ASP B 124 -2.84 -54.82 45.13
CA ASP B 124 -2.45 -55.79 46.15
C ASP B 124 -3.27 -55.63 47.43
N LYS B 125 -3.47 -54.39 47.88
CA LYS B 125 -4.27 -54.12 49.07
C LYS B 125 -5.68 -54.70 48.92
N LEU B 126 -6.29 -54.49 47.75
CA LEU B 126 -7.62 -55.02 47.50
C LEU B 126 -7.62 -56.54 47.47
N LYS B 127 -6.63 -57.15 46.80
CA LYS B 127 -6.53 -58.60 46.77
C LYS B 127 -6.43 -59.17 48.19
N ARG B 128 -5.63 -58.53 49.04
CA ARG B 128 -5.45 -59.01 50.41
C ARG B 128 -6.73 -58.86 51.22
N GLU B 129 -7.42 -57.72 51.07
CA GLU B 129 -8.70 -57.55 51.75
C GLU B 129 -9.70 -58.63 51.34
N ILE B 130 -9.71 -58.99 50.04
CA ILE B 130 -10.62 -60.03 49.58
C ILE B 130 -10.23 -61.38 50.16
N GLU B 131 -8.94 -61.72 50.15
CA GLU B 131 -8.50 -63.01 50.65
C GLU B 131 -8.70 -63.15 52.15
N LEU B 132 -8.70 -62.04 52.89
CA LEU B 132 -8.84 -62.12 54.34
C LEU B 132 -10.28 -62.03 54.81
N TYR B 133 -11.10 -61.18 54.18
CA TYR B 133 -12.44 -60.89 54.69
C TYR B 133 -13.56 -61.25 53.74
N GLY B 134 -13.27 -61.98 52.66
CA GLY B 134 -14.32 -62.46 51.78
C GLY B 134 -14.59 -61.54 50.61
N CYS B 135 -15.74 -61.74 49.99
CA CYS B 135 -16.10 -61.04 48.77
C CYS B 135 -17.62 -61.01 48.60
N PRO B 136 -18.31 -59.92 48.99
CA PRO B 136 -17.79 -58.66 49.53
C PRO B 136 -17.14 -58.79 50.90
N PRO B 137 -16.12 -57.98 51.15
CA PRO B 137 -15.38 -58.11 52.42
C PRO B 137 -16.19 -57.65 53.61
N ASP B 138 -16.08 -58.41 54.70
CA ASP B 138 -16.81 -58.16 55.93
C ASP B 138 -15.88 -57.46 56.92
N PHE B 139 -16.28 -56.29 57.39
CA PHE B 139 -15.48 -55.49 58.31
C PHE B 139 -16.25 -55.25 59.60
N PRO B 140 -15.55 -54.94 60.71
CA PRO B 140 -14.08 -54.88 60.85
C PRO B 140 -13.48 -56.22 61.26
N LYS B 177 -10.68 -45.44 53.36
CA LYS B 177 -10.49 -46.48 54.37
C LYS B 177 -9.95 -47.75 53.73
N TYR B 178 -10.85 -48.67 53.42
CA TYR B 178 -10.48 -49.89 52.71
C TYR B 178 -10.52 -49.65 51.22
N GLN B 179 -9.61 -50.34 50.50
CA GLN B 179 -9.54 -50.17 49.04
C GLN B 179 -10.88 -50.49 48.40
N TRP B 180 -11.57 -51.51 48.91
CA TRP B 180 -12.94 -51.79 48.47
C TRP B 180 -13.84 -50.58 48.67
N GLY B 181 -13.65 -49.86 49.78
CA GLY B 181 -14.44 -48.67 50.02
C GLY B 181 -14.26 -47.63 48.93
N ILE B 182 -13.00 -47.37 48.55
CA ILE B 182 -12.72 -46.36 47.54
C ILE B 182 -13.28 -46.78 46.18
N MET B 183 -13.03 -48.03 45.79
CA MET B 183 -13.51 -48.50 44.50
C MET B 183 -15.03 -48.49 44.45
N LYS B 184 -15.70 -48.84 45.56
CA LYS B 184 -17.15 -48.74 45.61
C LYS B 184 -17.60 -47.29 45.51
N SER B 185 -16.89 -46.38 46.18
CA SER B 185 -17.22 -44.96 46.10
C SER B 185 -17.14 -44.45 44.67
N LEU B 186 -16.32 -45.10 43.83
CA LEU B 186 -16.33 -44.73 42.42
C LEU B 186 -17.62 -45.15 41.69
N GLY B 187 -18.59 -45.70 42.39
CA GLY B 187 -19.81 -46.16 41.75
C GLY B 187 -19.73 -47.55 41.14
N LEU B 188 -18.79 -48.37 41.57
CA LEU B 188 -18.61 -49.69 40.99
C LEU B 188 -19.41 -50.74 41.77
N SER B 189 -19.85 -51.77 41.05
CA SER B 189 -20.55 -52.88 41.67
C SER B 189 -19.55 -53.89 42.21
N ASP B 190 -20.03 -54.75 43.12
CA ASP B 190 -19.15 -55.73 43.75
C ASP B 190 -18.46 -56.62 42.73
N GLU B 191 -19.12 -56.89 41.61
CA GLU B 191 -18.55 -57.81 40.61
C GLU B 191 -17.30 -57.21 39.97
N GLU B 192 -17.40 -55.97 39.49
CA GLU B 192 -16.28 -55.34 38.79
C GLU B 192 -15.17 -54.88 39.74
N ILE B 193 -15.45 -54.70 41.03
CA ILE B 193 -14.42 -54.26 41.95
C ILE B 193 -13.34 -55.31 42.11
N VAL B 194 -13.72 -56.59 42.14
CA VAL B 194 -12.73 -57.64 42.34
C VAL B 194 -11.74 -57.66 41.19
N LYS B 195 -12.18 -57.23 40.00
CA LYS B 195 -11.27 -57.15 38.85
C LYS B 195 -10.07 -56.26 39.15
N PHE B 196 -10.25 -55.25 40.00
CA PHE B 196 -9.17 -54.34 40.34
C PHE B 196 -8.16 -54.94 41.32
N SER B 197 -8.26 -56.25 41.58
CA SER B 197 -7.23 -56.94 42.33
C SER B 197 -5.96 -57.14 41.52
N GLU B 198 -6.01 -56.94 40.21
CA GLU B 198 -4.86 -57.00 39.33
C GLU B 198 -4.60 -55.63 38.73
N ALA B 199 -3.34 -55.18 38.79
CA ALA B 199 -2.98 -53.86 38.26
C ALA B 199 -3.24 -53.77 36.76
N GLU B 200 -3.09 -54.87 36.04
CA GLU B 200 -3.34 -54.84 34.60
C GLU B 200 -4.76 -54.40 34.32
N HIS B 201 -5.69 -54.67 35.24
CA HIS B 201 -7.05 -54.20 35.04
C HIS B 201 -7.14 -52.69 35.22
N TRP B 202 -6.41 -52.12 36.19
CA TRP B 202 -6.31 -50.67 36.29
C TRP B 202 -5.85 -50.07 34.97
N LEU B 203 -4.86 -50.71 34.34
CA LEU B 203 -4.33 -50.20 33.09
C LEU B 203 -5.28 -50.43 31.92
N ASP B 204 -6.19 -51.39 32.04
CA ASP B 204 -7.22 -51.58 31.02
C ASP B 204 -8.38 -50.62 31.18
N TYR B 205 -8.62 -50.17 32.42
CA TYR B 205 -9.82 -49.43 32.77
C TYR B 205 -9.64 -47.91 32.72
N PHE B 206 -8.62 -47.38 33.40
CA PHE B 206 -8.57 -45.92 33.54
C PHE B 206 -8.08 -45.15 32.32
N PRO B 207 -7.10 -45.63 31.56
CA PRO B 207 -6.62 -44.86 30.39
C PRO B 207 -7.72 -44.55 29.38
N PRO B 208 -8.51 -45.54 28.92
CA PRO B 208 -9.56 -45.18 27.94
C PRO B 208 -10.60 -44.23 28.49
N LEU B 209 -10.92 -44.34 29.79
CA LEU B 209 -11.84 -43.39 30.40
C LEU B 209 -11.25 -41.98 30.41
N ALA B 210 -9.95 -41.85 30.67
CA ALA B 210 -9.30 -40.55 30.58
C ALA B 210 -9.41 -39.98 29.18
N ILE B 211 -9.11 -40.79 28.16
CA ILE B 211 -9.22 -40.33 26.78
C ILE B 211 -10.64 -39.85 26.49
N GLN B 212 -11.63 -40.61 26.97
CA GLN B 212 -13.03 -40.24 26.74
C GLN B 212 -13.38 -38.92 27.41
N ASP B 213 -13.00 -38.77 28.68
CA ASP B 213 -13.27 -37.52 29.41
C ASP B 213 -12.65 -36.33 28.70
N LEU B 214 -11.42 -36.49 28.20
CA LEU B 214 -10.76 -35.36 27.56
C LEU B 214 -11.37 -35.05 26.20
N LYS B 215 -11.81 -36.08 25.47
CA LYS B 215 -12.50 -35.85 24.21
C LYS B 215 -13.82 -35.11 24.42
N ARG B 216 -14.55 -35.42 25.49
CA ARG B 216 -15.77 -34.67 25.78
C ARG B 216 -15.50 -33.20 26.02
N MET B 217 -14.28 -32.86 26.44
CA MET B 217 -13.90 -31.47 26.69
C MET B 217 -13.56 -30.74 25.40
N GLY B 218 -13.31 -31.46 24.31
CA GLY B 218 -12.97 -30.81 23.06
C GLY B 218 -11.54 -30.31 22.97
N LEU B 219 -10.59 -31.06 23.51
CA LEU B 219 -9.20 -30.66 23.44
C LEU B 219 -8.68 -30.79 22.01
N LYS B 220 -7.91 -29.81 21.58
CA LYS B 220 -7.31 -29.81 20.24
C LYS B 220 -6.12 -30.75 20.18
N VAL B 221 -6.38 -32.02 20.49
CA VAL B 221 -5.36 -33.05 20.68
C VAL B 221 -5.36 -33.99 19.49
N ASP B 222 -4.15 -34.32 19.01
CA ASP B 222 -3.95 -35.38 18.01
C ASP B 222 -3.86 -36.72 18.76
N TRP B 223 -5.01 -37.38 18.89
CA TRP B 223 -5.11 -38.59 19.71
C TRP B 223 -4.37 -39.78 19.11
N ARG B 224 -3.92 -39.69 17.86
CA ARG B 224 -3.13 -40.78 17.29
C ARG B 224 -1.82 -40.98 18.04
N ARG B 225 -1.36 -39.96 18.77
CA ARG B 225 -0.07 -40.01 19.44
C ARG B 225 -0.18 -40.38 20.92
N SER B 226 -1.35 -40.85 21.37
CA SER B 226 -1.52 -41.16 22.77
C SER B 226 -1.02 -42.57 23.08
N PHE B 227 -0.75 -42.82 24.37
CA PHE B 227 -0.11 -44.06 24.80
C PHE B 227 -0.15 -44.12 26.32
N ILE B 228 0.11 -45.32 26.85
CA ILE B 228 0.43 -45.51 28.26
C ILE B 228 1.89 -45.93 28.39
N THR B 229 2.40 -45.85 29.61
CA THR B 229 3.79 -46.20 29.93
C THR B 229 3.85 -47.63 30.52
N THR B 230 4.99 -47.95 31.13
CA THR B 230 5.34 -49.28 31.67
C THR B 230 5.56 -50.28 30.53
N ASP B 231 6.04 -51.48 30.87
CA ASP B 231 6.38 -52.47 29.86
C ASP B 231 5.17 -53.12 29.20
N VAL B 232 3.95 -52.79 29.65
CA VAL B 232 2.75 -53.18 28.91
C VAL B 232 2.82 -52.67 27.47
N ASN B 233 3.39 -51.48 27.27
CA ASN B 233 3.53 -50.88 25.95
C ASN B 233 4.94 -51.12 25.44
N PRO B 234 5.15 -52.03 24.50
CA PRO B 234 6.52 -52.34 24.08
C PRO B 234 7.21 -51.18 23.38
N TYR B 235 6.47 -50.29 22.74
CA TYR B 235 7.09 -49.16 22.04
C TYR B 235 7.65 -48.15 23.03
N TYR B 236 6.85 -47.81 24.05
CA TYR B 236 7.35 -46.90 25.08
C TYR B 236 8.46 -47.57 25.89
N ASP B 237 8.33 -48.85 26.18
CA ASP B 237 9.37 -49.58 26.88
C ASP B 237 10.70 -49.51 26.11
N SER B 238 10.65 -49.71 24.79
CA SER B 238 11.84 -49.61 23.96
C SER B 238 12.41 -48.20 23.97
N PHE B 239 11.55 -47.19 23.91
CA PHE B 239 12.01 -45.81 23.99
C PHE B 239 12.76 -45.54 25.30
N VAL B 240 12.20 -46.01 26.41
CA VAL B 240 12.83 -45.74 27.70
C VAL B 240 14.13 -46.49 27.82
N ARG B 241 14.17 -47.74 27.33
CA ARG B 241 15.42 -48.49 27.32
C ARG B 241 16.50 -47.76 26.54
N TRP B 242 16.16 -47.24 25.36
CA TRP B 242 17.13 -46.45 24.60
C TRP B 242 17.61 -45.25 25.41
N GLN B 243 16.69 -44.54 26.06
CA GLN B 243 17.07 -43.37 26.86
C GLN B 243 18.08 -43.76 27.93
N PHE B 244 17.83 -44.86 28.63
CA PHE B 244 18.69 -45.19 29.76
C PHE B 244 20.00 -45.83 29.33
N LEU B 245 19.99 -46.63 28.26
CA LEU B 245 21.25 -47.09 27.69
C LEU B 245 22.12 -45.90 27.30
N THR B 246 21.52 -44.88 26.66
CA THR B 246 22.26 -43.69 26.26
C THR B 246 22.79 -42.93 27.47
N LEU B 247 21.97 -42.76 28.49
CA LEU B 247 22.40 -42.04 29.68
C LEU B 247 23.53 -42.78 30.39
N ARG B 248 23.46 -44.11 30.44
CA ARG B 248 24.50 -44.88 31.10
C ARG B 248 25.81 -44.81 30.34
N GLU B 249 25.76 -44.96 29.01
CA GLU B 249 26.97 -44.87 28.22
C GLU B 249 27.56 -43.46 28.23
N ARG B 250 26.78 -42.45 28.60
CA ARG B 250 27.29 -41.10 28.81
C ARG B 250 27.55 -40.79 30.28
N ASN B 251 27.58 -41.80 31.14
CA ASN B 251 28.00 -41.68 32.54
C ASN B 251 27.07 -40.81 33.36
N LYS B 252 25.79 -40.76 33.00
CA LYS B 252 24.79 -40.01 33.76
C LYS B 252 24.08 -40.87 34.80
N ILE B 253 24.07 -42.18 34.60
CA ILE B 253 23.52 -43.13 35.55
C ILE B 253 24.68 -43.94 36.12
N LYS B 254 24.75 -44.01 37.43
CA LYS B 254 25.82 -44.71 38.13
C LYS B 254 25.22 -45.58 39.21
N PHE B 255 26.01 -46.56 39.66
CA PHE B 255 25.62 -47.42 40.76
C PHE B 255 26.47 -47.11 41.97
N GLY B 256 25.86 -47.22 43.14
CA GLY B 256 26.57 -46.93 44.37
C GLY B 256 25.63 -47.03 45.55
N LYS B 257 26.22 -46.93 46.73
CA LYS B 257 25.48 -46.88 47.97
C LYS B 257 25.38 -45.41 48.38
N ARG B 258 24.16 -44.90 48.47
CA ARG B 258 23.95 -43.49 48.79
C ARG B 258 22.87 -43.36 49.84
N TYR B 259 22.92 -42.26 50.58
CA TYR B 259 21.83 -41.92 51.49
C TYR B 259 20.63 -41.43 50.70
N THR B 260 19.44 -41.72 51.22
CA THR B 260 18.21 -41.34 50.53
C THR B 260 17.05 -41.60 51.47
N ILE B 261 16.05 -40.71 51.44
CA ILE B 261 14.80 -40.98 52.14
C ILE B 261 14.28 -42.32 51.66
N TYR B 262 13.76 -43.12 52.59
CA TYR B 262 13.54 -44.52 52.33
C TYR B 262 12.33 -44.99 53.12
N SER B 263 11.54 -45.86 52.52
CA SER B 263 10.38 -46.43 53.20
C SER B 263 10.68 -47.85 53.60
N PRO B 264 10.84 -48.14 54.89
CA PRO B 264 11.02 -49.53 55.32
C PRO B 264 9.88 -50.44 54.87
N LYS B 265 8.63 -50.02 55.08
CA LYS B 265 7.48 -50.81 54.65
C LYS B 265 7.53 -51.08 53.15
N ASP B 266 7.86 -50.07 52.35
CA ASP B 266 7.86 -50.25 50.90
C ASP B 266 9.15 -50.89 50.39
N GLY B 267 10.25 -50.79 51.14
CA GLY B 267 11.46 -51.51 50.78
C GLY B 267 12.30 -50.87 49.70
N GLN B 268 12.26 -49.56 49.57
CA GLN B 268 12.96 -48.88 48.48
C GLN B 268 12.94 -47.38 48.74
N PRO B 269 13.81 -46.62 48.05
CA PRO B 269 13.80 -45.17 48.21
C PRO B 269 12.39 -44.62 47.99
N CYS B 270 12.09 -43.54 48.70
CA CYS B 270 10.75 -42.93 48.67
C CYS B 270 10.90 -41.47 48.22
N MET B 271 10.86 -41.25 46.91
CA MET B 271 11.00 -39.91 46.36
C MET B 271 9.65 -39.18 46.38
N ASP B 272 9.60 -37.99 45.76
CA ASP B 272 8.51 -37.04 45.96
C ASP B 272 7.14 -37.65 45.72
N HIS B 273 6.98 -38.40 44.62
CA HIS B 273 5.67 -38.92 44.26
C HIS B 273 5.30 -40.21 44.98
N ASP B 274 6.19 -40.75 45.81
CA ASP B 274 5.86 -41.85 46.70
C ASP B 274 5.46 -41.37 48.09
N ARG B 275 5.46 -40.06 48.34
CA ARG B 275 5.18 -39.52 49.66
C ARG B 275 3.79 -38.93 49.74
N GLN B 276 3.25 -38.90 50.95
CA GLN B 276 2.05 -38.14 51.24
C GLN B 276 2.31 -36.91 52.09
N THR B 277 3.49 -36.78 52.69
CA THR B 277 3.95 -35.55 53.30
C THR B 277 5.44 -35.39 53.02
N GLY B 278 5.98 -34.21 53.33
CA GLY B 278 7.40 -33.91 53.20
C GLY B 278 7.97 -34.20 51.82
N GLU B 279 7.48 -33.48 50.81
CA GLU B 279 7.80 -33.85 49.43
C GLU B 279 9.15 -33.31 48.97
N GLY B 280 9.74 -32.33 49.66
CA GLY B 280 11.06 -31.89 49.28
C GLY B 280 12.13 -32.19 50.32
N VAL B 281 11.75 -32.88 51.39
CA VAL B 281 12.66 -33.12 52.51
C VAL B 281 13.81 -34.02 52.08
N GLY B 282 15.00 -33.76 52.63
CA GLY B 282 16.15 -34.59 52.36
C GLY B 282 16.82 -35.04 53.65
N PRO B 283 17.83 -35.90 53.54
CA PRO B 283 18.59 -36.31 54.73
C PRO B 283 19.33 -35.12 55.34
N GLN B 284 19.43 -35.14 56.66
CA GLN B 284 20.26 -34.17 57.39
C GLN B 284 21.38 -34.93 58.11
N GLU B 285 22.61 -34.44 57.96
CA GLU B 285 23.78 -35.13 58.50
C GLU B 285 24.12 -34.61 59.89
N TYR B 286 24.28 -35.54 60.84
CA TYR B 286 24.76 -35.26 62.18
C TYR B 286 26.06 -36.03 62.41
N THR B 287 26.92 -35.47 63.27
CA THR B 287 28.03 -36.25 63.82
C THR B 287 27.50 -37.00 65.03
N LEU B 288 27.66 -38.32 65.03
CA LEU B 288 27.21 -39.16 66.13
C LEU B 288 28.38 -39.44 67.06
N LEU B 289 28.32 -38.91 68.27
CA LEU B 289 29.40 -39.06 69.23
C LEU B 289 29.21 -40.32 70.05
N LYS B 290 30.28 -41.12 70.17
CA LYS B 290 30.27 -42.32 71.00
C LYS B 290 30.82 -41.96 72.38
N LEU B 291 29.96 -42.04 73.39
CA LEU B 291 30.33 -41.72 74.77
C LEU B 291 30.30 -43.02 75.56
N LYS B 292 31.49 -43.51 75.91
CA LYS B 292 31.59 -44.83 76.53
C LYS B 292 31.18 -44.77 77.99
N VAL B 293 30.34 -45.72 78.40
CA VAL B 293 29.95 -45.85 79.80
C VAL B 293 31.06 -46.56 80.55
N LEU B 294 31.53 -45.95 81.63
CA LEU B 294 32.62 -46.49 82.41
C LEU B 294 32.11 -47.28 83.60
N GLU B 295 32.95 -48.19 84.09
CA GLU B 295 32.59 -48.93 85.29
C GLU B 295 32.64 -47.98 86.49
N PRO B 296 31.67 -48.09 87.41
CA PRO B 296 30.60 -49.08 87.38
C PRO B 296 29.35 -48.56 86.66
N TYR B 297 28.70 -49.42 85.88
CA TYR B 297 27.52 -49.04 85.14
C TYR B 297 26.38 -48.66 86.09
N PRO B 298 25.40 -47.91 85.61
CA PRO B 298 24.14 -47.80 86.36
C PRO B 298 23.55 -49.18 86.57
N SER B 299 22.74 -49.30 87.63
CA SER B 299 22.19 -50.60 87.98
C SER B 299 21.35 -51.18 86.85
N LYS B 300 20.57 -50.33 86.18
CA LYS B 300 19.70 -50.79 85.09
C LYS B 300 20.48 -51.46 83.97
N LEU B 301 21.81 -51.23 83.90
CA LEU B 301 22.63 -51.81 82.85
C LEU B 301 23.56 -52.90 83.37
N SER B 302 23.38 -53.34 84.62
CA SER B 302 24.27 -54.34 85.18
C SER B 302 24.24 -55.66 84.41
N GLY B 303 23.11 -55.96 83.76
CA GLY B 303 23.01 -57.15 82.94
C GLY B 303 23.94 -57.17 81.74
N LEU B 304 24.46 -56.00 81.33
CA LEU B 304 25.35 -55.93 80.18
C LEU B 304 26.81 -55.77 80.58
N LYS B 305 27.16 -56.22 81.79
CA LYS B 305 28.45 -55.90 82.40
C LYS B 305 29.64 -56.12 81.47
N GLY B 306 29.66 -57.24 80.75
CA GLY B 306 30.84 -57.54 79.96
C GLY B 306 30.93 -56.88 78.60
N LYS B 307 30.01 -56.00 78.25
CA LYS B 307 29.92 -55.46 76.89
C LYS B 307 30.26 -53.98 76.88
N ASN B 308 30.81 -53.52 75.74
CA ASN B 308 31.06 -52.09 75.56
C ASN B 308 29.72 -51.39 75.32
N ILE B 309 29.49 -50.31 76.06
CA ILE B 309 28.23 -49.58 75.98
C ILE B 309 28.54 -48.12 75.68
N PHE B 310 27.81 -47.56 74.73
CA PHE B 310 27.99 -46.17 74.33
C PHE B 310 26.65 -45.46 74.35
N LEU B 311 26.61 -44.30 74.99
CA LEU B 311 25.57 -43.32 74.69
C LEU B 311 25.98 -42.58 73.42
N VAL B 312 25.05 -42.40 72.50
CA VAL B 312 25.36 -41.81 71.21
C VAL B 312 24.58 -40.51 71.06
N ALA B 313 25.31 -39.40 71.00
CA ALA B 313 24.73 -38.07 70.94
C ALA B 313 24.95 -37.46 69.56
N ALA B 314 23.88 -36.88 68.99
CA ALA B 314 23.97 -36.20 67.70
C ALA B 314 24.35 -34.75 67.89
N THR B 315 25.27 -34.25 67.05
CA THR B 315 25.67 -32.86 67.09
C THR B 315 25.97 -32.36 65.69
N LEU B 316 25.81 -31.05 65.51
CA LEU B 316 26.19 -30.34 64.31
C LEU B 316 27.43 -29.49 64.50
N ARG B 317 28.04 -29.51 65.69
CA ARG B 317 29.21 -28.71 65.98
C ARG B 317 30.31 -29.59 66.56
N PRO B 318 30.88 -30.48 65.75
CA PRO B 318 31.98 -31.33 66.25
C PRO B 318 33.16 -30.53 66.79
N GLU B 319 33.43 -29.35 66.21
CA GLU B 319 34.59 -28.57 66.63
C GLU B 319 34.53 -28.15 68.10
N THR B 320 33.35 -28.11 68.70
CA THR B 320 33.24 -27.71 70.10
C THR B 320 33.42 -28.87 71.06
N MET B 321 33.60 -30.10 70.56
CA MET B 321 33.63 -31.26 71.44
C MET B 321 34.81 -31.24 72.40
N PHE B 322 35.81 -30.38 72.18
CA PHE B 322 36.89 -30.23 73.14
C PHE B 322 36.41 -29.67 74.48
N GLY B 323 35.20 -29.13 74.54
CA GLY B 323 34.71 -28.52 75.78
C GLY B 323 33.52 -29.22 76.41
N GLN B 324 33.38 -30.53 76.24
CA GLN B 324 32.29 -31.26 76.87
C GLN B 324 32.51 -31.33 78.37
N THR B 325 31.47 -30.98 79.13
CA THR B 325 31.50 -31.04 80.58
C THR B 325 30.63 -32.14 81.15
N ASN B 326 29.67 -32.64 80.38
CA ASN B 326 28.67 -33.58 80.86
C ASN B 326 27.88 -34.04 79.64
N CYS B 327 26.83 -34.80 79.90
CA CYS B 327 25.92 -35.27 78.88
C CYS B 327 24.49 -35.04 79.38
N TRP B 328 23.56 -34.87 78.44
CA TRP B 328 22.16 -34.63 78.77
C TRP B 328 21.30 -35.79 78.28
N VAL B 329 20.42 -36.29 79.17
CA VAL B 329 19.27 -37.08 78.76
C VAL B 329 18.04 -36.50 79.44
N ARG B 330 16.88 -36.76 78.85
CA ARG B 330 15.62 -36.29 79.41
C ARG B 330 15.07 -37.38 80.32
N PRO B 331 14.83 -37.09 81.60
CA PRO B 331 14.46 -38.16 82.55
C PRO B 331 13.22 -38.94 82.17
N ASP B 332 12.21 -38.28 81.59
CA ASP B 332 10.94 -38.92 81.26
C ASP B 332 10.87 -39.40 79.82
N MET B 333 12.02 -39.65 79.19
CA MET B 333 12.05 -40.12 77.81
C MET B 333 12.41 -41.60 77.78
N LYS B 334 11.87 -42.30 76.79
CA LYS B 334 12.12 -43.73 76.60
C LYS B 334 13.38 -43.91 75.78
N TYR B 335 14.34 -44.66 76.32
CA TYR B 335 15.54 -45.01 75.60
C TYR B 335 15.65 -46.52 75.48
N ILE B 336 16.46 -46.97 74.51
CA ILE B 336 16.77 -48.38 74.32
C ILE B 336 18.27 -48.55 74.20
N GLY B 337 18.76 -49.71 74.60
CA GLY B 337 20.10 -50.14 74.23
C GLY B 337 19.98 -51.25 73.20
N PHE B 338 20.62 -51.09 72.05
CA PHE B 338 20.54 -52.10 71.01
C PHE B 338 21.94 -52.55 70.60
N GLU B 339 21.99 -53.74 70.01
CA GLU B 339 23.26 -54.34 69.60
C GLU B 339 23.63 -53.91 68.20
N THR B 340 24.86 -53.42 68.03
CA THR B 340 25.34 -52.96 66.73
C THR B 340 26.05 -54.10 66.00
N VAL B 341 26.58 -53.78 64.81
CA VAL B 341 27.14 -54.81 63.94
C VAL B 341 28.38 -55.46 64.56
N ASN B 342 29.10 -54.76 65.44
CA ASN B 342 30.30 -55.32 66.05
C ASN B 342 30.06 -55.86 67.47
N GLY B 343 28.84 -55.81 67.97
CA GLY B 343 28.53 -56.29 69.30
C GLY B 343 28.45 -55.23 70.37
N ASP B 344 29.02 -54.04 70.11
CA ASP B 344 28.86 -52.93 71.04
C ASP B 344 27.39 -52.54 71.16
N ILE B 345 27.04 -51.97 72.31
CA ILE B 345 25.68 -51.56 72.62
C ILE B 345 25.58 -50.05 72.55
N PHE B 346 24.64 -49.55 71.76
CA PHE B 346 24.35 -48.12 71.65
C PHE B 346 23.06 -47.81 72.41
N ILE B 347 23.06 -46.70 73.14
CA ILE B 347 21.89 -46.24 73.86
C ILE B 347 21.39 -44.96 73.20
N CYS B 348 20.13 -44.95 72.82
CA CYS B 348 19.50 -43.83 72.13
C CYS B 348 18.00 -44.12 72.11
N THR B 349 17.27 -43.35 71.32
CA THR B 349 15.84 -43.58 71.17
C THR B 349 15.58 -44.63 70.10
N GLN B 350 14.37 -45.17 70.12
CA GLN B 350 13.98 -46.17 69.13
C GLN B 350 13.93 -45.57 67.73
N LYS B 351 13.56 -44.29 67.59
CA LYS B 351 13.54 -43.68 66.26
C LYS B 351 14.95 -43.58 65.68
N ALA B 352 15.89 -43.05 66.46
CA ALA B 352 17.27 -42.97 66.00
C ALA B 352 17.82 -44.35 65.67
N ALA B 353 17.51 -45.35 66.49
CA ALA B 353 18.02 -46.69 66.22
C ALA B 353 17.40 -47.27 64.95
N ARG B 354 16.12 -47.00 64.72
CA ARG B 354 15.49 -47.41 63.48
C ARG B 354 16.21 -46.81 62.27
N ASN B 355 16.53 -45.51 62.33
CA ASN B 355 17.32 -44.91 61.26
C ASN B 355 18.68 -45.57 61.13
N MET B 356 19.34 -45.85 62.26
CA MET B 356 20.66 -46.46 62.22
C MET B 356 20.62 -47.83 61.57
N SER B 357 19.54 -48.58 61.79
CA SER B 357 19.43 -49.94 61.28
C SER B 357 19.34 -50.01 59.76
N TYR B 358 19.11 -48.87 59.10
CA TYR B 358 19.12 -48.79 57.64
C TYR B 358 20.36 -48.09 57.12
N GLN B 359 21.34 -47.84 58.00
CA GLN B 359 22.57 -47.15 57.64
C GLN B 359 23.81 -47.95 58.01
N GLY B 360 23.65 -49.26 58.22
CA GLY B 360 24.77 -50.14 58.47
C GLY B 360 25.17 -50.30 59.92
N PHE B 361 24.40 -49.75 60.87
CA PHE B 361 24.76 -49.87 62.27
C PHE B 361 24.49 -51.25 62.84
N THR B 362 23.57 -52.00 62.25
CA THR B 362 23.19 -53.31 62.75
C THR B 362 23.63 -54.39 61.77
N LYS B 363 23.83 -55.60 62.28
CA LYS B 363 24.37 -56.66 61.42
C LYS B 363 23.39 -57.04 60.33
N ASP B 364 22.09 -56.84 60.56
CA ASP B 364 21.06 -57.11 59.56
C ASP B 364 20.31 -55.82 59.29
N ASN B 365 20.15 -55.50 58.01
CA ASN B 365 19.46 -54.27 57.62
C ASN B 365 18.04 -54.26 58.17
N GLY B 366 17.70 -53.18 58.88
CA GLY B 366 16.37 -52.97 59.39
C GLY B 366 16.02 -53.71 60.66
N VAL B 367 16.97 -54.41 61.29
CA VAL B 367 16.70 -55.21 62.48
C VAL B 367 17.41 -54.56 63.67
N VAL B 368 16.63 -54.13 64.66
CA VAL B 368 17.17 -53.51 65.87
C VAL B 368 17.07 -54.49 67.03
N PRO B 369 18.18 -55.13 67.45
CA PRO B 369 18.09 -56.06 68.59
C PRO B 369 18.22 -55.33 69.92
N VAL B 370 17.10 -55.15 70.61
CA VAL B 370 17.07 -54.35 71.83
C VAL B 370 17.43 -55.25 73.00
N VAL B 371 18.54 -54.94 73.67
CA VAL B 371 18.97 -55.69 74.84
C VAL B 371 18.63 -54.98 76.15
N LYS B 372 18.12 -53.76 76.10
CA LYS B 372 17.76 -53.03 77.31
C LYS B 372 16.82 -51.89 76.96
N GLU B 373 15.73 -51.79 77.71
CA GLU B 373 14.75 -50.72 77.58
C GLU B 373 14.76 -49.95 78.89
N LEU B 374 15.00 -48.65 78.83
CA LEU B 374 15.16 -47.89 80.07
C LEU B 374 14.76 -46.44 79.86
N MET B 375 14.37 -45.80 80.96
CA MET B 375 14.02 -44.40 80.99
C MET B 375 15.26 -43.55 81.23
N GLY B 376 15.21 -42.29 80.78
CA GLY B 376 16.32 -41.39 80.98
C GLY B 376 16.77 -41.34 82.43
N GLU B 377 15.82 -41.28 83.36
CA GLU B 377 16.11 -41.26 84.79
C GLU B 377 17.07 -42.37 85.21
N GLU B 378 16.99 -43.53 84.54
CA GLU B 378 17.74 -44.70 84.96
C GLU B 378 19.21 -44.69 84.56
N ILE B 379 19.66 -43.73 83.75
CA ILE B 379 21.08 -43.61 83.43
C ILE B 379 21.72 -42.37 84.02
N LEU B 380 20.95 -41.46 84.60
CA LEU B 380 21.52 -40.32 85.32
C LEU B 380 22.60 -40.81 86.28
N GLY B 381 23.71 -40.08 86.34
CA GLY B 381 24.82 -40.44 87.19
C GLY B 381 25.87 -41.32 86.55
N ALA B 382 25.67 -41.78 85.32
CA ALA B 382 26.61 -42.69 84.70
C ALA B 382 27.92 -41.98 84.38
N SER B 383 29.03 -42.70 84.58
CA SER B 383 30.35 -42.21 84.20
C SER B 383 30.54 -42.40 82.69
N LEU B 384 31.18 -41.43 82.06
CA LEU B 384 31.33 -41.41 80.62
C LEU B 384 32.74 -41.01 80.23
N SER B 385 33.25 -41.65 79.19
CA SER B 385 34.49 -41.23 78.54
C SER B 385 34.11 -40.63 77.20
N ALA B 386 34.33 -39.34 77.05
CA ALA B 386 33.93 -38.61 75.88
C ALA B 386 35.13 -38.26 75.03
N PRO B 387 34.98 -38.21 73.71
CA PRO B 387 36.10 -37.87 72.84
C PRO B 387 36.49 -36.40 72.99
N LEU B 388 37.80 -36.15 72.83
CA LEU B 388 38.36 -34.81 72.65
C LEU B 388 38.32 -33.92 73.90
N THR B 389 37.30 -34.06 74.74
CA THR B 389 37.18 -33.15 75.88
C THR B 389 38.35 -33.34 76.84
N SER B 390 38.67 -32.26 77.57
CA SER B 390 39.76 -32.31 78.54
C SER B 390 39.35 -32.94 79.86
N TYR B 391 38.05 -33.04 80.13
CA TYR B 391 37.57 -33.77 81.30
C TYR B 391 37.61 -35.27 80.99
N LYS B 392 38.46 -36.00 81.69
CA LYS B 392 38.62 -37.43 81.40
C LYS B 392 37.35 -38.22 81.75
N VAL B 393 36.61 -37.79 82.77
CA VAL B 393 35.35 -38.41 83.16
C VAL B 393 34.28 -37.33 83.20
N ILE B 394 33.13 -37.60 82.58
CA ILE B 394 31.96 -36.75 82.67
C ILE B 394 30.75 -37.62 82.98
N TYR B 395 29.66 -36.98 83.38
CA TYR B 395 28.50 -37.68 83.92
C TYR B 395 27.25 -37.38 83.11
N VAL B 396 26.32 -38.33 83.12
CA VAL B 396 25.01 -38.12 82.50
C VAL B 396 24.16 -37.29 83.45
N LEU B 397 23.67 -36.16 82.97
CA LEU B 397 22.92 -35.20 83.76
C LEU B 397 21.56 -34.96 83.11
N PRO B 398 20.57 -34.50 83.88
CA PRO B 398 19.23 -34.30 83.33
C PRO B 398 19.02 -32.95 82.65
N MET B 399 18.41 -32.98 81.49
CA MET B 399 17.95 -31.77 80.78
C MET B 399 16.50 -32.00 80.37
N LEU B 400 15.64 -31.04 80.68
CA LEU B 400 14.21 -31.26 80.58
C LEU B 400 13.60 -30.83 79.25
N THR B 401 14.35 -30.12 78.41
CA THR B 401 13.78 -29.54 77.20
C THR B 401 14.17 -30.30 75.92
N ILE B 402 14.62 -31.55 76.07
CA ILE B 402 15.08 -32.30 74.90
C ILE B 402 13.89 -32.71 74.05
N LYS B 403 13.96 -32.39 72.75
CA LYS B 403 12.92 -32.80 71.81
C LYS B 403 13.09 -34.29 71.50
N GLU B 404 12.05 -35.08 71.77
CA GLU B 404 12.15 -36.52 71.58
C GLU B 404 11.98 -36.95 70.13
N ASP B 405 11.89 -36.00 69.20
CA ASP B 405 11.72 -36.36 67.80
C ASP B 405 12.95 -36.05 66.95
N LYS B 406 13.94 -35.34 67.46
CA LYS B 406 15.14 -35.02 66.71
C LYS B 406 16.35 -35.70 67.33
N GLY B 407 17.29 -36.08 66.47
CA GLY B 407 18.53 -36.65 66.96
C GLY B 407 18.29 -37.98 67.65
N THR B 408 19.02 -38.21 68.74
CA THR B 408 19.00 -39.48 69.44
C THR B 408 18.43 -39.37 70.84
N GLY B 409 17.98 -38.19 71.25
CA GLY B 409 17.57 -37.95 72.61
C GLY B 409 18.70 -37.81 73.59
N VAL B 410 19.93 -38.03 73.14
CA VAL B 410 21.14 -37.83 73.94
C VAL B 410 21.84 -36.60 73.39
N VAL B 411 22.07 -35.61 74.25
CA VAL B 411 22.71 -34.36 73.86
C VAL B 411 23.95 -34.18 74.71
N THR B 412 25.08 -33.96 74.06
CA THR B 412 26.27 -33.66 74.83
C THR B 412 26.31 -32.17 75.15
N SER B 413 27.08 -31.82 76.17
CA SER B 413 27.00 -30.51 76.80
C SER B 413 28.31 -29.77 76.63
N VAL B 414 28.29 -28.69 75.87
CA VAL B 414 29.43 -27.78 75.76
C VAL B 414 28.94 -26.39 76.20
N PRO B 415 28.94 -26.12 77.50
CA PRO B 415 28.31 -24.88 78.00
C PRO B 415 28.99 -23.62 77.54
N SER B 416 30.27 -23.67 77.16
CA SER B 416 30.95 -22.49 76.68
C SER B 416 30.38 -21.98 75.36
N ASP B 417 29.68 -22.83 74.61
CA ASP B 417 29.23 -22.43 73.28
C ASP B 417 27.79 -22.85 72.95
N SER B 418 27.05 -23.40 73.90
CA SER B 418 25.64 -23.74 73.70
C SER B 418 24.80 -23.07 74.78
N PRO B 419 23.92 -22.14 74.43
CA PRO B 419 23.06 -21.51 75.45
C PRO B 419 22.21 -22.50 76.23
N ASP B 420 21.58 -23.47 75.56
CA ASP B 420 20.81 -24.46 76.28
C ASP B 420 21.67 -25.20 77.30
N ASP B 421 22.93 -25.49 76.95
CA ASP B 421 23.78 -26.26 77.84
C ASP B 421 24.20 -25.44 79.06
N ILE B 422 24.56 -24.17 78.86
CA ILE B 422 24.95 -23.36 80.00
C ILE B 422 23.74 -23.07 80.89
N ALA B 423 22.56 -22.90 80.29
CA ALA B 423 21.35 -22.67 81.08
C ALA B 423 21.01 -23.90 81.93
N ALA B 424 21.04 -25.09 81.32
CA ALA B 424 20.70 -26.30 82.06
C ALA B 424 21.75 -26.60 83.13
N LEU B 425 23.04 -26.41 82.81
CA LEU B 425 24.09 -26.64 83.80
C LEU B 425 23.98 -25.66 84.96
N ARG B 426 23.69 -24.39 84.66
CA ARG B 426 23.49 -23.41 85.72
C ARG B 426 22.32 -23.79 86.61
N ASP B 427 21.17 -24.12 86.01
CA ASP B 427 20.03 -24.59 86.80
C ASP B 427 20.43 -25.74 87.71
N LEU B 428 21.24 -26.68 87.20
CA LEU B 428 21.60 -27.84 88.02
C LEU B 428 22.57 -27.48 89.13
N LYS B 429 23.43 -26.49 88.91
CA LYS B 429 24.33 -26.02 89.97
C LYS B 429 23.67 -25.05 90.93
N LYS B 430 22.50 -24.53 90.58
CA LYS B 430 21.82 -23.46 91.29
C LYS B 430 20.74 -23.97 92.24
N LYS B 431 20.24 -25.18 92.01
CA LYS B 431 19.11 -25.72 92.76
C LYS B 431 19.51 -27.09 93.30
N GLN B 432 19.86 -27.15 94.57
CA GLN B 432 20.15 -28.43 95.21
C GLN B 432 18.93 -29.36 95.13
N ALA B 433 17.72 -28.80 95.13
CA ALA B 433 16.52 -29.60 95.01
C ALA B 433 16.47 -30.33 93.67
N LEU B 434 16.66 -29.60 92.56
CA LEU B 434 16.72 -30.23 91.25
C LEU B 434 17.80 -31.28 91.16
N ARG B 435 18.84 -31.18 92.00
CA ARG B 435 19.93 -32.15 91.98
C ARG B 435 19.55 -33.42 92.72
N ALA B 436 19.18 -33.29 93.99
CA ALA B 436 18.82 -34.46 94.80
C ALA B 436 17.56 -35.16 94.29
N LYS B 437 16.69 -34.44 93.59
CA LYS B 437 15.52 -35.09 92.97
C LYS B 437 15.95 -36.20 92.01
N TYR B 438 17.07 -36.02 91.31
CA TYR B 438 17.49 -36.94 90.27
C TYR B 438 18.73 -37.74 90.65
N GLY B 439 19.08 -37.79 91.94
CA GLY B 439 20.17 -38.64 92.39
C GLY B 439 21.56 -38.14 92.09
N ILE B 440 21.69 -36.91 91.58
CA ILE B 440 22.98 -36.39 91.14
C ILE B 440 23.81 -36.02 92.37
N ARG B 441 24.95 -36.67 92.54
CA ARG B 441 25.92 -36.22 93.53
C ARG B 441 26.47 -34.85 93.13
N ASP B 442 27.09 -34.17 94.10
CA ASP B 442 27.67 -32.86 93.83
C ASP B 442 28.91 -32.95 92.96
N ASP B 443 29.72 -34.00 93.15
CA ASP B 443 30.94 -34.17 92.35
C ASP B 443 30.66 -34.55 90.92
N MET B 444 29.39 -34.66 90.51
CA MET B 444 29.05 -34.95 89.13
C MET B 444 28.76 -33.70 88.32
N VAL B 445 28.54 -32.55 88.96
CA VAL B 445 28.10 -31.36 88.25
C VAL B 445 28.88 -30.13 88.72
N LEU B 446 29.13 -30.01 90.02
CA LEU B 446 29.72 -28.78 90.55
C LEU B 446 31.16 -28.57 90.08
N PRO B 447 32.07 -29.55 90.15
CA PRO B 447 33.47 -29.29 89.74
C PRO B 447 33.67 -29.06 88.24
N PHE B 448 32.64 -29.19 87.42
CA PHE B 448 32.77 -29.01 85.97
C PHE B 448 32.48 -27.56 85.61
N GLU B 449 33.44 -26.91 84.98
CA GLU B 449 33.29 -25.53 84.53
C GLU B 449 33.38 -25.48 83.01
N PRO B 450 32.68 -24.56 82.36
CA PRO B 450 32.83 -24.40 80.92
C PRO B 450 34.30 -24.22 80.54
N VAL B 451 34.68 -24.77 79.40
CA VAL B 451 36.07 -24.80 78.93
C VAL B 451 36.18 -23.88 77.72
N PRO B 452 37.06 -22.88 77.74
CA PRO B 452 37.25 -22.04 76.55
C PRO B 452 37.81 -22.86 75.40
N VAL B 453 37.17 -22.76 74.24
CA VAL B 453 37.50 -23.61 73.11
C VAL B 453 37.51 -22.77 71.84
N ILE B 454 36.63 -21.78 71.78
CA ILE B 454 36.45 -20.95 70.60
C ILE B 454 36.37 -19.50 71.05
N GLU B 455 37.08 -18.62 70.36
CA GLU B 455 37.04 -17.20 70.65
C GLU B 455 36.19 -16.51 69.59
N ILE B 456 35.13 -15.83 70.02
CA ILE B 456 34.31 -15.00 69.16
C ILE B 456 34.75 -13.55 69.37
N PRO B 457 35.16 -12.83 68.32
CA PRO B 457 35.81 -11.52 68.51
C PRO B 457 35.05 -10.56 69.42
N GLY B 458 33.74 -10.43 69.25
CA GLY B 458 32.99 -9.54 70.10
C GLY B 458 32.50 -10.13 71.41
N PHE B 459 32.62 -11.44 71.60
CA PHE B 459 32.00 -12.10 72.73
C PHE B 459 32.96 -12.75 73.71
N GLY B 460 34.11 -13.24 73.26
CA GLY B 460 35.12 -13.76 74.16
C GLY B 460 35.22 -15.27 74.13
N ASN B 461 35.83 -15.80 75.19
CA ASN B 461 36.13 -17.23 75.31
C ASN B 461 34.89 -18.08 75.49
N LEU B 462 33.85 -17.53 76.13
CA LEU B 462 32.69 -18.31 76.57
C LEU B 462 31.41 -17.61 76.10
N SER B 463 31.26 -17.50 74.78
CA SER B 463 30.23 -16.65 74.20
C SER B 463 28.82 -17.04 74.66
N ALA B 464 28.57 -18.33 74.86
CA ALA B 464 27.26 -18.76 75.34
C ALA B 464 26.98 -18.18 76.72
N VAL B 465 27.98 -18.21 77.61
CA VAL B 465 27.81 -17.64 78.95
C VAL B 465 27.48 -16.16 78.86
N THR B 466 28.19 -15.41 78.01
CA THR B 466 28.02 -13.97 77.99
C THR B 466 26.70 -13.57 77.34
N ILE B 467 26.29 -14.27 76.28
CA ILE B 467 24.99 -13.94 75.68
C ILE B 467 23.86 -14.34 76.63
N CYS B 468 24.01 -15.42 77.39
CA CYS B 468 22.97 -15.75 78.36
C CYS B 468 22.88 -14.68 79.45
N ASP B 469 24.02 -14.23 79.97
CA ASP B 469 24.00 -13.14 80.95
C ASP B 469 23.35 -11.89 80.36
N GLU B 470 23.68 -11.55 79.11
CA GLU B 470 23.17 -10.33 78.51
C GLU B 470 21.67 -10.41 78.22
N LEU B 471 21.17 -11.58 77.85
CA LEU B 471 19.77 -11.76 77.51
C LEU B 471 18.88 -12.06 78.72
N LYS B 472 19.45 -12.11 79.92
CA LYS B 472 18.71 -12.39 81.15
C LYS B 472 18.10 -13.79 81.14
N ILE B 473 18.74 -14.72 80.42
CA ILE B 473 18.33 -16.13 80.47
C ILE B 473 18.75 -16.70 81.81
N GLN B 474 17.78 -17.18 82.59
CA GLN B 474 18.03 -17.68 83.93
C GLN B 474 17.46 -19.08 84.15
N SER B 475 16.93 -19.71 83.10
CA SER B 475 16.37 -21.05 83.22
C SER B 475 16.43 -21.70 81.85
N GLN B 476 16.56 -23.03 81.85
CA GLN B 476 16.53 -23.79 80.61
C GLN B 476 15.17 -23.73 79.91
N ASN B 477 14.15 -23.19 80.57
CA ASN B 477 12.81 -23.10 79.99
C ASN B 477 12.54 -21.74 79.35
N ASP B 478 13.56 -20.91 79.15
CA ASP B 478 13.42 -19.62 78.50
C ASP B 478 13.49 -19.81 76.98
N ARG B 479 12.43 -20.41 76.44
CA ARG B 479 12.48 -20.98 75.08
C ARG B 479 12.81 -19.92 74.03
N GLU B 480 12.13 -18.77 74.06
CA GLU B 480 12.31 -17.79 73.00
C GLU B 480 13.67 -17.10 73.10
N LYS B 481 14.08 -16.74 74.32
CA LYS B 481 15.40 -16.15 74.50
C LYS B 481 16.49 -17.14 74.11
N LEU B 482 16.34 -18.41 74.50
CA LEU B 482 17.32 -19.42 74.16
C LEU B 482 17.39 -19.63 72.65
N ALA B 483 16.24 -19.58 71.97
CA ALA B 483 16.25 -19.74 70.51
C ALA B 483 16.98 -18.59 69.83
N GLU B 484 16.64 -17.36 70.22
CA GLU B 484 17.34 -16.20 69.67
C GLU B 484 18.85 -16.29 69.90
N ALA B 485 19.24 -16.60 71.15
CA ALA B 485 20.65 -16.64 71.51
C ALA B 485 21.38 -17.77 70.79
N LYS B 486 20.72 -18.92 70.64
CA LYS B 486 21.33 -20.06 69.98
C LYS B 486 21.61 -19.75 68.52
N GLU B 487 20.62 -19.18 67.84
CA GLU B 487 20.86 -18.76 66.46
C GLU B 487 22.02 -17.77 66.38
N LYS B 488 22.01 -16.76 67.25
CA LYS B 488 23.05 -15.74 67.22
C LYS B 488 24.44 -16.33 67.35
N ILE B 489 24.69 -17.11 68.42
CA ILE B 489 26.05 -17.58 68.60
C ILE B 489 26.40 -18.75 67.69
N TYR B 490 25.43 -19.52 67.17
CA TYR B 490 25.78 -20.48 66.14
C TYR B 490 26.34 -19.76 64.91
N LEU B 491 25.64 -18.71 64.45
CA LEU B 491 26.11 -17.98 63.28
C LEU B 491 27.46 -17.33 63.55
N LYS B 492 27.60 -16.68 64.72
CA LYS B 492 28.85 -16.00 65.02
C LYS B 492 30.01 -17.00 65.14
N GLY B 493 29.80 -18.12 65.84
CA GLY B 493 30.84 -19.11 65.96
C GLY B 493 31.29 -19.66 64.63
N PHE B 494 30.33 -19.93 63.73
CA PHE B 494 30.72 -20.50 62.45
C PHE B 494 31.47 -19.49 61.58
N TYR B 495 31.06 -18.23 61.57
CA TYR B 495 31.66 -17.29 60.61
C TYR B 495 32.81 -16.49 61.18
N GLU B 496 32.93 -16.36 62.50
CA GLU B 496 33.98 -15.56 63.09
C GLU B 496 34.76 -16.30 64.17
N GLY B 497 34.43 -17.55 64.48
CA GLY B 497 35.09 -18.24 65.56
C GLY B 497 36.52 -18.61 65.22
N ILE B 498 37.39 -18.53 66.23
CA ILE B 498 38.79 -18.92 66.12
C ILE B 498 39.04 -20.02 67.15
N MET B 499 39.60 -21.15 66.70
CA MET B 499 39.88 -22.26 67.59
C MET B 499 41.00 -21.90 68.57
N LEU B 500 40.91 -22.46 69.77
CA LEU B 500 41.87 -22.19 70.84
C LEU B 500 42.57 -23.44 71.34
N VAL B 501 42.23 -24.62 70.82
CA VAL B 501 42.76 -25.87 71.37
C VAL B 501 43.99 -26.30 70.58
N ASP B 502 44.80 -27.13 71.22
CA ASP B 502 46.02 -27.64 70.59
C ASP B 502 45.67 -28.43 69.33
N GLY B 503 46.41 -28.14 68.27
CA GLY B 503 46.18 -28.73 66.98
C GLY B 503 45.45 -27.81 66.02
N PHE B 504 44.80 -26.76 66.54
CA PHE B 504 44.01 -25.88 65.70
C PHE B 504 44.08 -24.42 66.14
N LYS B 505 45.00 -24.06 67.03
CA LYS B 505 45.12 -22.68 67.47
C LYS B 505 45.18 -21.73 66.28
N GLY B 506 44.38 -20.66 66.36
CA GLY B 506 44.33 -19.65 65.31
C GLY B 506 43.55 -20.03 64.08
N GLN B 507 42.95 -21.21 64.04
CA GLN B 507 42.22 -21.66 62.88
C GLN B 507 40.75 -21.24 62.95
N LYS B 508 40.19 -20.94 61.79
CA LYS B 508 38.77 -20.63 61.71
C LYS B 508 37.93 -21.88 61.93
N VAL B 509 36.83 -21.73 62.66
CA VAL B 509 35.86 -22.82 62.83
C VAL B 509 35.47 -23.37 61.45
N GLN B 510 35.11 -22.46 60.57
CA GLN B 510 34.75 -22.71 59.18
C GLN B 510 35.67 -23.71 58.50
N ASP B 511 36.98 -23.56 58.71
CA ASP B 511 37.96 -24.34 58.00
C ASP B 511 38.30 -25.67 58.67
N VAL B 512 37.93 -25.88 59.93
CA VAL B 512 38.36 -27.06 60.66
C VAL B 512 37.20 -27.98 61.08
N LYS B 513 35.94 -27.58 60.90
CA LYS B 513 34.84 -28.45 61.33
C LYS B 513 34.96 -29.86 60.78
N LYS B 514 35.12 -29.99 59.47
CA LYS B 514 35.15 -31.32 58.85
C LYS B 514 36.40 -32.08 59.24
N THR B 515 37.53 -31.38 59.35
CA THR B 515 38.75 -32.02 59.84
C THR B 515 38.54 -32.64 61.21
N ILE B 516 37.89 -31.91 62.13
CA ILE B 516 37.72 -32.42 63.48
C ILE B 516 36.70 -33.56 63.51
N GLN B 517 35.64 -33.44 62.71
CA GLN B 517 34.72 -34.57 62.56
C GLN B 517 35.48 -35.81 62.12
N LYS B 518 36.28 -35.68 61.05
CA LYS B 518 37.04 -36.80 60.52
C LYS B 518 38.01 -37.34 61.56
N LYS B 519 38.60 -36.45 62.35
CA LYS B 519 39.52 -36.87 63.40
C LYS B 519 38.81 -37.80 64.38
N MET B 520 37.61 -37.44 64.79
CA MET B 520 36.86 -38.30 65.71
C MET B 520 36.41 -39.59 65.04
N ILE B 521 36.03 -39.52 63.77
CA ILE B 521 35.55 -40.71 63.09
C ILE B 521 36.69 -41.70 62.86
N ASP B 522 37.87 -41.20 62.50
CA ASP B 522 39.03 -42.06 62.26
C ASP B 522 39.48 -42.75 63.56
N ALA B 523 39.39 -42.06 64.69
CA ALA B 523 39.78 -42.69 65.95
C ALA B 523 38.75 -43.65 66.49
N GLY B 524 37.64 -43.87 65.79
CA GLY B 524 36.61 -44.76 66.29
C GLY B 524 35.74 -44.17 67.36
N ASP B 525 35.72 -42.85 67.50
CA ASP B 525 34.96 -42.17 68.54
C ASP B 525 33.72 -41.47 68.01
N ALA B 526 33.43 -41.59 66.71
CA ALA B 526 32.29 -40.88 66.15
C ALA B 526 31.89 -41.55 64.85
N LEU B 527 30.65 -41.31 64.44
CA LEU B 527 30.09 -41.88 63.23
C LEU B 527 29.21 -40.85 62.55
N ILE B 528 28.89 -41.09 61.28
CA ILE B 528 27.93 -40.28 60.55
C ILE B 528 26.54 -40.81 60.85
N TYR B 529 25.64 -39.92 61.27
CA TYR B 529 24.24 -40.26 61.50
C TYR B 529 23.37 -39.37 60.62
N MET B 530 22.52 -40.00 59.82
CA MET B 530 21.59 -39.29 58.95
C MET B 530 20.16 -39.53 59.42
N GLU B 531 19.34 -38.50 59.34
CA GLU B 531 17.91 -38.62 59.57
C GLU B 531 17.19 -37.59 58.71
N PRO B 532 15.91 -37.80 58.41
CA PRO B 532 15.19 -36.82 57.59
C PRO B 532 15.12 -35.47 58.28
N GLU B 533 15.33 -34.41 57.49
CA GLU B 533 15.22 -33.05 58.01
C GLU B 533 13.94 -32.85 58.80
N LYS B 534 12.81 -33.27 58.22
CA LYS B 534 11.50 -33.29 58.86
C LYS B 534 10.84 -34.63 58.58
N GLN B 535 9.70 -34.88 59.21
CA GLN B 535 9.02 -36.16 59.01
C GLN B 535 8.60 -36.32 57.55
N VAL B 536 8.65 -37.56 57.08
CA VAL B 536 8.25 -37.90 55.71
C VAL B 536 7.41 -39.17 55.77
N MET B 537 6.15 -39.07 55.35
CA MET B 537 5.22 -40.19 55.38
C MET B 537 5.01 -40.70 53.96
N SER B 538 5.19 -42.00 53.77
CA SER B 538 4.98 -42.56 52.45
C SER B 538 3.49 -42.65 52.14
N ARG B 539 3.18 -42.91 50.87
CA ARG B 539 1.78 -43.08 50.50
C ARG B 539 1.18 -44.33 51.12
N SER B 540 2.01 -45.24 51.62
CA SER B 540 1.55 -46.35 52.45
C SER B 540 1.53 -46.00 53.94
N SER B 541 1.57 -44.72 54.28
CA SER B 541 1.49 -44.24 55.66
C SER B 541 2.63 -44.77 56.53
N ASP B 542 3.75 -45.12 55.91
CA ASP B 542 4.94 -45.50 56.65
C ASP B 542 5.76 -44.26 56.97
N GLU B 543 6.28 -44.19 58.19
CA GLU B 543 7.19 -43.11 58.57
C GLU B 543 8.58 -43.41 58.00
N CYS B 544 9.07 -42.53 57.13
CA CYS B 544 10.27 -42.82 56.37
C CYS B 544 11.52 -42.63 57.22
N VAL B 545 12.58 -43.31 56.81
CA VAL B 545 13.90 -43.14 57.39
C VAL B 545 14.85 -42.66 56.31
N VAL B 546 16.07 -42.35 56.73
CA VAL B 546 17.18 -42.24 55.80
C VAL B 546 17.89 -43.59 55.77
N ALA B 547 18.12 -44.11 54.57
CA ALA B 547 18.81 -45.38 54.41
C ALA B 547 20.07 -45.17 53.58
N LEU B 548 21.09 -45.97 53.87
CA LEU B 548 22.31 -46.04 53.08
C LEU B 548 22.22 -47.33 52.28
N CYS B 549 21.72 -47.24 51.05
CA CYS B 549 21.37 -48.44 50.30
C CYS B 549 21.98 -48.39 48.91
N ASP B 550 22.12 -49.58 48.34
CA ASP B 550 22.54 -49.71 46.95
C ASP B 550 21.44 -49.20 46.04
N GLN B 551 21.83 -48.52 44.96
CA GLN B 551 20.86 -47.87 44.10
C GLN B 551 21.55 -47.47 42.81
N TRP B 552 20.77 -47.49 41.72
CA TRP B 552 21.16 -46.79 40.51
C TRP B 552 20.63 -45.37 40.61
N TYR B 553 21.48 -44.39 40.33
CA TYR B 553 21.12 -43.00 40.53
C TYR B 553 21.51 -42.17 39.32
N LEU B 554 20.81 -41.06 39.16
CA LEU B 554 21.14 -40.06 38.15
C LEU B 554 22.09 -39.04 38.77
N ASP B 555 23.21 -38.79 38.09
CA ASP B 555 24.31 -38.00 38.62
C ASP B 555 24.05 -36.50 38.45
N TYR B 556 22.89 -36.06 38.99
CA TYR B 556 22.49 -34.67 38.80
C TYR B 556 23.45 -33.69 39.48
N GLY B 557 24.26 -34.16 40.43
CA GLY B 557 25.21 -33.28 41.08
C GLY B 557 26.41 -32.93 40.23
N GLU B 558 26.64 -33.65 39.13
CA GLU B 558 27.87 -33.48 38.35
C GLU B 558 27.95 -32.06 37.79
N GLU B 559 29.12 -31.44 37.99
CA GLU B 559 29.25 -30.00 37.82
C GLU B 559 28.97 -29.55 36.39
N ASN B 560 29.50 -30.26 35.41
CA ASN B 560 29.30 -29.83 34.04
C ASN B 560 27.85 -29.97 33.62
N TRP B 561 27.23 -31.09 33.98
CA TRP B 561 25.82 -31.31 33.68
C TRP B 561 24.95 -30.25 34.34
N LYS B 562 25.21 -29.98 35.62
CA LYS B 562 24.43 -28.96 36.32
C LYS B 562 24.63 -27.58 35.70
N LYS B 563 25.84 -27.29 35.21
CA LYS B 563 26.10 -25.97 34.63
C LYS B 563 25.39 -25.81 33.30
N GLN B 564 25.45 -26.83 32.44
CA GLN B 564 24.69 -26.79 31.19
C GLN B 564 23.20 -26.68 31.46
N THR B 565 22.69 -27.39 32.49
CA THR B 565 21.27 -27.27 32.79
C THR B 565 20.95 -25.85 33.27
N SER B 566 21.86 -25.22 34.01
CA SER B 566 21.65 -23.82 34.39
C SER B 566 21.61 -22.91 33.16
N GLN B 567 22.38 -23.24 32.13
CA GLN B 567 22.30 -22.47 30.89
C GLN B 567 20.94 -22.65 30.24
N CYS B 568 20.49 -23.90 30.16
CA CYS B 568 19.15 -24.19 29.65
C CYS B 568 18.09 -23.41 30.42
N LEU B 569 18.19 -23.39 31.75
CA LEU B 569 17.26 -22.62 32.57
C LEU B 569 17.33 -21.14 32.22
N LYS B 570 18.55 -20.61 32.05
CA LYS B 570 18.71 -19.20 31.73
C LYS B 570 18.02 -18.85 30.42
N ASN B 571 18.18 -19.69 29.39
CA ASN B 571 17.52 -19.45 28.11
C ASN B 571 16.02 -19.73 28.17
N LEU B 572 15.50 -20.28 29.28
CA LEU B 572 14.12 -20.71 29.35
C LEU B 572 13.22 -19.54 29.73
N GLU B 573 12.03 -19.50 29.11
CA GLU B 573 10.96 -18.61 29.53
C GLU B 573 10.21 -19.24 30.69
N THR B 574 10.13 -18.55 31.83
CA THR B 574 9.41 -19.05 32.99
C THR B 574 8.18 -18.23 33.35
N PHE B 575 7.88 -17.17 32.60
CA PHE B 575 6.67 -16.35 32.75
C PHE B 575 6.61 -15.56 34.05
N CYS B 576 7.28 -16.00 35.11
CA CYS B 576 7.37 -15.18 36.31
C CYS B 576 8.66 -15.50 37.06
N GLU B 577 9.13 -14.52 37.82
CA GLU B 577 10.41 -14.65 38.50
C GLU B 577 10.38 -15.71 39.59
N GLU B 578 9.22 -15.92 40.22
CA GLU B 578 9.15 -16.88 41.31
C GLU B 578 9.42 -18.30 40.80
N THR B 579 8.90 -18.63 39.61
CA THR B 579 9.19 -19.95 39.05
C THR B 579 10.67 -20.10 38.74
N ARG B 580 11.29 -19.03 38.24
CA ARG B 580 12.72 -19.05 37.95
C ARG B 580 13.56 -19.25 39.20
N ARG B 581 13.23 -18.53 40.27
CA ARG B 581 13.93 -18.71 41.54
C ARG B 581 13.72 -20.11 42.10
N ASN B 582 12.53 -20.68 41.89
CA ASN B 582 12.27 -22.05 42.32
C ASN B 582 13.15 -23.04 41.57
N PHE B 583 13.23 -22.90 40.25
CA PHE B 583 14.13 -23.72 39.45
C PHE B 583 15.57 -23.58 39.93
N GLU B 584 16.00 -22.34 40.20
CA GLU B 584 17.38 -22.11 40.61
C GLU B 584 17.68 -22.77 41.95
N ALA B 585 16.76 -22.69 42.90
CA ALA B 585 16.96 -23.34 44.18
C ALA B 585 17.03 -24.86 44.03
N THR B 586 16.13 -25.42 43.20
CA THR B 586 16.18 -26.86 42.95
C THR B 586 17.55 -27.26 42.38
N LEU B 587 18.02 -26.53 41.36
CA LEU B 587 19.30 -26.87 40.75
C LEU B 587 20.46 -26.72 41.74
N GLY B 588 20.40 -25.71 42.59
CA GLY B 588 21.45 -25.57 43.60
C GLY B 588 21.50 -26.76 44.53
N TRP B 589 20.34 -27.27 44.94
CA TRP B 589 20.28 -28.33 45.93
C TRP B 589 20.47 -29.74 45.37
N LEU B 590 20.24 -29.94 44.08
CA LEU B 590 20.07 -31.28 43.53
C LEU B 590 21.39 -32.06 43.50
N GLN B 591 21.33 -33.32 43.96
CA GLN B 591 22.47 -34.24 43.92
C GLN B 591 22.06 -35.58 43.33
N GLU B 592 22.56 -36.68 43.91
CA GLU B 592 22.18 -38.00 43.42
C GLU B 592 20.68 -38.20 43.55
N HIS B 593 20.08 -38.74 42.49
CA HIS B 593 18.65 -39.04 42.48
C HIS B 593 18.49 -40.53 42.21
N ALA B 594 18.05 -41.28 43.21
CA ALA B 594 17.82 -42.70 43.06
C ALA B 594 16.67 -42.94 42.09
N CYS B 595 16.94 -43.69 41.02
CA CYS B 595 15.96 -43.90 39.98
C CYS B 595 15.49 -45.34 39.89
N SER B 596 15.99 -46.22 40.74
CA SER B 596 15.69 -47.65 40.67
C SER B 596 14.75 -48.05 41.80
N ARG B 597 13.86 -48.99 41.50
CA ARG B 597 12.90 -49.54 42.45
C ARG B 597 12.79 -51.03 42.20
N THR B 598 12.30 -51.76 43.21
CA THR B 598 12.03 -53.18 43.04
C THR B 598 10.54 -53.49 43.08
N TYR B 599 9.69 -52.49 43.30
CA TYR B 599 8.26 -52.67 43.44
C TYR B 599 7.55 -51.61 42.63
N GLY B 600 6.54 -52.03 41.87
CA GLY B 600 5.69 -51.12 41.12
C GLY B 600 5.54 -51.54 39.68
N LEU B 601 4.95 -50.65 38.89
CA LEU B 601 4.83 -50.83 37.46
C LEU B 601 5.85 -49.91 36.79
N GLY B 602 6.36 -50.34 35.65
CA GLY B 602 7.28 -49.49 34.91
C GLY B 602 8.09 -50.29 33.92
N THR B 603 9.15 -49.64 33.43
CA THR B 603 10.15 -50.25 32.57
C THR B 603 11.34 -50.66 33.42
N HIS B 604 11.91 -51.82 33.12
CA HIS B 604 13.08 -52.32 33.85
C HIS B 604 14.37 -51.76 33.24
N LEU B 605 15.34 -51.48 34.10
CA LEU B 605 16.68 -51.10 33.63
C LEU B 605 17.20 -52.17 32.67
N PRO B 606 17.59 -51.79 31.45
CA PRO B 606 17.89 -52.81 30.44
C PRO B 606 19.10 -53.67 30.76
N TRP B 607 20.04 -53.17 31.57
CA TRP B 607 21.24 -53.91 31.92
C TRP B 607 21.14 -54.62 33.26
N ASP B 608 20.01 -54.52 33.96
CA ASP B 608 19.85 -55.09 35.28
C ASP B 608 18.36 -55.17 35.63
N GLU B 609 17.64 -56.09 34.99
CA GLU B 609 16.18 -56.06 34.99
C GLU B 609 15.55 -56.33 36.36
N GLN B 610 16.33 -56.55 37.41
CA GLN B 610 15.70 -56.61 38.73
C GLN B 610 15.24 -55.23 39.20
N TRP B 611 15.67 -54.17 38.53
CA TRP B 611 15.35 -52.81 38.92
C TRP B 611 14.27 -52.25 38.00
N LEU B 612 13.27 -51.61 38.60
CA LEU B 612 12.30 -50.80 37.88
C LEU B 612 12.76 -49.35 37.87
N ILE B 613 12.51 -48.66 36.76
CA ILE B 613 12.75 -47.24 36.69
C ILE B 613 11.55 -46.51 37.31
N GLU B 614 11.83 -45.60 38.23
CA GLU B 614 10.76 -44.96 38.98
C GLU B 614 10.08 -43.88 38.14
N SER B 615 8.90 -43.46 38.59
CA SER B 615 8.01 -42.68 37.74
C SER B 615 8.54 -41.28 37.45
N LEU B 616 9.43 -40.76 38.28
CA LEU B 616 10.03 -39.47 38.00
C LEU B 616 11.30 -39.57 37.14
N SER B 617 11.62 -40.75 36.65
CA SER B 617 12.81 -40.94 35.84
C SER B 617 12.56 -41.52 34.46
N ASP B 618 11.44 -42.20 34.23
CA ASP B 618 11.09 -42.64 32.88
C ASP B 618 10.28 -41.60 32.13
N SER B 619 10.22 -40.37 32.65
CA SER B 619 9.24 -39.38 32.24
C SER B 619 9.87 -38.02 31.98
N THR B 620 11.06 -37.98 31.39
CA THR B 620 11.76 -36.72 31.23
C THR B 620 11.96 -36.29 29.78
N ILE B 621 11.90 -37.20 28.82
CA ILE B 621 12.07 -36.80 27.44
C ILE B 621 11.03 -37.46 26.55
N TYR B 622 9.96 -37.98 27.15
CA TYR B 622 8.92 -38.68 26.39
C TYR B 622 8.21 -37.75 25.39
N MET B 623 8.33 -36.44 25.57
CA MET B 623 7.82 -35.51 24.57
C MET B 623 8.39 -35.82 23.18
N ALA B 624 9.60 -36.37 23.13
CA ALA B 624 10.15 -36.76 21.84
C ALA B 624 9.42 -37.98 21.29
N PHE B 625 8.98 -38.87 22.17
CA PHE B 625 8.17 -40.00 21.74
C PHE B 625 6.83 -39.54 21.19
N TYR B 626 6.27 -38.46 21.72
CA TYR B 626 5.06 -37.88 21.14
C TYR B 626 5.20 -37.66 19.63
N THR B 627 6.38 -37.20 19.19
CA THR B 627 6.51 -36.80 17.79
C THR B 627 6.41 -37.98 16.83
N VAL B 628 6.50 -39.22 17.30
CA VAL B 628 6.49 -40.37 16.43
C VAL B 628 5.47 -41.42 16.83
N ALA B 629 4.68 -41.18 17.89
CA ALA B 629 3.80 -42.23 18.41
C ALA B 629 2.70 -42.60 17.42
N HIS B 630 2.19 -41.64 16.65
CA HIS B 630 1.16 -41.95 15.68
C HIS B 630 1.67 -42.92 14.63
N LEU B 631 2.93 -42.78 14.23
CA LEU B 631 3.51 -43.66 13.23
C LEU B 631 3.92 -45.00 13.80
N LEU B 632 4.30 -45.04 15.09
CA LEU B 632 4.78 -46.28 15.68
C LEU B 632 3.65 -47.16 16.16
N GLN B 633 2.76 -46.64 17.00
CA GLN B 633 1.71 -47.46 17.58
C GLN B 633 0.30 -46.99 17.27
N GLY B 634 0.14 -45.86 16.57
CA GLY B 634 -1.14 -45.47 16.01
C GLY B 634 -2.32 -45.44 16.95
N GLY B 635 -2.18 -44.75 18.08
CA GLY B 635 -3.30 -44.45 18.96
C GLY B 635 -3.78 -45.58 19.83
N ASN B 636 -3.34 -46.83 19.59
CA ASN B 636 -3.66 -47.92 20.51
C ASN B 636 -2.81 -47.76 21.76
N LEU B 637 -3.46 -47.42 22.89
CA LEU B 637 -2.72 -46.93 24.05
C LEU B 637 -1.68 -47.94 24.52
N HIS B 638 -2.04 -49.22 24.57
CA HIS B 638 -1.10 -50.23 25.05
C HIS B 638 -0.04 -50.60 24.02
N GLY B 639 -0.05 -49.97 22.85
CA GLY B 639 0.90 -50.32 21.79
C GLY B 639 0.76 -51.74 21.29
N GLN B 640 -0.44 -52.31 21.38
CA GLN B 640 -0.65 -53.72 21.05
C GLN B 640 -1.08 -53.95 19.61
N ALA B 641 -1.66 -52.95 18.96
CA ALA B 641 -2.14 -53.09 17.60
C ALA B 641 -0.97 -53.06 16.62
N GLU B 642 -1.27 -53.10 15.33
CA GLU B 642 -0.22 -53.15 14.32
C GLU B 642 0.23 -51.74 13.98
N SER B 643 1.51 -51.61 13.70
CA SER B 643 2.10 -50.30 13.46
C SER B 643 1.61 -49.73 12.14
N PRO B 644 1.16 -48.48 12.11
CA PRO B 644 0.81 -47.85 10.82
C PRO B 644 1.94 -47.87 9.80
N LEU B 645 3.19 -47.99 10.25
CA LEU B 645 4.33 -48.14 9.34
C LEU B 645 4.85 -49.57 9.31
N GLY B 646 4.17 -50.51 9.97
CA GLY B 646 4.63 -51.87 9.99
C GLY B 646 5.89 -52.12 10.77
N ILE B 647 6.32 -51.17 11.59
CA ILE B 647 7.52 -51.33 12.40
C ILE B 647 7.16 -52.10 13.67
N ARG B 648 7.78 -53.26 13.86
CA ARG B 648 7.57 -54.03 15.07
C ARG B 648 8.40 -53.46 16.22
N PRO B 649 7.90 -53.54 17.45
CA PRO B 649 8.65 -52.95 18.58
C PRO B 649 10.07 -53.47 18.70
N GLN B 650 10.26 -54.78 18.57
CA GLN B 650 11.60 -55.35 18.69
C GLN B 650 12.58 -54.80 17.66
N GLN B 651 12.09 -54.17 16.58
CA GLN B 651 12.98 -53.59 15.59
C GLN B 651 13.55 -52.24 15.99
N MET B 652 13.05 -51.62 17.06
CA MET B 652 13.49 -50.30 17.47
C MET B 652 14.69 -50.41 18.42
N THR B 653 15.83 -50.76 17.83
CA THR B 653 17.05 -50.90 18.60
C THR B 653 17.60 -49.53 18.98
N LYS B 654 18.62 -49.56 19.85
CA LYS B 654 19.31 -48.34 20.26
C LYS B 654 19.75 -47.52 19.05
N GLU B 655 20.23 -48.20 18.00
CA GLU B 655 20.76 -47.50 16.83
C GLU B 655 19.64 -46.88 15.99
N VAL B 656 18.49 -47.56 15.90
CA VAL B 656 17.34 -47.00 15.20
C VAL B 656 16.86 -45.73 15.91
N TRP B 657 16.64 -45.82 17.21
CA TRP B 657 16.25 -44.64 17.97
C TRP B 657 17.26 -43.52 17.79
N ASP B 658 18.55 -43.85 17.78
CA ASP B 658 19.59 -42.86 17.49
C ASP B 658 19.30 -42.16 16.16
N TYR B 659 19.04 -42.95 15.11
CA TYR B 659 18.80 -42.32 13.81
C TYR B 659 17.56 -41.44 13.84
N VAL B 660 16.53 -41.86 14.59
CA VAL B 660 15.32 -41.05 14.68
C VAL B 660 15.59 -39.72 15.37
N PHE B 661 16.36 -39.74 16.47
CA PHE B 661 16.44 -38.59 17.35
C PHE B 661 17.73 -37.79 17.28
N PHE B 662 18.81 -38.35 16.74
CA PHE B 662 20.09 -37.66 16.67
C PHE B 662 20.36 -37.34 15.20
N LYS B 663 20.33 -36.05 14.85
CA LYS B 663 20.33 -35.70 13.43
C LYS B 663 21.61 -36.08 12.72
N GLU B 664 22.72 -36.26 13.44
CA GLU B 664 23.97 -36.66 12.81
C GLU B 664 24.20 -38.16 12.85
N ALA B 665 23.30 -38.91 13.46
CA ALA B 665 23.52 -40.34 13.64
C ALA B 665 23.53 -41.06 12.30
N PRO B 666 24.34 -42.11 12.17
CA PRO B 666 24.36 -42.88 10.91
C PRO B 666 23.09 -43.68 10.75
N PHE B 667 22.75 -43.96 9.50
CA PHE B 667 21.58 -44.81 9.25
C PHE B 667 21.84 -46.19 9.84
N PRO B 668 20.93 -46.71 10.65
CA PRO B 668 21.24 -47.94 11.39
C PRO B 668 21.22 -49.17 10.51
N LYS B 669 21.54 -50.31 11.11
CA LYS B 669 21.47 -51.60 10.45
C LYS B 669 20.16 -52.27 10.88
N THR B 670 19.13 -52.17 10.05
CA THR B 670 17.89 -52.89 10.25
C THR B 670 17.30 -53.29 8.92
N GLN B 671 16.18 -54.02 8.99
CA GLN B 671 15.33 -54.30 7.85
C GLN B 671 14.21 -53.28 7.69
N ILE B 672 14.21 -52.22 8.50
CA ILE B 672 13.20 -51.17 8.35
C ILE B 672 13.56 -50.32 7.15
N ALA B 673 12.59 -50.11 6.26
CA ALA B 673 12.84 -49.32 5.06
C ALA B 673 13.21 -47.89 5.43
N LYS B 674 14.24 -47.36 4.76
CA LYS B 674 14.75 -46.05 5.09
C LYS B 674 13.67 -44.96 4.99
N GLU B 675 12.67 -45.15 4.12
CA GLU B 675 11.63 -44.14 3.98
C GLU B 675 10.78 -44.01 5.26
N LYS B 676 10.49 -45.14 5.91
CA LYS B 676 9.74 -45.11 7.16
C LYS B 676 10.53 -44.40 8.26
N LEU B 677 11.78 -44.83 8.47
CA LEU B 677 12.61 -44.18 9.48
C LEU B 677 12.76 -42.69 9.19
N ASP B 678 12.81 -42.32 7.91
CA ASP B 678 12.89 -40.90 7.59
C ASP B 678 11.59 -40.18 7.94
N GLN B 679 10.44 -40.85 7.84
CA GLN B 679 9.20 -40.25 8.32
C GLN B 679 9.29 -39.94 9.82
N LEU B 680 9.81 -40.89 10.59
CA LEU B 680 9.98 -40.66 12.03
C LEU B 680 10.93 -39.50 12.30
N LYS B 681 12.10 -39.53 11.66
CA LYS B 681 13.10 -38.48 11.84
C LYS B 681 12.56 -37.12 11.45
N GLN B 682 11.79 -37.05 10.36
CA GLN B 682 11.23 -35.78 9.93
C GLN B 682 10.22 -35.25 10.92
N GLU B 683 9.33 -36.12 11.44
CA GLU B 683 8.41 -35.67 12.48
C GLU B 683 9.18 -35.07 13.65
N PHE B 684 10.19 -35.79 14.15
CA PHE B 684 10.90 -35.30 15.34
C PHE B 684 11.61 -33.99 15.05
N GLU B 685 12.32 -33.92 13.92
CA GLU B 685 13.10 -32.72 13.61
C GLU B 685 12.21 -31.53 13.28
N PHE B 686 10.97 -31.79 12.89
CA PHE B 686 10.04 -30.70 12.62
C PHE B 686 9.40 -30.18 13.90
N TRP B 687 9.02 -31.06 14.82
CA TRP B 687 8.23 -30.59 15.96
C TRP B 687 9.08 -30.07 17.13
N TYR B 688 10.19 -30.73 17.45
CA TYR B 688 11.02 -30.28 18.56
C TYR B 688 11.64 -28.91 18.24
N PRO B 689 11.95 -28.11 19.27
CA PRO B 689 11.80 -28.35 20.71
C PRO B 689 10.38 -28.16 21.22
N VAL B 690 10.13 -28.59 22.46
CA VAL B 690 8.85 -28.37 23.12
C VAL B 690 8.73 -26.87 23.42
N ASP B 691 7.85 -26.18 22.70
CA ASP B 691 7.70 -24.74 22.90
C ASP B 691 7.12 -24.40 24.26
N LEU B 692 6.27 -25.26 24.82
CA LEU B 692 5.57 -24.91 26.06
C LEU B 692 5.28 -26.18 26.84
N ARG B 693 5.52 -26.11 28.15
CA ARG B 693 5.10 -27.16 29.07
C ARG B 693 4.46 -26.47 30.26
N VAL B 694 3.19 -26.77 30.51
CA VAL B 694 2.44 -26.15 31.59
C VAL B 694 2.29 -27.17 32.70
N SER B 695 2.25 -26.70 33.94
CA SER B 695 2.11 -27.64 35.04
C SER B 695 1.69 -26.89 36.30
N GLY B 696 1.08 -27.62 37.22
CA GLY B 696 1.01 -27.15 38.59
C GLY B 696 2.40 -26.98 39.16
N LYS B 697 2.53 -26.05 40.11
CA LYS B 697 3.85 -25.68 40.60
C LYS B 697 4.52 -26.77 41.42
N ASP B 698 3.80 -27.84 41.78
CA ASP B 698 4.40 -28.91 42.56
C ASP B 698 5.46 -29.68 41.79
N LEU B 699 5.48 -29.57 40.46
CA LEU B 699 6.44 -30.31 39.65
C LEU B 699 7.72 -29.53 39.40
N VAL B 700 7.74 -28.23 39.68
CA VAL B 700 8.96 -27.44 39.50
C VAL B 700 10.15 -28.06 40.25
N PRO B 701 10.06 -28.37 41.54
CA PRO B 701 11.23 -28.93 42.24
C PRO B 701 11.56 -30.38 41.89
N ASN B 702 10.74 -31.08 41.10
CA ASN B 702 11.12 -32.44 40.73
C ASN B 702 11.07 -32.61 39.21
N HIS B 703 9.93 -33.05 38.66
CA HIS B 703 9.89 -33.47 37.25
C HIS B 703 10.44 -32.41 36.29
N LEU B 704 10.10 -31.14 36.49
CA LEU B 704 10.46 -30.13 35.47
C LEU B 704 11.96 -29.85 35.47
N SER B 705 12.61 -29.93 36.63
CA SER B 705 14.05 -29.78 36.67
C SER B 705 14.74 -30.98 36.03
N TYR B 706 14.29 -32.20 36.34
CA TYR B 706 14.81 -33.37 35.65
C TYR B 706 14.54 -33.30 34.15
N TYR B 707 13.48 -32.58 33.75
CA TYR B 707 13.12 -32.42 32.34
C TYR B 707 14.17 -31.59 31.61
N LEU B 708 14.55 -30.46 32.20
CA LEU B 708 15.70 -29.72 31.70
C LEU B 708 16.96 -30.60 31.66
N TYR B 709 17.27 -31.27 32.77
CA TYR B 709 18.50 -32.07 32.88
C TYR B 709 18.60 -33.12 31.77
N ASN B 710 17.55 -33.94 31.61
CA ASN B 710 17.63 -35.01 30.64
C ASN B 710 17.63 -34.49 29.21
N HIS B 711 16.99 -33.34 28.95
CA HIS B 711 17.14 -32.76 27.61
C HIS B 711 18.58 -32.35 27.36
N VAL B 712 19.24 -31.80 28.36
CA VAL B 712 20.65 -31.44 28.20
C VAL B 712 21.49 -32.68 27.99
N ALA B 713 21.16 -33.77 28.69
CA ALA B 713 21.96 -34.99 28.59
C ALA B 713 21.81 -35.65 27.24
N MET B 714 20.61 -35.65 26.67
CA MET B 714 20.38 -36.40 25.45
C MET B 714 20.78 -35.64 24.19
N TRP B 715 20.70 -34.32 24.21
CA TRP B 715 21.09 -33.49 23.07
C TRP B 715 22.07 -32.43 23.55
N PRO B 716 23.26 -32.84 24.01
CA PRO B 716 24.18 -31.87 24.62
C PRO B 716 24.72 -30.83 23.66
N GLU B 717 24.79 -31.13 22.37
CA GLU B 717 25.35 -30.18 21.40
C GLU B 717 24.29 -29.40 20.64
N GLN B 718 23.02 -29.50 21.01
CA GLN B 718 21.94 -28.83 20.29
C GLN B 718 21.04 -28.12 21.29
N SER B 719 21.44 -26.92 21.71
CA SER B 719 20.59 -26.16 22.62
C SER B 719 19.30 -25.70 21.96
N ASP B 720 19.18 -25.81 20.64
CA ASP B 720 17.92 -25.56 19.96
C ASP B 720 16.96 -26.74 20.08
N LYS B 721 17.39 -27.82 20.74
CA LYS B 721 16.55 -28.97 21.06
C LYS B 721 16.06 -28.93 22.51
N TRP B 722 16.48 -27.97 23.30
CA TRP B 722 16.13 -27.92 24.71
C TRP B 722 14.82 -27.16 24.91
N PRO B 723 14.10 -27.42 26.01
CA PRO B 723 12.78 -26.81 26.20
C PRO B 723 12.83 -25.29 26.15
N THR B 724 11.78 -24.70 25.55
CA THR B 724 11.68 -23.27 25.31
C THR B 724 11.01 -22.51 26.46
N ALA B 725 9.97 -23.09 27.05
CA ALA B 725 9.19 -22.36 28.04
C ALA B 725 8.47 -23.34 28.95
N VAL B 726 8.35 -22.96 30.21
CA VAL B 726 7.66 -23.74 31.23
C VAL B 726 6.80 -22.78 32.03
N ARG B 727 5.52 -23.09 32.18
CA ARG B 727 4.59 -22.20 32.87
C ARG B 727 3.97 -22.93 34.06
N ALA B 728 4.26 -22.47 35.26
CA ALA B 728 3.67 -23.06 36.44
C ALA B 728 2.41 -22.31 36.82
N ASN B 729 1.46 -23.03 37.41
CA ASN B 729 0.26 -22.43 37.96
C ASN B 729 0.03 -22.99 39.36
N GLY B 730 -0.88 -22.37 40.09
CA GLY B 730 -1.23 -22.88 41.39
C GLY B 730 -2.12 -24.09 41.30
N HIS B 731 -2.39 -24.69 42.45
CA HIS B 731 -3.41 -25.71 42.47
C HIS B 731 -4.80 -25.08 42.57
N LEU B 732 -5.81 -25.88 42.25
CA LEU B 732 -7.16 -25.37 42.05
C LEU B 732 -7.97 -25.46 43.33
N LEU B 733 -8.56 -24.34 43.73
CA LEU B 733 -9.61 -24.34 44.74
C LEU B 733 -10.98 -24.45 44.06
N LEU B 734 -11.95 -24.98 44.80
CA LEU B 734 -13.33 -25.12 44.32
C LEU B 734 -14.22 -24.33 45.26
N ASN B 735 -14.86 -23.28 44.76
CA ASN B 735 -15.69 -22.38 45.56
C ASN B 735 -14.93 -21.86 46.77
N SER B 736 -13.70 -21.43 46.53
CA SER B 736 -12.78 -20.85 47.53
C SER B 736 -12.36 -21.83 48.61
N GLU B 737 -12.60 -23.13 48.44
CA GLU B 737 -12.23 -24.12 49.44
C GLU B 737 -11.35 -25.19 48.81
N LYS B 738 -10.61 -25.90 49.67
CA LYS B 738 -9.82 -27.04 49.21
C LYS B 738 -10.70 -28.03 48.47
N MET B 739 -10.24 -28.45 47.30
CA MET B 739 -10.95 -29.49 46.56
C MET B 739 -10.61 -30.83 47.19
N SER B 740 -11.59 -31.45 47.84
CA SER B 740 -11.37 -32.65 48.63
C SER B 740 -12.61 -33.52 48.63
N LYS B 741 -12.41 -34.83 48.50
CA LYS B 741 -13.54 -35.76 48.47
C LYS B 741 -14.20 -35.93 49.83
N SER B 742 -13.48 -35.67 50.92
CA SER B 742 -14.06 -35.85 52.25
C SER B 742 -15.21 -34.88 52.48
N THR B 743 -14.96 -33.58 52.26
CA THR B 743 -15.99 -32.58 52.46
C THR B 743 -17.07 -32.61 51.38
N GLY B 744 -16.88 -33.40 50.32
CA GLY B 744 -17.77 -33.37 49.19
C GLY B 744 -17.50 -32.24 48.21
N ASN B 745 -16.50 -31.40 48.48
CA ASN B 745 -16.15 -30.29 47.60
C ASN B 745 -15.13 -30.81 46.58
N PHE B 746 -15.63 -31.56 45.60
CA PHE B 746 -14.76 -32.22 44.65
C PHE B 746 -15.50 -32.38 43.33
N LEU B 747 -14.74 -32.38 42.23
CA LEU B 747 -15.31 -32.62 40.91
C LEU B 747 -14.28 -33.35 40.06
N THR B 748 -14.65 -34.51 39.54
CA THR B 748 -13.87 -35.07 38.45
C THR B 748 -14.10 -34.27 37.18
N LEU B 749 -13.28 -34.54 36.16
CA LEU B 749 -13.47 -33.87 34.88
C LEU B 749 -14.84 -34.20 34.29
N THR B 750 -15.21 -35.48 34.31
CA THR B 750 -16.48 -35.90 33.73
C THR B 750 -17.67 -35.33 34.52
N GLN B 751 -17.56 -35.19 35.83
CA GLN B 751 -18.63 -34.56 36.62
C GLN B 751 -18.77 -33.08 36.27
N ALA B 752 -17.65 -32.38 36.11
CA ALA B 752 -17.71 -30.96 35.77
C ALA B 752 -18.28 -30.75 34.38
N ILE B 753 -17.95 -31.63 33.43
CA ILE B 753 -18.57 -31.54 32.11
C ILE B 753 -20.07 -31.82 32.20
N ASP B 754 -20.44 -32.95 32.84
CA ASP B 754 -21.86 -33.24 33.09
C ASP B 754 -22.60 -32.03 33.64
N LYS B 755 -21.96 -31.25 34.53
CA LYS B 755 -22.67 -30.19 35.22
C LYS B 755 -22.65 -28.83 34.49
N PHE B 756 -21.63 -28.56 33.65
CA PHE B 756 -21.50 -27.24 33.05
C PHE B 756 -21.30 -27.23 31.54
N SER B 757 -21.35 -28.38 30.87
CA SER B 757 -20.87 -28.52 29.50
C SER B 757 -19.39 -28.17 29.39
N ALA B 758 -18.76 -28.72 28.36
CA ALA B 758 -17.38 -28.35 28.09
C ALA B 758 -17.21 -26.84 28.09
N ASP B 759 -18.13 -26.12 27.47
CA ASP B 759 -17.93 -24.68 27.32
C ASP B 759 -18.14 -23.93 28.64
N GLY B 760 -19.21 -24.22 29.41
CA GLY B 760 -19.32 -23.51 30.68
C GLY B 760 -18.15 -23.81 31.59
N MET B 761 -17.72 -25.08 31.63
CA MET B 761 -16.54 -25.45 32.41
C MET B 761 -15.31 -24.67 31.97
N ARG B 762 -15.02 -24.69 30.67
CA ARG B 762 -13.82 -24.03 30.16
C ARG B 762 -13.85 -22.54 30.40
N LEU B 763 -15.04 -21.92 30.35
CA LEU B 763 -15.14 -20.51 30.66
C LEU B 763 -14.78 -20.25 32.12
N ALA B 764 -15.28 -21.07 33.05
CA ALA B 764 -14.92 -20.85 34.44
C ALA B 764 -13.45 -21.21 34.72
N LEU B 765 -12.85 -22.06 33.90
CA LEU B 765 -11.43 -22.37 34.06
C LEU B 765 -10.55 -21.24 33.55
N ALA B 766 -10.95 -20.61 32.44
CA ALA B 766 -10.20 -19.45 31.98
C ALA B 766 -10.18 -18.35 33.01
N ASP B 767 -11.18 -18.29 33.89
CA ASP B 767 -11.33 -17.22 34.85
C ASP B 767 -10.69 -17.53 36.20
N ALA B 768 -10.08 -18.71 36.34
CA ALA B 768 -9.75 -19.24 37.66
C ALA B 768 -8.46 -18.67 38.26
N GLY B 769 -7.51 -18.21 37.44
CA GLY B 769 -6.27 -17.69 37.99
C GLY B 769 -5.08 -17.65 37.05
N ASP B 770 -4.40 -16.51 36.96
CA ASP B 770 -3.29 -16.32 36.04
C ASP B 770 -1.92 -16.39 36.69
N THR B 771 -1.84 -16.55 38.01
CA THR B 771 -0.57 -16.50 38.71
C THR B 771 -0.18 -17.88 39.21
N VAL B 772 0.83 -17.92 40.08
CA VAL B 772 1.28 -19.16 40.70
C VAL B 772 0.56 -19.43 42.01
N GLU B 773 -0.23 -18.46 42.49
CA GLU B 773 -1.05 -18.67 43.68
C GLU B 773 -2.24 -19.57 43.36
N ASP B 774 -2.91 -20.01 44.43
CA ASP B 774 -4.10 -20.85 44.30
C ASP B 774 -5.11 -20.22 43.36
N ALA B 775 -5.54 -21.00 42.37
CA ALA B 775 -6.64 -20.62 41.51
C ALA B 775 -7.95 -21.07 42.13
N ASN B 776 -9.04 -20.47 41.66
CA ASN B 776 -10.35 -20.71 42.23
C ASN B 776 -11.35 -20.95 41.12
N PHE B 777 -11.92 -22.15 41.10
CA PHE B 777 -13.03 -22.46 40.20
C PHE B 777 -14.33 -22.18 40.96
N VAL B 778 -15.05 -21.16 40.52
CA VAL B 778 -16.28 -20.72 41.18
C VAL B 778 -17.45 -21.26 40.39
N GLU B 779 -18.22 -22.18 41.00
CA GLU B 779 -19.37 -22.77 40.32
C GLU B 779 -20.42 -21.71 39.96
N ALA B 780 -20.65 -20.75 40.86
CA ALA B 780 -21.61 -19.68 40.57
C ALA B 780 -21.20 -18.91 39.33
N MET B 781 -19.90 -18.69 39.16
CA MET B 781 -19.41 -17.99 37.98
C MET B 781 -19.62 -18.83 36.73
N ALA B 782 -19.42 -20.15 36.84
CA ALA B 782 -19.67 -21.02 35.70
C ALA B 782 -21.15 -20.99 35.28
N ASP B 783 -22.05 -20.99 36.25
CA ASP B 783 -23.48 -20.91 35.94
C ASP B 783 -23.84 -19.57 35.30
N ALA B 784 -23.38 -18.47 35.90
CA ALA B 784 -23.62 -17.14 35.32
C ALA B 784 -23.05 -17.05 33.92
N GLY B 785 -21.91 -17.69 33.68
CA GLY B 785 -21.31 -17.68 32.35
C GLY B 785 -22.10 -18.49 31.35
N ILE B 786 -22.70 -19.59 31.79
CA ILE B 786 -23.61 -20.33 30.91
C ILE B 786 -24.77 -19.44 30.48
N LEU B 787 -25.38 -18.75 31.44
CA LEU B 787 -26.44 -17.82 31.10
C LEU B 787 -25.97 -16.75 30.11
N ARG B 788 -24.76 -16.23 30.33
CA ARG B 788 -24.24 -15.19 29.45
C ARG B 788 -23.98 -15.71 28.04
N LEU B 789 -23.47 -16.94 27.93
CA LEU B 789 -23.26 -17.55 26.63
C LEU B 789 -24.59 -17.76 25.90
N TYR B 790 -25.65 -18.11 26.64
CA TYR B 790 -26.93 -18.30 25.98
C TYR B 790 -27.51 -16.99 25.50
N THR B 791 -27.45 -15.96 26.34
CA THR B 791 -27.87 -14.63 25.89
C THR B 791 -27.12 -14.22 24.63
N TRP B 792 -25.81 -14.48 24.60
CA TRP B 792 -25.00 -14.13 23.43
C TRP B 792 -25.48 -14.87 22.18
N VAL B 793 -25.67 -16.20 22.28
CA VAL B 793 -26.10 -16.97 21.13
C VAL B 793 -27.46 -16.50 20.64
N GLU B 794 -28.39 -16.25 21.57
CA GLU B 794 -29.70 -15.77 21.20
C GLU B 794 -29.63 -14.43 20.47
N TRP B 795 -28.78 -13.52 20.96
CA TRP B 795 -28.64 -12.24 20.31
C TRP B 795 -28.07 -12.39 18.90
N VAL B 796 -27.14 -13.34 18.71
CA VAL B 796 -26.61 -13.59 17.37
C VAL B 796 -27.72 -14.10 16.45
N LYS B 797 -28.55 -15.02 16.95
CA LYS B 797 -29.64 -15.53 16.13
C LYS B 797 -30.63 -14.42 15.77
N GLU B 798 -30.92 -13.55 16.74
CA GLU B 798 -31.78 -12.40 16.48
C GLU B 798 -31.19 -11.49 15.40
N MET B 799 -29.92 -11.13 15.52
CA MET B 799 -29.29 -10.26 14.54
C MET B 799 -29.30 -10.90 13.15
N VAL B 800 -29.08 -12.21 13.08
CA VAL B 800 -29.14 -12.89 11.79
C VAL B 800 -30.55 -12.83 11.22
N ALA B 801 -31.57 -13.03 12.05
CA ALA B 801 -32.95 -12.96 11.60
C ALA B 801 -33.28 -11.57 11.05
N ASN B 802 -33.03 -10.53 11.84
CA ASN B 802 -33.33 -9.15 11.47
C ASN B 802 -32.20 -8.49 10.69
N TRP B 803 -31.58 -9.22 9.74
CA TRP B 803 -30.50 -8.65 8.96
C TRP B 803 -30.96 -7.44 8.14
N ASP B 804 -32.09 -7.57 7.44
CA ASP B 804 -32.59 -6.48 6.61
C ASP B 804 -33.03 -5.28 7.45
N SER B 805 -33.47 -5.51 8.68
CA SER B 805 -34.02 -4.47 9.52
C SER B 805 -32.98 -3.59 10.18
N LEU B 806 -31.72 -3.68 9.77
CA LEU B 806 -30.64 -2.96 10.41
C LEU B 806 -30.13 -1.85 9.52
N ARG B 807 -29.61 -0.80 10.14
CA ARG B 807 -29.18 0.39 9.42
C ARG B 807 -28.02 0.05 8.48
N SER B 808 -27.99 0.74 7.34
CA SER B 808 -26.98 0.50 6.31
C SER B 808 -26.24 1.82 6.02
N GLY B 809 -25.43 1.79 4.97
CA GLY B 809 -24.73 2.97 4.53
C GLY B 809 -23.47 3.25 5.31
N PRO B 810 -23.19 4.54 5.53
CA PRO B 810 -21.97 4.92 6.27
C PRO B 810 -22.12 4.65 7.76
N ALA B 811 -21.12 3.97 8.34
CA ALA B 811 -21.05 3.78 9.79
C ALA B 811 -20.31 4.95 10.43
N SER B 812 -20.89 6.14 10.26
CA SER B 812 -20.23 7.39 10.62
C SER B 812 -20.79 8.04 11.86
N THR B 813 -21.91 7.55 12.40
CA THR B 813 -22.50 8.18 13.58
C THR B 813 -21.53 8.10 14.76
N PHE B 814 -21.76 8.97 15.74
CA PHE B 814 -20.90 9.04 16.91
C PHE B 814 -20.77 7.68 17.59
N ASN B 815 -21.90 7.03 17.88
CA ASN B 815 -21.85 5.73 18.52
C ASN B 815 -21.22 4.68 17.61
N ASP B 816 -21.41 4.80 16.29
CA ASP B 816 -20.72 3.92 15.36
C ASP B 816 -19.21 4.01 15.56
N ARG B 817 -18.68 5.24 15.63
CA ARG B 817 -17.24 5.41 15.74
C ARG B 817 -16.73 4.97 17.11
N VAL B 818 -17.48 5.28 18.18
CA VAL B 818 -17.11 4.83 19.51
C VAL B 818 -17.04 3.31 19.56
N PHE B 819 -18.07 2.64 19.03
CA PHE B 819 -18.13 1.19 19.06
C PHE B 819 -16.99 0.58 18.24
N ALA B 820 -16.68 1.17 17.07
CA ALA B 820 -15.56 0.67 16.29
C ALA B 820 -14.24 0.80 17.06
N SER B 821 -14.04 1.93 17.74
CA SER B 821 -12.81 2.12 18.51
C SER B 821 -12.71 1.15 19.68
N GLU B 822 -13.81 0.94 20.41
CA GLU B 822 -13.76 0.00 21.53
C GLU B 822 -13.58 -1.43 21.06
N LEU B 823 -14.17 -1.77 19.91
CA LEU B 823 -13.98 -3.09 19.34
C LEU B 823 -12.50 -3.33 19.00
N ASN B 824 -11.88 -2.36 18.31
CA ASN B 824 -10.47 -2.52 17.96
C ASN B 824 -9.59 -2.55 19.20
N ALA B 825 -9.90 -1.71 20.20
CA ALA B 825 -9.13 -1.72 21.43
C ALA B 825 -9.23 -3.06 22.14
N GLY B 826 -10.43 -3.65 22.16
CA GLY B 826 -10.59 -4.96 22.74
C GLY B 826 -9.79 -6.02 22.01
N ILE B 827 -9.77 -5.94 20.68
CA ILE B 827 -8.93 -6.86 19.91
C ILE B 827 -7.48 -6.76 20.36
N ILE B 828 -6.96 -5.54 20.43
CA ILE B 828 -5.55 -5.34 20.74
C ILE B 828 -5.22 -5.82 22.15
N LYS B 829 -6.04 -5.42 23.13
CA LYS B 829 -5.80 -5.82 24.52
C LYS B 829 -5.89 -7.33 24.68
N THR B 830 -6.85 -7.97 24.00
CA THR B 830 -7.01 -9.40 24.14
C THR B 830 -5.85 -10.14 23.48
N ASP B 831 -5.37 -9.63 22.34
CA ASP B 831 -4.20 -10.21 21.70
C ASP B 831 -3.02 -10.19 22.66
N GLN B 832 -2.79 -9.05 23.32
CA GLN B 832 -1.68 -8.94 24.26
C GLN B 832 -1.85 -9.87 25.45
N ASN B 833 -3.08 -10.04 25.95
CA ASN B 833 -3.28 -10.90 27.11
C ASN B 833 -3.10 -12.37 26.75
N TYR B 834 -3.58 -12.79 25.57
CA TYR B 834 -3.33 -14.15 25.10
C TYR B 834 -1.84 -14.41 24.92
N GLU B 835 -1.12 -13.45 24.34
CA GLU B 835 0.31 -13.59 24.16
C GLU B 835 0.99 -13.90 25.49
N LYS B 836 0.63 -13.19 26.55
CA LYS B 836 1.21 -13.37 27.87
C LYS B 836 0.61 -14.53 28.65
N MET B 837 -0.29 -15.31 28.03
CA MET B 837 -0.96 -16.43 28.67
C MET B 837 -1.62 -16.02 29.99
N MET B 838 -2.13 -14.79 30.02
CA MET B 838 -2.94 -14.30 31.14
C MET B 838 -4.40 -14.51 30.71
N PHE B 839 -4.86 -15.75 30.85
CA PHE B 839 -6.14 -16.13 30.25
C PHE B 839 -7.32 -15.45 30.94
N LYS B 840 -7.23 -15.22 32.24
CA LYS B 840 -8.28 -14.47 32.93
C LYS B 840 -8.42 -13.07 32.38
N GLU B 841 -7.29 -12.38 32.13
CA GLU B 841 -7.36 -11.04 31.58
C GLU B 841 -7.84 -11.05 30.14
N ALA B 842 -7.51 -12.09 29.38
CA ALA B 842 -8.02 -12.20 28.02
C ALA B 842 -9.52 -12.44 28.01
N LEU B 843 -10.04 -13.18 28.99
CA LEU B 843 -11.48 -13.34 29.09
C LEU B 843 -12.13 -12.03 29.50
N LYS B 844 -11.47 -11.25 30.37
CA LYS B 844 -12.00 -9.97 30.79
C LYS B 844 -12.08 -8.99 29.62
N THR B 845 -10.98 -8.83 28.87
CA THR B 845 -10.95 -7.83 27.80
C THR B 845 -11.64 -8.31 26.54
N GLY B 846 -11.62 -9.62 26.27
CA GLY B 846 -12.17 -10.15 25.04
C GLY B 846 -13.58 -10.70 25.14
N PHE B 847 -14.16 -10.71 26.34
CA PHE B 847 -15.55 -11.17 26.42
C PHE B 847 -16.38 -10.23 27.29
N PHE B 848 -16.02 -10.07 28.56
CA PHE B 848 -16.85 -9.29 29.46
C PHE B 848 -16.87 -7.81 29.07
N GLU B 849 -15.70 -7.20 28.91
CA GLU B 849 -15.65 -5.81 28.46
C GLU B 849 -16.04 -5.68 27.00
N PHE B 850 -15.76 -6.71 26.20
CA PHE B 850 -16.22 -6.71 24.82
C PHE B 850 -17.75 -6.67 24.75
N GLN B 851 -18.41 -7.54 25.52
CA GLN B 851 -19.86 -7.52 25.60
C GLN B 851 -20.37 -6.20 26.15
N ALA B 852 -19.66 -5.62 27.12
CA ALA B 852 -20.07 -4.32 27.65
C ALA B 852 -20.06 -3.25 26.57
N ALA B 853 -19.07 -3.30 25.68
CA ALA B 853 -19.03 -2.35 24.58
C ALA B 853 -20.22 -2.56 23.64
N LYS B 854 -20.51 -3.81 23.30
CA LYS B 854 -21.67 -4.09 22.46
C LYS B 854 -22.97 -3.60 23.11
N ASP B 855 -23.09 -3.78 24.43
CA ASP B 855 -24.31 -3.41 25.12
C ASP B 855 -24.46 -1.89 25.20
N LYS B 856 -23.35 -1.18 25.41
CA LYS B 856 -23.41 0.28 25.36
C LYS B 856 -23.76 0.77 23.97
N TYR B 857 -23.24 0.12 22.94
CA TYR B 857 -23.59 0.49 21.57
C TYR B 857 -25.08 0.29 21.31
N ARG B 858 -25.61 -0.85 21.75
CA ARG B 858 -27.04 -1.11 21.54
C ARG B 858 -27.90 -0.14 22.34
N GLU B 859 -27.49 0.19 23.56
CA GLU B 859 -28.24 1.17 24.35
C GLU B 859 -28.27 2.52 23.64
N LEU B 860 -27.10 3.03 23.24
CA LEU B 860 -27.03 4.38 22.71
C LEU B 860 -27.40 4.47 21.24
N ALA B 861 -27.46 3.35 20.53
CA ALA B 861 -27.84 3.39 19.12
C ALA B 861 -29.29 3.80 18.97
N VAL B 862 -29.57 5.08 19.20
CA VAL B 862 -30.95 5.57 19.16
C VAL B 862 -31.51 5.52 17.74
N GLU B 863 -30.66 5.53 16.72
CA GLU B 863 -31.10 5.41 15.34
C GLU B 863 -30.88 4.01 14.78
N GLY B 864 -30.80 3.00 15.65
CA GLY B 864 -30.58 1.62 15.22
C GLY B 864 -29.11 1.27 15.02
N MET B 865 -28.76 0.01 15.25
CA MET B 865 -27.38 -0.41 15.12
C MET B 865 -27.00 -0.62 13.66
N HIS B 866 -25.81 -0.17 13.30
CA HIS B 866 -25.32 -0.37 11.94
C HIS B 866 -25.05 -1.85 11.68
N ARG B 867 -25.38 -2.30 10.46
CA ARG B 867 -25.34 -3.73 10.16
C ARG B 867 -23.90 -4.25 10.10
N GLU B 868 -23.03 -3.53 9.39
CA GLU B 868 -21.66 -3.98 9.24
C GLU B 868 -20.94 -3.99 10.58
N LEU B 869 -21.20 -2.99 11.43
CA LEU B 869 -20.61 -2.99 12.76
C LEU B 869 -21.08 -4.19 13.58
N VAL B 870 -22.37 -4.49 13.54
CA VAL B 870 -22.92 -5.62 14.29
C VAL B 870 -22.28 -6.92 13.84
N PHE B 871 -22.16 -7.13 12.53
CA PHE B 871 -21.65 -8.42 12.11
C PHE B 871 -20.13 -8.51 12.22
N ARG B 872 -19.42 -7.38 12.10
CA ARG B 872 -18.02 -7.38 12.46
C ARG B 872 -17.84 -7.74 13.92
N PHE B 873 -18.67 -7.18 14.80
CA PHE B 873 -18.57 -7.51 16.21
C PHE B 873 -18.82 -8.99 16.45
N ILE B 874 -19.83 -9.55 15.79
CA ILE B 874 -20.15 -10.97 16.01
C ILE B 874 -19.00 -11.85 15.56
N GLU B 875 -18.47 -11.59 14.35
CA GLU B 875 -17.32 -12.34 13.86
C GLU B 875 -16.13 -12.23 14.81
N VAL B 876 -15.78 -10.99 15.18
CA VAL B 876 -14.58 -10.75 15.99
C VAL B 876 -14.74 -11.33 17.39
N GLN B 877 -15.89 -11.10 18.02
CA GLN B 877 -16.15 -11.67 19.35
C GLN B 877 -16.06 -13.19 19.32
N THR B 878 -16.62 -13.81 18.28
CA THR B 878 -16.53 -15.26 18.16
C THR B 878 -15.08 -15.71 18.06
N LEU B 879 -14.27 -14.97 17.30
CA LEU B 879 -12.86 -15.33 17.20
C LEU B 879 -12.13 -15.14 18.52
N LEU B 880 -12.42 -14.06 19.25
CA LEU B 880 -11.74 -13.81 20.52
C LEU B 880 -12.11 -14.84 21.57
N LEU B 881 -13.34 -15.35 21.55
CA LEU B 881 -13.78 -16.31 22.55
C LEU B 881 -13.50 -17.75 22.14
N ALA B 882 -13.20 -18.00 20.87
CA ALA B 882 -13.03 -19.37 20.39
C ALA B 882 -11.97 -20.19 21.14
N PRO B 883 -10.84 -19.64 21.59
CA PRO B 883 -9.90 -20.49 22.35
C PRO B 883 -10.53 -21.06 23.61
N PHE B 884 -11.42 -20.32 24.27
CA PHE B 884 -12.08 -20.77 25.50
C PHE B 884 -13.32 -21.62 25.24
N CYS B 885 -14.12 -21.27 24.24
CA CYS B 885 -15.39 -21.93 23.97
C CYS B 885 -15.46 -22.31 22.50
N PRO B 886 -14.63 -23.28 22.07
CA PRO B 886 -14.58 -23.60 20.64
C PRO B 886 -15.87 -24.19 20.09
N HIS B 887 -16.66 -24.86 20.93
CA HIS B 887 -17.88 -25.49 20.44
C HIS B 887 -18.93 -24.43 20.09
N LEU B 888 -19.29 -23.60 21.07
CA LEU B 888 -20.23 -22.52 20.82
C LEU B 888 -19.76 -21.63 19.68
N CYS B 889 -18.46 -21.39 19.58
CA CYS B 889 -17.97 -20.48 18.55
C CYS B 889 -18.00 -21.12 17.17
N GLU B 890 -17.73 -22.42 17.07
CA GLU B 890 -17.91 -23.10 15.80
C GLU B 890 -19.38 -23.10 15.40
N HIS B 891 -20.27 -23.30 16.37
CA HIS B 891 -21.70 -23.27 16.12
C HIS B 891 -22.14 -21.91 15.59
N ILE B 892 -21.63 -20.84 16.20
CA ILE B 892 -21.98 -19.49 15.74
C ILE B 892 -21.39 -19.22 14.37
N TRP B 893 -20.15 -19.65 14.13
CA TRP B 893 -19.55 -19.59 12.80
C TRP B 893 -20.47 -20.22 11.76
N THR B 894 -20.96 -21.43 12.05
CA THR B 894 -21.89 -22.07 11.12
C THR B 894 -23.20 -21.31 11.02
N LEU B 895 -23.59 -20.59 12.07
CA LEU B 895 -24.79 -19.77 12.00
C LEU B 895 -24.61 -18.59 11.05
N LEU B 896 -23.41 -18.03 10.97
CA LEU B 896 -23.13 -16.91 10.08
C LEU B 896 -22.93 -17.35 8.63
N GLY B 897 -23.21 -18.61 8.30
CA GLY B 897 -23.09 -19.05 6.92
C GLY B 897 -21.66 -19.14 6.41
N LYS B 898 -20.68 -19.19 7.29
CA LYS B 898 -19.29 -19.26 6.87
C LYS B 898 -19.03 -20.57 6.12
N PRO B 899 -18.18 -20.54 5.08
CA PRO B 899 -17.95 -21.78 4.32
C PRO B 899 -17.08 -22.78 5.04
N ASP B 900 -16.09 -22.32 5.80
CA ASP B 900 -15.08 -23.17 6.43
C ASP B 900 -15.31 -23.26 7.93
N SER B 901 -14.63 -24.25 8.52
CA SER B 901 -14.60 -24.37 9.98
C SER B 901 -13.87 -23.19 10.60
N ILE B 902 -14.29 -22.81 11.81
CA ILE B 902 -13.61 -21.74 12.54
C ILE B 902 -12.19 -22.12 12.90
N MET B 903 -11.88 -23.43 12.92
CA MET B 903 -10.52 -23.89 13.13
C MET B 903 -9.58 -23.51 11.99
N ASN B 904 -10.10 -22.86 10.95
CA ASN B 904 -9.26 -22.34 9.87
C ASN B 904 -9.26 -20.82 9.81
N ALA B 905 -9.94 -20.16 10.74
CA ALA B 905 -9.99 -18.70 10.73
C ALA B 905 -8.66 -18.12 11.14
N SER B 906 -8.57 -16.79 11.05
CA SER B 906 -7.37 -16.05 11.41
C SER B 906 -7.72 -15.05 12.51
N TRP B 907 -6.70 -14.70 13.28
CA TRP B 907 -6.87 -13.68 14.30
C TRP B 907 -7.42 -12.40 13.66
N PRO B 908 -8.38 -11.73 14.29
CA PRO B 908 -8.95 -10.53 13.67
C PRO B 908 -7.94 -9.40 13.57
N VAL B 909 -8.03 -8.63 12.50
CA VAL B 909 -7.16 -7.48 12.28
C VAL B 909 -7.83 -6.25 12.88
N ALA B 910 -7.17 -5.63 13.86
CA ALA B 910 -7.70 -4.45 14.51
C ALA B 910 -7.50 -3.22 13.62
N GLY B 911 -8.53 -2.37 13.59
CA GLY B 911 -8.43 -1.08 12.94
C GLY B 911 -7.97 -0.02 13.91
N PRO B 912 -8.20 1.25 13.57
CA PRO B 912 -7.73 2.34 14.41
C PRO B 912 -8.49 2.44 15.72
N VAL B 913 -7.82 3.00 16.73
CA VAL B 913 -8.39 3.21 18.05
C VAL B 913 -8.26 4.69 18.38
N ASN B 914 -9.39 5.37 18.53
CA ASN B 914 -9.42 6.79 18.86
C ASN B 914 -9.65 6.92 20.36
N GLU B 915 -8.57 7.09 21.12
CA GLU B 915 -8.67 7.10 22.58
C GLU B 915 -9.49 8.31 23.07
N VAL B 916 -9.40 9.44 22.38
CA VAL B 916 -10.16 10.61 22.78
C VAL B 916 -11.66 10.35 22.61
N LEU B 917 -12.03 9.62 21.56
CA LEU B 917 -13.43 9.25 21.35
C LEU B 917 -13.93 8.36 22.48
N ILE B 918 -13.08 7.45 22.95
CA ILE B 918 -13.47 6.54 24.03
C ILE B 918 -13.61 7.32 25.34
N HIS B 919 -12.67 8.23 25.61
CA HIS B 919 -12.81 9.10 26.77
C HIS B 919 -14.11 9.89 26.72
N SER B 920 -14.49 10.37 25.53
CA SER B 920 -15.71 11.16 25.41
C SER B 920 -16.94 10.30 25.67
N SER B 921 -16.94 9.05 25.19
CA SER B 921 -18.05 8.16 25.50
C SER B 921 -18.14 7.87 26.99
N GLN B 922 -16.98 7.68 27.65
CA GLN B 922 -16.99 7.46 29.10
C GLN B 922 -17.54 8.68 29.83
N TYR B 923 -17.17 9.88 29.38
CA TYR B 923 -17.74 11.09 29.94
C TYR B 923 -19.25 11.11 29.78
N LEU B 924 -19.74 10.78 28.58
CA LEU B 924 -21.18 10.78 28.33
C LEU B 924 -21.89 9.81 29.26
N MET B 925 -21.32 8.63 29.48
CA MET B 925 -21.96 7.65 30.36
C MET B 925 -21.95 8.13 31.81
N GLU B 926 -20.85 8.73 32.25
CA GLU B 926 -20.81 9.30 33.60
C GLU B 926 -21.85 10.39 33.78
N VAL B 927 -22.01 11.25 32.77
CA VAL B 927 -23.01 12.31 32.84
C VAL B 927 -24.41 11.72 32.90
N THR B 928 -24.66 10.66 32.13
CA THR B 928 -25.96 10.01 32.18
C THR B 928 -26.25 9.42 33.56
N HIS B 929 -25.26 8.77 34.16
CA HIS B 929 -25.43 8.23 35.50
C HIS B 929 -25.70 9.34 36.51
N ASP B 930 -24.99 10.47 36.39
CA ASP B 930 -25.22 11.58 37.30
C ASP B 930 -26.62 12.15 37.14
N LEU B 931 -27.11 12.26 35.90
CA LEU B 931 -28.45 12.78 35.68
C LEU B 931 -29.51 11.84 36.23
N ARG B 932 -29.31 10.53 36.07
CA ARG B 932 -30.26 9.57 36.62
C ARG B 932 -30.27 9.63 38.14
N LEU B 933 -29.12 9.85 38.76
CA LEU B 933 -29.08 10.01 40.21
C LEU B 933 -29.81 11.28 40.65
N ARG B 934 -29.53 12.41 39.97
CA ARG B 934 -30.06 13.70 40.42
C ARG B 934 -31.55 13.82 40.16
N LEU B 935 -32.06 13.17 39.11
CA LEU B 935 -33.50 13.26 38.84
C LEU B 935 -34.31 12.50 39.86
N LYS B 936 -33.79 11.39 40.40
CA LYS B 936 -34.48 10.69 41.48
C LYS B 936 -34.21 11.29 42.84
N ASN B 937 -33.11 12.03 43.00
CA ASN B 937 -32.92 12.87 44.17
C ASN B 937 -33.77 14.15 44.10
N TYR B 938 -34.41 14.39 42.95
CA TYR B 938 -35.17 15.61 42.71
C TYR B 938 -36.64 15.47 43.08
N MET B 939 -37.16 14.25 43.17
CA MET B 939 -38.58 13.99 43.37
C MET B 939 -38.86 13.34 44.72
N MET B 940 -38.22 13.83 45.77
CA MET B 940 -38.42 13.27 47.10
C MET B 940 -37.97 14.24 48.20
N PRO B 955 -41.78 16.74 36.13
CA PRO B 955 -40.67 17.47 35.50
C PRO B 955 -40.44 17.03 34.06
N SER B 956 -40.23 17.98 33.15
CA SER B 956 -40.04 17.62 31.76
C SER B 956 -39.06 18.53 31.02
N HIS B 957 -38.57 19.60 31.64
CA HIS B 957 -37.55 20.46 31.03
C HIS B 957 -36.33 20.46 31.92
N CYS B 958 -35.19 20.02 31.37
CA CYS B 958 -33.92 20.02 32.06
C CYS B 958 -32.89 20.77 31.23
N THR B 959 -31.98 21.45 31.92
CA THR B 959 -30.95 22.26 31.28
C THR B 959 -29.59 21.85 31.82
N ILE B 960 -28.65 21.62 30.90
CA ILE B 960 -27.30 21.14 31.23
C ILE B 960 -26.31 22.26 30.91
N TYR B 961 -25.44 22.57 31.87
CA TYR B 961 -24.45 23.63 31.73
C TYR B 961 -23.05 23.03 31.63
N VAL B 962 -22.33 23.39 30.57
CA VAL B 962 -21.00 22.88 30.28
C VAL B 962 -20.01 24.03 30.36
N ALA B 963 -19.01 23.89 31.22
CA ALA B 963 -17.99 24.91 31.39
C ALA B 963 -16.86 24.70 30.39
N LYS B 964 -16.49 25.76 29.67
CA LYS B 964 -15.39 25.66 28.73
C LYS B 964 -14.05 25.51 29.45
N ASN B 965 -13.88 26.24 30.56
CA ASN B 965 -12.64 26.22 31.30
C ASN B 965 -12.95 26.15 32.79
N TYR B 966 -11.91 25.95 33.59
CA TYR B 966 -12.04 25.99 35.04
C TYR B 966 -12.18 27.43 35.50
N PRO B 967 -13.16 27.74 36.33
CA PRO B 967 -13.21 29.06 36.97
C PRO B 967 -11.94 29.33 37.75
N PRO B 968 -11.61 30.60 38.02
CA PRO B 968 -10.24 30.93 38.44
C PRO B 968 -9.74 30.19 39.68
N TRP B 969 -10.55 30.04 40.73
CA TRP B 969 -10.01 29.42 41.94
C TRP B 969 -9.79 27.92 41.73
N GLN B 970 -10.71 27.25 41.03
CA GLN B 970 -10.50 25.85 40.70
C GLN B 970 -9.31 25.67 39.77
N HIS B 971 -9.13 26.59 38.82
CA HIS B 971 -7.96 26.54 37.95
C HIS B 971 -6.67 26.70 38.76
N THR B 972 -6.69 27.58 39.76
CA THR B 972 -5.50 27.78 40.58
C THR B 972 -5.18 26.52 41.40
N THR B 973 -6.20 25.92 42.02
CA THR B 973 -5.94 24.72 42.81
C THR B 973 -5.47 23.57 41.92
N LEU B 974 -6.06 23.43 40.73
CA LEU B 974 -5.61 22.40 39.80
C LEU B 974 -4.19 22.67 39.33
N SER B 975 -3.80 23.95 39.23
CA SER B 975 -2.42 24.26 38.87
C SER B 975 -1.46 23.89 39.98
N VAL B 976 -1.86 24.10 41.23
CA VAL B 976 -1.03 23.64 42.36
C VAL B 976 -0.88 22.12 42.31
N LEU B 977 -1.99 21.41 42.07
CA LEU B 977 -1.93 19.96 41.99
C LEU B 977 -1.04 19.51 40.84
N ARG B 978 -1.09 20.19 39.70
CA ARG B 978 -0.23 19.85 38.57
C ARG B 978 1.23 20.09 38.90
N LYS B 979 1.53 21.19 39.58
CA LYS B 979 2.90 21.46 40.02
C LYS B 979 3.42 20.31 40.88
N HIS B 980 2.63 19.89 41.87
CA HIS B 980 3.09 18.84 42.77
C HIS B 980 3.13 17.48 42.09
N PHE B 981 2.24 17.24 41.12
CA PHE B 981 2.27 15.98 40.37
C PHE B 981 3.51 15.92 39.49
N GLU B 982 3.91 17.05 38.90
CA GLU B 982 5.13 17.08 38.10
C GLU B 982 6.38 16.99 38.96
N ALA B 983 6.32 17.50 40.19
CA ALA B 983 7.48 17.44 41.08
C ALA B 983 7.64 16.04 41.67
N ASN B 984 6.67 15.60 42.47
CA ASN B 984 6.69 14.31 43.19
C ASN B 984 6.69 13.09 42.27
N ASN B 985 6.76 13.27 40.95
CA ASN B 985 6.84 12.18 39.97
C ASN B 985 5.61 11.26 40.09
N GLY B 986 4.48 11.82 39.64
CA GLY B 986 3.23 11.09 39.60
C GLY B 986 2.42 11.08 40.89
N LYS B 987 2.93 11.66 41.97
CA LYS B 987 2.31 11.58 43.28
C LYS B 987 1.77 12.94 43.71
N LEU B 988 0.71 12.90 44.55
CA LEU B 988 0.13 14.08 45.17
C LEU B 988 0.34 14.06 46.68
N PRO B 989 0.73 15.18 47.29
CA PRO B 989 1.04 15.16 48.72
C PRO B 989 -0.18 15.02 49.61
N ASP B 990 0.03 15.18 50.91
CA ASP B 990 -1.03 14.98 51.88
C ASP B 990 -2.02 16.14 51.85
N ASN B 991 -3.28 15.83 52.14
CA ASN B 991 -4.31 16.85 52.20
C ASN B 991 -3.96 17.97 53.19
N LYS B 992 -3.17 17.65 54.22
CA LYS B 992 -2.70 18.70 55.13
C LYS B 992 -1.75 19.65 54.41
N VAL B 993 -0.78 19.12 53.67
CA VAL B 993 0.16 19.95 52.92
C VAL B 993 -0.58 20.81 51.89
N ILE B 994 -1.54 20.18 51.19
CA ILE B 994 -2.30 20.90 50.17
C ILE B 994 -3.10 22.03 50.81
N ALA B 995 -3.81 21.73 51.90
CA ALA B 995 -4.60 22.75 52.58
C ALA B 995 -3.72 23.87 53.09
N SER B 996 -2.52 23.54 53.57
CA SER B 996 -1.60 24.58 54.03
C SER B 996 -1.20 25.50 52.89
N GLU B 997 -0.74 24.91 51.77
CA GLU B 997 -0.31 25.73 50.64
C GLU B 997 -1.45 26.61 50.12
N LEU B 998 -2.66 26.07 50.08
CA LEU B 998 -3.78 26.84 49.56
C LEU B 998 -4.23 27.91 50.55
N GLY B 999 -4.11 27.65 51.85
CA GLY B 999 -4.34 28.71 52.83
C GLY B 999 -3.29 29.80 52.79
N SER B 1000 -2.08 29.49 52.29
CA SER B 1000 -1.05 30.50 52.16
C SER B 1000 -1.28 31.43 50.97
N MET B 1001 -2.12 31.03 50.01
CA MET B 1001 -2.35 31.84 48.82
C MET B 1001 -3.49 32.81 49.06
N PRO B 1002 -3.25 34.12 49.03
CA PRO B 1002 -4.28 35.08 49.46
C PRO B 1002 -5.53 35.06 48.61
N GLU B 1003 -5.45 34.57 47.37
CA GLU B 1003 -6.61 34.62 46.48
C GLU B 1003 -7.70 33.64 46.86
N LEU B 1004 -7.41 32.66 47.71
CA LEU B 1004 -8.34 31.58 48.03
C LEU B 1004 -9.09 31.81 49.34
N LYS B 1005 -9.03 33.03 49.89
CA LYS B 1005 -9.64 33.32 51.19
C LYS B 1005 -11.11 32.91 51.22
N LYS B 1006 -11.92 33.52 50.34
CA LYS B 1006 -13.36 33.26 50.31
C LYS B 1006 -13.70 31.88 49.77
N TYR B 1007 -12.71 31.02 49.49
CA TYR B 1007 -12.98 29.71 48.91
C TYR B 1007 -12.35 28.57 49.71
N MET B 1008 -11.90 28.83 50.93
CA MET B 1008 -11.18 27.81 51.68
C MET B 1008 -12.07 26.70 52.20
N LYS B 1009 -13.40 26.86 52.17
CA LYS B 1009 -14.29 25.76 52.53
C LYS B 1009 -14.74 24.94 51.34
N LYS B 1010 -14.62 25.49 50.12
CA LYS B 1010 -14.96 24.78 48.90
C LYS B 1010 -13.75 24.20 48.21
N VAL B 1011 -12.55 24.44 48.72
CA VAL B 1011 -11.34 24.12 47.98
C VAL B 1011 -10.94 22.65 48.16
N MET B 1012 -11.08 22.11 49.37
CA MET B 1012 -10.63 20.75 49.64
C MET B 1012 -11.56 19.68 49.07
N PRO B 1013 -12.88 19.86 49.09
CA PRO B 1013 -13.74 18.95 48.32
C PRO B 1013 -13.34 18.85 46.85
N PHE B 1014 -12.87 19.94 46.25
CA PHE B 1014 -12.40 19.91 44.87
C PHE B 1014 -11.17 19.03 44.74
N VAL B 1015 -10.20 19.18 45.63
CA VAL B 1015 -9.00 18.35 45.60
C VAL B 1015 -9.37 16.88 45.82
N ALA B 1016 -10.37 16.63 46.65
CA ALA B 1016 -10.82 15.26 46.89
C ALA B 1016 -11.42 14.65 45.63
N MET B 1017 -12.30 15.40 44.96
CA MET B 1017 -12.86 14.94 43.69
C MET B 1017 -11.75 14.70 42.67
N ILE B 1018 -10.74 15.57 42.64
CA ILE B 1018 -9.63 15.39 41.70
C ILE B 1018 -8.87 14.12 42.01
N LYS B 1019 -8.59 13.85 43.28
CA LYS B 1019 -7.84 12.65 43.64
C LYS B 1019 -8.63 11.38 43.35
N GLU B 1020 -9.93 11.41 43.62
CA GLU B 1020 -10.78 10.25 43.33
C GLU B 1020 -10.80 9.95 41.84
N ASN B 1021 -11.00 10.99 41.01
CA ASN B 1021 -10.98 10.78 39.56
C ASN B 1021 -9.59 10.38 39.07
N LEU B 1022 -8.53 10.91 39.69
CA LEU B 1022 -7.17 10.50 39.34
C LEU B 1022 -6.98 9.02 39.56
N GLU B 1023 -7.47 8.51 40.69
CA GLU B 1023 -7.45 7.07 40.92
C GLU B 1023 -8.29 6.34 39.89
N LYS B 1024 -9.41 6.95 39.46
CA LYS B 1024 -10.29 6.28 38.51
C LYS B 1024 -9.66 6.17 37.13
N MET B 1025 -9.35 7.30 36.50
CA MET B 1025 -9.02 7.30 35.07
C MET B 1025 -7.70 8.02 34.78
N GLY B 1026 -6.68 7.77 35.59
CA GLY B 1026 -5.34 8.20 35.28
C GLY B 1026 -5.14 9.70 35.38
N PRO B 1027 -4.05 10.19 34.80
CA PRO B 1027 -3.66 11.59 35.00
C PRO B 1027 -4.32 12.60 34.06
N ARG B 1028 -5.15 12.16 33.10
CA ARG B 1028 -5.83 13.15 32.26
C ARG B 1028 -6.84 13.98 33.03
N ILE B 1029 -7.12 13.64 34.29
CA ILE B 1029 -7.93 14.49 35.14
C ILE B 1029 -7.21 15.80 35.42
N LEU B 1030 -5.88 15.82 35.33
CA LEU B 1030 -5.11 17.03 35.61
C LEU B 1030 -5.04 17.98 34.40
N ASP B 1031 -5.66 17.61 33.28
CA ASP B 1031 -5.64 18.47 32.11
C ASP B 1031 -6.48 19.71 32.35
N LEU B 1032 -5.96 20.86 31.93
CA LEU B 1032 -6.69 22.12 32.11
C LEU B 1032 -7.89 22.24 31.18
N GLN B 1033 -7.87 21.51 30.06
CA GLN B 1033 -9.00 21.50 29.13
C GLN B 1033 -9.22 20.08 28.63
N LEU B 1034 -10.47 19.73 28.41
CA LEU B 1034 -10.81 18.39 27.92
C LEU B 1034 -10.30 18.20 26.50
N GLU B 1035 -9.80 17.00 26.22
CA GLU B 1035 -9.33 16.66 24.87
C GLU B 1035 -10.45 16.67 23.84
N PHE B 1036 -11.70 16.56 24.28
CA PHE B 1036 -12.84 16.46 23.38
C PHE B 1036 -13.83 17.59 23.62
N ASP B 1037 -14.70 17.82 22.64
CA ASP B 1037 -15.70 18.88 22.71
C ASP B 1037 -16.83 18.41 23.62
N GLU B 1038 -16.85 18.93 24.85
CA GLU B 1038 -17.83 18.48 25.84
C GLU B 1038 -19.25 18.78 25.38
N LYS B 1039 -19.49 20.01 24.96
CA LYS B 1039 -20.82 20.39 24.49
C LYS B 1039 -21.25 19.56 23.30
N ALA B 1040 -20.35 19.35 22.34
CA ALA B 1040 -20.69 18.55 21.17
C ALA B 1040 -20.97 17.10 21.57
N VAL B 1041 -20.23 16.57 22.53
CA VAL B 1041 -20.49 15.21 23.02
C VAL B 1041 -21.90 15.11 23.56
N LEU B 1042 -22.26 16.00 24.49
CA LEU B 1042 -23.61 15.96 25.05
C LEU B 1042 -24.67 16.24 23.99
N MET B 1043 -24.32 17.04 22.98
CA MET B 1043 -25.28 17.39 21.94
C MET B 1043 -25.58 16.18 21.04
N GLU B 1044 -24.55 15.41 20.71
CA GLU B 1044 -24.71 14.28 19.81
C GLU B 1044 -25.70 13.24 20.32
N ASN B 1045 -26.03 13.26 21.61
CA ASN B 1045 -26.87 12.23 22.22
C ASN B 1045 -28.02 12.85 23.00
N ILE B 1046 -28.49 14.02 22.56
CA ILE B 1046 -29.62 14.67 23.24
C ILE B 1046 -30.87 13.82 23.11
N VAL B 1047 -31.05 13.15 21.97
CA VAL B 1047 -32.22 12.29 21.78
C VAL B 1047 -32.23 11.19 22.82
N TYR B 1048 -31.12 10.47 22.96
CA TYR B 1048 -31.04 9.41 23.94
C TYR B 1048 -31.23 9.95 25.35
N LEU B 1049 -30.61 11.10 25.66
CA LEU B 1049 -30.73 11.66 26.99
C LEU B 1049 -32.18 11.98 27.32
N THR B 1050 -32.87 12.66 26.41
CA THR B 1050 -34.27 13.02 26.64
C THR B 1050 -35.14 11.77 26.79
N ASN B 1051 -34.96 10.78 25.90
CA ASN B 1051 -35.81 9.60 25.96
C ASN B 1051 -35.57 8.81 27.24
N SER B 1052 -34.31 8.58 27.59
CA SER B 1052 -34.00 7.80 28.78
C SER B 1052 -34.32 8.56 30.07
N LEU B 1053 -34.39 9.89 30.02
CA LEU B 1053 -34.77 10.66 31.20
C LEU B 1053 -36.25 11.00 31.23
N GLU B 1054 -37.00 10.72 30.15
CA GLU B 1054 -38.42 11.02 30.04
C GLU B 1054 -38.67 12.53 30.23
N LEU B 1055 -38.15 13.29 29.27
CA LEU B 1055 -38.24 14.73 29.28
C LEU B 1055 -38.73 15.23 27.93
N GLU B 1056 -39.41 16.38 27.94
CA GLU B 1056 -39.85 16.96 26.68
C GLU B 1056 -38.70 17.63 25.95
N HIS B 1057 -37.77 18.25 26.68
CA HIS B 1057 -36.67 18.96 26.05
C HIS B 1057 -35.47 18.97 26.98
N ILE B 1058 -34.28 19.05 26.38
CA ILE B 1058 -33.02 19.21 27.10
C ILE B 1058 -32.24 20.32 26.40
N GLU B 1059 -31.84 21.33 27.18
CA GLU B 1059 -31.06 22.45 26.66
C GLU B 1059 -29.65 22.38 27.20
N VAL B 1060 -28.67 22.55 26.32
CA VAL B 1060 -27.26 22.50 26.66
C VAL B 1060 -26.71 23.90 26.53
N LYS B 1061 -26.48 24.56 27.66
CA LYS B 1061 -25.91 25.91 27.70
C LYS B 1061 -24.41 25.84 27.98
N PHE B 1062 -23.74 26.95 27.70
CA PHE B 1062 -22.28 27.01 27.75
C PHE B 1062 -21.75 27.62 29.05
N ALA B 1063 -22.51 27.49 30.15
CA ALA B 1063 -22.10 27.93 31.48
C ALA B 1063 -21.90 29.45 31.59
N SER B 1064 -21.41 30.08 30.51
CA SER B 1064 -21.31 31.53 30.50
C SER B 1064 -22.69 32.19 30.56
N GLU B 1065 -23.71 31.48 30.09
CA GLU B 1065 -25.09 31.99 30.05
C GLU B 1065 -25.91 31.44 31.22
N ALA B 1066 -25.37 31.53 32.43
CA ALA B 1066 -26.01 30.92 33.59
C ALA B 1066 -25.95 31.89 34.76
N GLU B 1067 -26.56 31.48 35.87
CA GLU B 1067 -26.53 32.25 37.10
C GLU B 1067 -25.13 32.21 37.71
N ASP B 1068 -24.94 33.02 38.76
CA ASP B 1068 -23.61 33.16 39.34
C ASP B 1068 -23.13 31.87 39.99
N LYS B 1069 -24.03 31.12 40.62
CA LYS B 1069 -23.66 29.86 41.23
C LYS B 1069 -23.13 28.88 40.19
N ILE B 1070 -23.84 28.76 39.07
CA ILE B 1070 -23.40 27.87 38.00
C ILE B 1070 -22.11 28.37 37.38
N ARG B 1071 -22.02 29.68 37.11
CA ARG B 1071 -20.83 30.23 36.49
C ARG B 1071 -19.57 30.04 37.33
N GLU B 1072 -19.73 29.84 38.64
CA GLU B 1072 -18.58 29.77 39.54
C GLU B 1072 -18.39 28.41 40.17
N ASP B 1073 -19.30 27.46 39.95
CA ASP B 1073 -19.13 26.10 40.41
C ASP B 1073 -18.97 25.08 39.29
N CYS B 1074 -19.29 25.44 38.05
CA CYS B 1074 -19.24 24.49 36.94
C CYS B 1074 -17.82 24.40 36.40
N CYS B 1075 -17.31 23.17 36.28
CA CYS B 1075 -16.00 22.87 35.75
C CYS B 1075 -16.12 21.92 34.57
N PRO B 1076 -15.17 21.95 33.64
CA PRO B 1076 -15.24 21.03 32.48
C PRO B 1076 -15.26 19.58 32.94
N GLY B 1077 -16.02 18.76 32.21
CA GLY B 1077 -16.16 17.35 32.53
C GLY B 1077 -17.15 17.03 33.63
N LYS B 1078 -17.52 18.00 34.46
CA LYS B 1078 -18.48 17.81 35.53
C LYS B 1078 -19.61 18.83 35.35
N PRO B 1079 -20.44 18.64 34.33
CA PRO B 1079 -21.46 19.65 34.02
C PRO B 1079 -22.52 19.72 35.11
N LEU B 1080 -23.15 20.88 35.20
CA LEU B 1080 -24.23 21.13 36.15
C LEU B 1080 -25.57 21.14 35.41
N ASN B 1081 -26.62 20.73 36.11
CA ASN B 1081 -27.94 20.56 35.52
C ASN B 1081 -28.99 21.23 36.38
N VAL B 1082 -29.95 21.89 35.73
CA VAL B 1082 -31.09 22.51 36.38
C VAL B 1082 -32.36 21.92 35.80
N PHE B 1083 -33.17 21.30 36.66
CA PHE B 1083 -34.45 20.73 36.24
C PHE B 1083 -35.52 21.82 36.35
N ARG B 1084 -36.03 22.26 35.21
CA ARG B 1084 -37.03 23.33 35.18
C ARG B 1084 -38.36 22.85 35.72
#